data_3SOT
#
_entry.id   3SOT
#
_cell.length_a   90.471
_cell.length_b   123.339
_cell.length_c   189.524
_cell.angle_alpha   90.000
_cell.angle_beta   99.280
_cell.angle_gamma   90.000
#
_symmetry.space_group_name_H-M   'C 1 2 1'
#
loop_
_entity.id
_entity.type
_entity.pdbx_description
1 polymer 'Multidomain protein including DUF1735'
2 non-polymer 1,2-ETHANEDIOL
3 water water
#
_entity_poly.entity_id   1
_entity_poly.type   'polypeptide(L)'
_entity_poly.pdbx_seq_one_letter_code
;GNEWEDEQYEQYVSFKAPIASGSDGVTTIYVRYKDNGKVTYQLPIIVSGSTVNSQDRDIHIAVDKDTLKTLNIERFSLYR
PELWYTE(MSE)EEDKYEFPETVHIPAGSCVELLNIDFNLQDID(MSE)LEKWVLPLTIVDDGSYAYQSHPRKNYAKALL
KVVPFNNYSGSYTASS(MSE)KVYTYINGKPDTNARTTDKRTGYVVDNNSIFFYAGLINED(MSE)DKD(MSE)RKKYKI
NVHFKEDGTLD(MSE)KQDDPSNE(MSE)EFELIGTPTYSSTSV(MSE)DATRPYLERRYVQI(MSE)FEYDFQDFTYGG
SGTEVIPIKYRVAGS(MSE)TLLRNINTQIPDEDQQIEW
;
_entity_poly.pdbx_strand_id   A,B,C,D,E,F
#
# COMPACT_ATOMS: atom_id res chain seq x y z
N GLN A 11 -25.57 19.44 1.78
CA GLN A 11 -25.26 19.43 3.20
C GLN A 11 -24.49 18.16 3.62
N TYR A 12 -23.57 18.30 4.58
CA TYR A 12 -22.73 17.23 5.13
C TYR A 12 -23.14 16.96 6.59
N VAL A 13 -23.48 15.68 6.90
CA VAL A 13 -23.87 15.22 8.24
C VAL A 13 -22.63 14.60 8.93
N SER A 14 -22.27 15.10 10.13
CA SER A 14 -21.12 14.61 10.89
C SER A 14 -21.37 14.64 12.41
N PHE A 15 -20.36 14.14 13.18
CA PHE A 15 -20.35 14.13 14.64
C PHE A 15 -19.53 15.29 15.19
N LYS A 16 -19.90 15.83 16.36
CA LYS A 16 -19.12 16.93 16.89
C LYS A 16 -18.95 16.75 18.40
N ALA A 17 -17.80 16.18 18.82
CA ALA A 17 -17.47 15.99 20.23
C ALA A 17 -16.98 17.31 20.87
N PRO A 18 -17.08 17.49 22.22
CA PRO A 18 -16.70 18.78 22.85
C PRO A 18 -15.24 19.18 22.58
N ILE A 19 -14.30 18.20 22.51
CA ILE A 19 -12.90 18.46 22.20
C ILE A 19 -12.59 17.81 20.83
N ALA A 20 -11.65 18.42 20.08
CA ALA A 20 -11.21 17.90 18.78
C ALA A 20 -10.33 16.65 19.00
N SER A 21 -10.32 15.74 18.00
CA SER A 21 -9.57 14.47 18.02
C SER A 21 -8.03 14.68 18.09
N GLY A 22 -7.32 13.62 18.51
CA GLY A 22 -5.85 13.60 18.64
C GLY A 22 -5.10 13.49 17.32
N SER A 23 -3.77 13.22 17.39
CA SER A 23 -2.89 13.09 16.21
C SER A 23 -3.27 11.87 15.35
N ASP A 24 -3.77 10.80 16.02
CA ASP A 24 -4.21 9.53 15.47
C ASP A 24 -5.64 9.59 14.90
N GLY A 25 -6.49 10.40 15.55
CA GLY A 25 -7.88 10.55 15.15
C GLY A 25 -8.85 9.96 16.13
N VAL A 26 -8.36 9.69 17.36
CA VAL A 26 -9.17 9.18 18.45
C VAL A 26 -9.58 10.39 19.33
N THR A 27 -10.90 10.54 19.61
CA THR A 27 -11.47 11.59 20.47
C THR A 27 -11.68 11.05 21.88
N THR A 28 -11.07 11.69 22.90
CA THR A 28 -11.20 11.27 24.30
C THR A 28 -12.46 11.90 24.90
N ILE A 29 -13.30 11.05 25.48
CA ILE A 29 -14.53 11.48 26.15
C ILE A 29 -14.40 11.03 27.64
N TYR A 30 -14.76 11.92 28.56
CA TYR A 30 -14.68 11.63 29.98
C TYR A 30 -16.07 11.40 30.52
N VAL A 31 -16.32 10.17 31.02
CA VAL A 31 -17.63 9.78 31.56
C VAL A 31 -17.43 9.44 33.06
N ARG A 32 -18.26 9.98 33.94
CA ARG A 32 -18.12 9.73 35.37
C ARG A 32 -18.66 8.38 35.76
N TYR A 33 -17.92 7.67 36.67
CA TYR A 33 -18.36 6.42 37.26
C TYR A 33 -19.22 6.78 38.48
N LYS A 34 -20.55 6.52 38.41
CA LYS A 34 -21.51 6.87 39.48
C LYS A 34 -22.16 5.62 40.14
N ASP A 35 -23.48 5.66 40.43
CA ASP A 35 -24.24 4.58 41.06
C ASP A 35 -24.33 3.38 40.10
N ASN A 36 -23.56 2.32 40.44
CA ASN A 36 -23.41 1.06 39.69
C ASN A 36 -22.87 1.33 38.26
N GLY A 37 -22.20 2.48 38.10
CA GLY A 37 -21.54 2.93 36.88
C GLY A 37 -22.39 3.13 35.65
N LYS A 38 -23.67 3.48 35.84
CA LYS A 38 -24.55 3.77 34.72
C LYS A 38 -24.46 5.26 34.43
N VAL A 39 -23.95 5.63 33.23
CA VAL A 39 -23.77 7.03 32.82
C VAL A 39 -24.07 7.16 31.31
N THR A 40 -24.62 8.31 30.92
CA THR A 40 -24.99 8.62 29.55
C THR A 40 -24.11 9.73 29.01
N TYR A 41 -23.60 9.53 27.79
CA TYR A 41 -22.82 10.53 27.09
C TYR A 41 -23.64 11.04 25.92
N GLN A 42 -23.72 12.37 25.76
CA GLN A 42 -24.53 12.90 24.66
C GLN A 42 -23.64 13.41 23.54
N LEU A 43 -23.62 12.62 22.45
CA LEU A 43 -22.83 12.89 21.25
C LEU A 43 -23.66 13.65 20.24
N PRO A 44 -23.36 14.96 20.00
CA PRO A 44 -24.12 15.72 19.01
C PRO A 44 -23.87 15.26 17.57
N ILE A 45 -24.91 15.32 16.74
CA ILE A 45 -24.87 15.01 15.31
C ILE A 45 -25.31 16.29 14.60
N ILE A 46 -24.41 16.85 13.76
CA ILE A 46 -24.60 18.13 13.08
C ILE A 46 -24.79 17.97 11.58
N VAL A 47 -25.68 18.82 11.03
CA VAL A 47 -25.95 18.97 9.60
C VAL A 47 -25.31 20.30 9.20
N SER A 48 -24.07 20.27 8.68
CA SER A 48 -23.35 21.47 8.27
C SER A 48 -23.70 21.83 6.84
N GLY A 49 -23.71 23.12 6.55
CA GLY A 49 -24.05 23.63 5.22
C GLY A 49 -24.52 25.06 5.22
N SER A 50 -24.39 25.71 4.05
CA SER A 50 -24.76 27.10 3.79
C SER A 50 -26.29 27.32 3.87
N THR A 51 -27.09 26.32 3.41
CA THR A 51 -28.56 26.35 3.38
C THR A 51 -29.15 25.78 4.70
N VAL A 52 -30.45 26.05 4.95
CA VAL A 52 -31.23 25.56 6.09
C VAL A 52 -31.76 24.16 5.74
N ASN A 53 -31.73 23.21 6.69
CA ASN A 53 -32.17 21.83 6.46
C ASN A 53 -33.71 21.77 6.29
N SER A 54 -34.19 21.57 5.02
CA SER A 54 -35.62 21.52 4.67
C SER A 54 -36.12 20.05 4.53
N GLN A 55 -35.31 19.08 5.02
CA GLN A 55 -35.61 17.64 4.98
C GLN A 55 -35.71 17.00 6.37
N ASP A 56 -36.73 16.13 6.58
CA ASP A 56 -36.88 15.33 7.81
C ASP A 56 -35.96 14.13 7.65
N ARG A 57 -34.73 14.26 8.14
CA ARG A 57 -33.66 13.28 7.94
C ARG A 57 -33.59 12.25 9.08
N ASP A 58 -33.53 10.96 8.70
CA ASP A 58 -33.35 9.83 9.62
C ASP A 58 -31.95 9.30 9.44
N ILE A 59 -31.01 9.75 10.30
CA ILE A 59 -29.60 9.42 10.27
C ILE A 59 -29.42 8.04 10.94
N HIS A 60 -28.69 7.13 10.27
CA HIS A 60 -28.39 5.79 10.77
C HIS A 60 -26.92 5.72 11.25
N ILE A 61 -26.73 5.30 12.52
CA ILE A 61 -25.42 5.16 13.17
C ILE A 61 -25.15 3.67 13.41
N ALA A 62 -23.88 3.24 13.23
CA ALA A 62 -23.45 1.86 13.41
C ALA A 62 -22.03 1.79 13.97
N VAL A 63 -21.68 0.65 14.59
CA VAL A 63 -20.34 0.44 15.14
C VAL A 63 -19.41 0.04 13.96
N ASP A 64 -18.31 0.79 13.77
CA ASP A 64 -17.34 0.64 12.67
C ASP A 64 -16.05 -0.05 13.17
N LYS A 65 -16.12 -1.37 13.32
CA LYS A 65 -15.06 -2.27 13.77
C LYS A 65 -13.76 -2.08 12.90
N ASP A 66 -13.93 -1.99 11.56
CA ASP A 66 -12.86 -1.88 10.57
C ASP A 66 -12.02 -0.59 10.67
N THR A 67 -12.61 0.58 10.92
CA THR A 67 -11.83 1.84 10.98
C THR A 67 -10.85 1.79 12.16
N LEU A 68 -11.28 1.20 13.30
CA LEU A 68 -10.46 1.01 14.50
C LEU A 68 -9.29 0.07 14.21
N LYS A 69 -9.52 -1.07 13.49
CA LYS A 69 -8.49 -2.03 13.12
C LYS A 69 -7.45 -1.37 12.24
N THR A 70 -7.88 -0.57 11.25
CA THR A 70 -7.01 0.14 10.31
C THR A 70 -6.14 1.13 11.08
N LEU A 71 -6.73 1.86 12.06
CA LEU A 71 -5.96 2.82 12.88
C LEU A 71 -4.87 2.09 13.70
N ASN A 72 -5.27 1.02 14.39
CA ASN A 72 -4.36 0.24 15.21
C ASN A 72 -3.12 -0.20 14.40
N ILE A 73 -3.32 -0.68 13.17
CA ILE A 73 -2.25 -1.19 12.31
C ILE A 73 -1.42 -0.01 11.78
N GLU A 74 -2.08 1.08 11.40
CA GLU A 74 -1.41 2.26 10.83
C GLU A 74 -0.56 2.98 11.90
N ARG A 75 -1.06 3.06 13.13
CA ARG A 75 -0.37 3.79 14.19
C ARG A 75 0.65 2.91 14.91
N PHE A 76 0.23 1.74 15.45
CA PHE A 76 1.12 0.92 16.29
C PHE A 76 1.79 -0.25 15.52
N SER A 77 1.20 -0.70 14.38
CA SER A 77 1.63 -1.85 13.51
C SER A 77 1.16 -3.18 14.12
N LEU A 78 1.21 -4.26 13.33
CA LEU A 78 0.78 -5.59 13.77
C LEU A 78 1.72 -6.19 14.79
N TYR A 79 2.90 -5.60 14.96
CA TYR A 79 3.99 -6.13 15.78
C TYR A 79 3.99 -5.52 17.18
N ARG A 80 3.07 -4.56 17.48
CA ARG A 80 2.94 -3.98 18.81
C ARG A 80 1.44 -4.05 19.26
N PRO A 81 0.86 -5.26 19.44
CA PRO A 81 -0.56 -5.36 19.85
C PRO A 81 -0.86 -4.89 21.27
N GLU A 82 0.18 -4.78 22.12
CA GLU A 82 0.01 -4.33 23.51
C GLU A 82 -0.36 -2.85 23.56
N LEU A 83 -0.10 -2.11 22.45
CA LEU A 83 -0.37 -0.68 22.31
C LEU A 83 -1.72 -0.38 21.66
N TRP A 84 -2.38 -1.42 21.12
CA TRP A 84 -3.63 -1.34 20.40
C TRP A 84 -4.81 -0.96 21.25
N TYR A 85 -5.73 -0.21 20.61
CA TYR A 85 -7.04 0.14 21.17
C TYR A 85 -7.93 -1.07 21.10
N THR A 86 -8.84 -1.22 22.06
CA THR A 86 -9.73 -2.37 22.07
C THR A 86 -11.16 -1.88 21.83
N GLU A 87 -11.87 -2.57 20.94
CA GLU A 87 -13.26 -2.21 20.66
C GLU A 87 -14.06 -2.47 21.90
N GLU A 89 -16.84 -3.51 24.47
CA GLU A 89 -17.72 -4.67 24.65
C GLU A 89 -19.18 -4.23 24.47
N GLU A 90 -19.96 -4.99 23.69
CA GLU A 90 -21.37 -4.70 23.38
C GLU A 90 -22.26 -4.62 24.63
N ASP A 91 -21.89 -5.32 25.71
CA ASP A 91 -22.63 -5.36 26.97
C ASP A 91 -22.44 -4.05 27.80
N LYS A 92 -21.41 -3.23 27.48
CA LYS A 92 -21.07 -2.00 28.21
C LYS A 92 -21.69 -0.73 27.58
N TYR A 93 -22.33 -0.81 26.40
CA TYR A 93 -22.94 0.37 25.77
C TYR A 93 -24.22 0.02 24.98
N GLU A 94 -25.06 1.07 24.80
CA GLU A 94 -26.33 1.11 24.07
CA GLU A 94 -26.34 1.12 24.07
C GLU A 94 -26.53 2.50 23.46
N PHE A 95 -26.93 2.57 22.18
CA PHE A 95 -27.21 3.84 21.52
C PHE A 95 -28.28 3.60 20.44
N PRO A 96 -29.21 4.56 20.18
CA PRO A 96 -30.22 4.34 19.14
C PRO A 96 -29.58 4.20 17.75
N GLU A 97 -30.01 3.17 16.98
CA GLU A 97 -29.54 2.87 15.64
C GLU A 97 -29.87 4.05 14.70
N THR A 98 -31.04 4.67 14.88
CA THR A 98 -31.51 5.81 14.08
C THR A 98 -31.69 7.05 14.95
N VAL A 99 -31.22 8.19 14.44
CA VAL A 99 -31.36 9.52 15.03
C VAL A 99 -32.22 10.35 14.06
N HIS A 100 -33.28 10.98 14.55
CA HIS A 100 -34.16 11.79 13.70
C HIS A 100 -33.88 13.28 13.90
N ILE A 101 -33.50 13.95 12.80
CA ILE A 101 -33.31 15.40 12.74
C ILE A 101 -34.49 15.93 11.89
N PRO A 102 -35.50 16.59 12.51
CA PRO A 102 -36.65 17.07 11.72
C PRO A 102 -36.27 18.23 10.80
N ALA A 103 -37.09 18.49 9.77
CA ALA A 103 -36.87 19.62 8.86
C ALA A 103 -36.92 20.94 9.65
N GLY A 104 -35.84 21.72 9.56
CA GLY A 104 -35.69 22.99 10.24
C GLY A 104 -34.47 22.97 11.15
N SER A 105 -34.26 21.83 11.83
CA SER A 105 -33.16 21.60 12.76
C SER A 105 -31.90 21.12 12.02
N CYS A 106 -30.74 21.31 12.65
CA CYS A 106 -29.45 20.94 12.10
C CYS A 106 -28.58 20.26 13.17
N VAL A 107 -29.13 20.07 14.38
CA VAL A 107 -28.43 19.45 15.51
C VAL A 107 -29.40 18.55 16.30
N GLU A 108 -28.92 17.35 16.63
CA GLU A 108 -29.63 16.39 17.47
C GLU A 108 -28.57 15.63 18.23
N LEU A 109 -28.92 14.97 19.34
CA LEU A 109 -27.95 14.27 20.18
C LEU A 109 -28.14 12.77 20.17
N LEU A 110 -27.03 12.05 20.05
CA LEU A 110 -26.97 10.60 20.15
C LEU A 110 -26.73 10.26 21.62
N ASN A 111 -27.73 9.68 22.28
CA ASN A 111 -27.59 9.32 23.68
C ASN A 111 -26.92 7.97 23.78
N ILE A 112 -25.63 7.97 24.18
CA ILE A 112 -24.84 6.75 24.37
C ILE A 112 -24.91 6.39 25.85
N ASP A 113 -25.65 5.32 26.16
CA ASP A 113 -25.84 4.88 27.54
C ASP A 113 -24.81 3.82 27.86
N PHE A 114 -23.92 4.13 28.80
CA PHE A 114 -22.88 3.21 29.22
C PHE A 114 -23.25 2.54 30.53
N ASN A 115 -22.85 1.27 30.67
CA ASN A 115 -22.90 0.46 31.87
C ASN A 115 -21.48 0.06 32.15
N LEU A 116 -20.79 0.86 32.97
CA LEU A 116 -19.37 0.68 33.20
C LEU A 116 -19.06 -0.23 34.39
N GLN A 117 -20.07 -0.83 35.03
CA GLN A 117 -19.83 -1.72 36.17
C GLN A 117 -18.87 -2.85 35.77
N ASP A 118 -17.77 -3.00 36.55
CA ASP A 118 -16.70 -4.01 36.44
C ASP A 118 -15.92 -3.88 35.11
N ILE A 119 -15.76 -2.68 34.56
CA ILE A 119 -14.99 -2.51 33.32
C ILE A 119 -13.49 -2.61 33.64
N ASP A 120 -12.72 -3.38 32.82
CA ASP A 120 -11.29 -3.53 33.05
C ASP A 120 -10.59 -2.43 32.30
N LEU A 122 -7.57 -1.99 31.99
CA LEU A 122 -6.28 -2.48 31.45
C LEU A 122 -6.23 -2.17 29.95
N GLU A 123 -7.43 -2.11 29.33
CA GLU A 123 -7.65 -1.89 27.90
C GLU A 123 -7.94 -0.43 27.58
N LYS A 124 -7.46 0.05 26.42
CA LYS A 124 -7.78 1.40 25.93
C LYS A 124 -9.03 1.25 25.12
N TRP A 125 -10.20 1.40 25.77
CA TRP A 125 -11.50 1.20 25.12
C TRP A 125 -11.83 2.32 24.16
N VAL A 126 -12.22 1.92 22.95
CA VAL A 126 -12.67 2.81 21.89
C VAL A 126 -14.01 2.28 21.34
N LEU A 127 -15.00 3.19 21.21
CA LEU A 127 -16.28 2.95 20.59
C LEU A 127 -16.23 3.59 19.19
N PRO A 128 -15.98 2.77 18.13
CA PRO A 128 -15.89 3.34 16.77
C PRO A 128 -17.28 3.48 16.15
N LEU A 129 -17.68 4.73 15.88
CA LEU A 129 -19.00 5.02 15.31
C LEU A 129 -18.87 5.58 13.90
N THR A 130 -19.88 5.31 13.08
CA THR A 130 -19.94 5.80 11.69
C THR A 130 -21.39 6.08 11.31
N ILE A 131 -21.58 7.05 10.41
CA ILE A 131 -22.88 7.40 9.82
C ILE A 131 -22.99 6.54 8.56
N VAL A 132 -23.89 5.55 8.56
CA VAL A 132 -24.02 4.65 7.41
C VAL A 132 -25.01 5.28 6.39
N ASP A 133 -25.97 6.09 6.86
CA ASP A 133 -26.95 6.82 6.04
C ASP A 133 -27.25 8.17 6.71
N ASP A 134 -27.16 9.27 5.93
CA ASP A 134 -27.41 10.64 6.42
C ASP A 134 -28.88 11.08 6.15
N GLY A 135 -29.69 10.18 5.56
CA GLY A 135 -31.11 10.41 5.26
C GLY A 135 -31.39 11.44 4.18
N SER A 136 -30.44 11.63 3.25
CA SER A 136 -30.55 12.58 2.12
C SER A 136 -31.42 12.02 0.99
N ALA A 148 -18.73 9.92 7.66
CA ALA A 148 -18.32 10.62 8.87
C ALA A 148 -18.16 9.65 10.04
N LYS A 149 -16.95 9.63 10.63
CA LYS A 149 -16.59 8.70 11.70
C LYS A 149 -16.28 9.41 13.01
N ALA A 150 -16.38 8.67 14.12
CA ALA A 150 -16.08 9.11 15.48
C ALA A 150 -15.46 7.98 16.24
N LEU A 151 -14.19 8.14 16.61
CA LEU A 151 -13.48 7.11 17.36
C LEU A 151 -13.42 7.55 18.79
N LEU A 152 -14.44 7.17 19.58
CA LEU A 152 -14.58 7.59 20.96
C LEU A 152 -13.78 6.74 21.94
N LYS A 153 -12.69 7.32 22.49
CA LYS A 153 -11.89 6.70 23.54
C LYS A 153 -12.56 6.99 24.85
N VAL A 154 -13.33 6.01 25.34
CA VAL A 154 -14.15 6.15 26.55
C VAL A 154 -13.25 6.01 27.79
N VAL A 155 -13.12 7.14 28.52
CA VAL A 155 -12.29 7.22 29.70
C VAL A 155 -13.18 7.46 30.93
N PRO A 156 -13.51 6.40 31.69
CA PRO A 156 -14.27 6.62 32.93
C PRO A 156 -13.41 7.35 33.95
N PHE A 157 -14.05 8.17 34.79
CA PHE A 157 -13.33 8.90 35.84
C PHE A 157 -14.17 8.98 37.11
N ASN A 158 -13.48 9.13 38.25
CA ASN A 158 -14.05 9.37 39.55
C ASN A 158 -13.26 10.55 40.14
N ASN A 159 -13.51 10.90 41.40
CA ASN A 159 -12.85 12.03 42.05
C ASN A 159 -11.37 11.74 42.39
N TYR A 160 -10.87 10.51 42.12
CA TYR A 160 -9.54 10.05 42.50
C TYR A 160 -8.74 9.48 41.32
N SER A 161 -9.28 9.49 40.09
CA SER A 161 -8.60 8.91 38.95
C SER A 161 -8.00 9.99 38.03
N GLY A 162 -6.99 9.59 37.27
CA GLY A 162 -6.24 10.46 36.38
C GLY A 162 -4.76 10.24 36.47
N SER A 163 -4.02 11.22 35.94
CA SER A 163 -2.57 11.19 35.89
C SER A 163 -2.02 11.89 37.13
N TYR A 164 -1.49 11.08 38.07
CA TYR A 164 -0.86 11.51 39.32
C TYR A 164 0.55 11.89 39.08
N THR A 165 1.05 12.98 39.73
CA THR A 165 2.46 13.41 39.68
C THR A 165 3.20 12.45 40.58
N ALA A 166 4.20 11.72 40.06
CA ALA A 166 4.88 10.70 40.86
C ALA A 166 6.35 11.04 41.12
N SER A 167 6.73 12.34 41.07
CA SER A 167 8.12 12.79 41.27
C SER A 167 8.63 12.53 42.73
N SER A 168 7.73 12.41 43.71
CA SER A 168 8.07 12.19 45.12
C SER A 168 7.90 10.71 45.48
N LYS A 170 9.64 7.31 45.32
CA LYS A 170 10.96 6.70 45.16
C LYS A 170 10.85 5.18 45.16
N VAL A 171 11.51 4.54 44.19
CA VAL A 171 11.51 3.09 44.02
C VAL A 171 12.94 2.60 44.21
N TYR A 172 13.16 1.91 45.33
CA TYR A 172 14.47 1.37 45.72
C TYR A 172 14.61 -0.09 45.38
N THR A 173 15.73 -0.48 44.76
CA THR A 173 16.00 -1.87 44.39
C THR A 173 16.63 -2.60 45.58
N TYR A 174 16.10 -3.80 45.90
CA TYR A 174 16.69 -4.67 46.92
C TYR A 174 17.99 -5.26 46.41
N ILE A 175 19.10 -4.87 47.06
CA ILE A 175 20.44 -5.36 46.77
C ILE A 175 20.94 -5.98 48.07
N ASN A 176 21.21 -7.30 48.02
CA ASN A 176 21.71 -8.11 49.14
C ASN A 176 20.72 -8.02 50.34
N GLY A 177 19.44 -8.30 50.04
CA GLY A 177 18.35 -8.34 51.00
C GLY A 177 17.86 -7.05 51.61
N LYS A 178 18.54 -5.92 51.34
CA LYS A 178 18.14 -4.63 51.88
C LYS A 178 17.94 -3.62 50.74
N PRO A 179 16.95 -2.71 50.84
CA PRO A 179 16.77 -1.70 49.77
C PRO A 179 18.01 -0.82 49.61
N ASP A 180 18.44 -0.57 48.35
CA ASP A 180 19.60 0.25 48.03
C ASP A 180 19.32 1.73 48.38
N THR A 181 20.39 2.52 48.52
CA THR A 181 20.39 3.96 48.83
C THR A 181 19.88 4.76 47.61
N ASN A 182 20.30 4.34 46.40
CA ASN A 182 19.90 4.92 45.13
C ASN A 182 18.46 4.59 44.84
N ALA A 183 17.68 5.62 44.50
CA ALA A 183 16.28 5.49 44.15
C ALA A 183 16.04 5.93 42.71
N ARG A 184 15.06 5.29 42.08
CA ARG A 184 14.57 5.59 40.74
C ARG A 184 13.21 6.24 40.84
N THR A 185 12.94 7.24 40.00
CA THR A 185 11.65 7.95 39.97
C THR A 185 11.18 8.14 38.54
N THR A 186 9.88 8.46 38.37
CA THR A 186 9.27 8.80 37.08
C THR A 186 8.48 10.08 37.32
N ASP A 187 7.96 10.70 36.28
CA ASP A 187 7.25 11.98 36.41
C ASP A 187 5.77 11.79 36.75
N LYS A 188 5.13 10.67 36.30
CA LYS A 188 3.69 10.43 36.51
C LYS A 188 3.32 8.94 36.45
N ARG A 189 2.22 8.57 37.12
CA ARG A 189 1.59 7.23 37.14
C ARG A 189 0.10 7.43 36.99
N THR A 190 -0.58 6.58 36.22
CA THR A 190 -2.00 6.68 35.97
C THR A 190 -2.78 5.84 36.96
N GLY A 191 -3.77 6.46 37.58
CA GLY A 191 -4.71 5.83 38.49
C GLY A 191 -5.97 5.59 37.69
N TYR A 192 -6.26 4.31 37.38
CA TYR A 192 -7.41 3.89 36.55
C TYR A 192 -8.63 3.57 37.42
N VAL A 193 -9.85 3.88 36.93
CA VAL A 193 -11.10 3.64 37.65
C VAL A 193 -11.37 2.15 37.83
N VAL A 194 -11.84 1.78 39.03
CA VAL A 194 -12.33 0.44 39.36
C VAL A 194 -13.86 0.59 39.60
N ASP A 195 -14.23 1.51 40.51
CA ASP A 195 -15.63 1.86 40.80
C ASP A 195 -15.67 3.37 41.17
N ASN A 196 -16.68 3.84 41.93
CA ASN A 196 -16.87 5.26 42.25
C ASN A 196 -15.82 5.81 43.26
N ASN A 197 -15.29 4.98 44.17
CA ASN A 197 -14.32 5.47 45.15
C ASN A 197 -13.05 4.56 45.19
N SER A 198 -12.85 3.71 44.14
CA SER A 198 -11.67 2.85 44.05
C SER A 198 -11.02 2.97 42.70
N ILE A 199 -9.69 2.94 42.70
CA ILE A 199 -8.87 3.07 41.48
C ILE A 199 -7.82 1.95 41.51
N PHE A 200 -6.94 1.88 40.49
CA PHE A 200 -5.83 0.93 40.48
C PHE A 200 -4.64 1.59 39.80
N PHE A 201 -3.45 1.19 40.23
CA PHE A 201 -2.15 1.58 39.69
C PHE A 201 -1.35 0.38 39.31
N TYR A 202 -0.30 0.56 38.49
CA TYR A 202 0.61 -0.52 38.25
C TYR A 202 1.79 -0.30 39.22
N ALA A 203 2.13 -1.36 39.98
CA ALA A 203 3.15 -1.34 41.00
C ALA A 203 4.48 -0.70 40.51
N GLY A 204 5.09 0.10 41.39
CA GLY A 204 6.36 0.77 41.15
C GLY A 204 6.46 1.48 39.83
N LEU A 205 7.46 1.12 38.99
CA LEU A 205 7.73 1.71 37.70
C LEU A 205 7.45 0.73 36.55
N ILE A 206 6.62 -0.28 36.79
CA ILE A 206 6.16 -1.24 35.77
C ILE A 206 5.58 -0.46 34.59
N ASN A 207 6.02 -0.82 33.36
CA ASN A 207 5.59 -0.14 32.14
C ASN A 207 4.12 -0.35 31.93
N GLU A 208 3.34 0.78 31.92
CA GLU A 208 1.88 0.80 31.71
C GLU A 208 1.46 0.33 30.28
N ASP A 209 2.43 0.23 29.34
CA ASP A 209 2.26 -0.19 27.93
C ASP A 209 2.98 -1.54 27.64
N ASP A 211 3.30 -5.87 27.74
CA ASP A 211 2.43 -7.00 27.42
C ASP A 211 1.30 -7.04 28.44
N LYS A 212 0.04 -6.97 27.95
CA LYS A 212 -1.19 -6.90 28.75
C LYS A 212 -1.35 -8.09 29.70
N ASP A 213 -0.99 -9.32 29.27
CA ASP A 213 -1.11 -10.54 30.10
C ASP A 213 -0.20 -10.49 31.31
N ARG A 215 1.13 -7.33 32.34
CA ARG A 215 0.81 -6.02 32.91
C ARG A 215 -0.20 -6.11 34.04
N LYS A 216 -1.28 -6.90 33.85
CA LYS A 216 -2.42 -7.04 34.73
C LYS A 216 -2.07 -7.63 36.10
N LYS A 217 -0.91 -8.28 36.19
CA LYS A 217 -0.44 -8.96 37.41
C LYS A 217 0.09 -7.96 38.44
N TYR A 218 0.39 -6.71 38.00
CA TYR A 218 0.95 -5.67 38.83
C TYR A 218 -0.08 -4.58 39.21
N LYS A 219 -1.38 -4.88 39.11
CA LYS A 219 -2.44 -3.93 39.49
C LYS A 219 -2.55 -3.86 41.01
N ILE A 220 -2.62 -2.65 41.56
CA ILE A 220 -2.84 -2.40 42.99
C ILE A 220 -4.16 -1.67 43.13
N ASN A 221 -5.15 -2.31 43.74
CA ASN A 221 -6.46 -1.71 43.97
C ASN A 221 -6.37 -0.80 45.20
N VAL A 222 -6.67 0.49 45.00
CA VAL A 222 -6.60 1.54 46.03
C VAL A 222 -8.03 2.03 46.29
N HIS A 223 -8.51 1.87 47.52
CA HIS A 223 -9.84 2.27 47.90
C HIS A 223 -9.76 3.44 48.92
N PHE A 224 -10.50 4.51 48.64
CA PHE A 224 -10.54 5.75 49.41
C PHE A 224 -11.67 5.70 50.43
N LYS A 225 -11.26 5.58 51.70
CA LYS A 225 -12.12 5.46 52.85
C LYS A 225 -12.51 6.84 53.37
N GLU A 226 -13.58 6.91 54.17
CA GLU A 226 -14.09 8.14 54.75
C GLU A 226 -13.14 8.73 55.81
N ASP A 227 -12.49 7.86 56.63
CA ASP A 227 -11.62 8.29 57.71
C ASP A 227 -10.27 8.87 57.19
N GLY A 228 -10.11 8.97 55.86
CA GLY A 228 -8.90 9.49 55.23
C GLY A 228 -7.77 8.48 55.04
N THR A 229 -8.08 7.19 55.18
CA THR A 229 -7.05 6.18 55.01
C THR A 229 -7.33 5.44 53.72
N LEU A 230 -6.35 4.63 53.29
CA LEU A 230 -6.49 3.86 52.06
C LEU A 230 -6.47 2.38 52.34
N ASP A 231 -7.06 1.63 51.41
CA ASP A 231 -7.00 0.17 51.30
C ASP A 231 -6.20 -0.11 50.09
N LYS A 233 -4.49 -3.28 48.14
CA LYS A 233 -4.35 -4.73 47.95
C LYS A 233 -4.12 -4.99 46.48
N GLN A 234 -3.30 -5.99 46.18
CA GLN A 234 -3.03 -6.42 44.82
C GLN A 234 -4.30 -7.05 44.22
N ASP A 235 -4.54 -6.84 42.91
CA ASP A 235 -5.69 -7.43 42.21
C ASP A 235 -5.51 -8.94 42.01
N ASP A 236 -4.27 -9.44 41.71
CA ASP A 236 -3.96 -10.85 41.51
C ASP A 236 -4.25 -11.65 42.80
N PRO A 237 -5.27 -12.54 42.78
CA PRO A 237 -5.61 -13.30 43.99
C PRO A 237 -4.44 -14.11 44.57
N SER A 238 -3.60 -14.68 43.68
CA SER A 238 -2.43 -15.51 44.06
C SER A 238 -1.25 -14.63 44.50
N ASN A 239 -1.31 -13.30 44.27
CA ASN A 239 -0.30 -12.29 44.65
C ASN A 239 1.11 -12.76 44.21
N GLU A 240 1.28 -13.01 42.90
CA GLU A 240 2.53 -13.51 42.35
C GLU A 240 3.62 -12.44 42.47
N GLU A 242 4.17 -10.72 44.99
CA GLU A 242 4.49 -10.71 46.42
C GLU A 242 4.36 -9.28 46.98
N PHE A 243 3.21 -8.61 46.65
CA PHE A 243 2.84 -7.30 47.20
C PHE A 243 2.75 -7.41 48.69
N GLU A 244 3.31 -6.42 49.39
CA GLU A 244 3.21 -6.34 50.85
C GLU A 244 3.17 -4.88 51.25
N LEU A 245 1.98 -4.44 51.70
CA LEU A 245 1.76 -3.08 52.18
C LEU A 245 2.50 -2.86 53.50
N ILE A 246 3.17 -1.70 53.62
CA ILE A 246 3.95 -1.34 54.81
C ILE A 246 3.29 -0.14 55.48
N GLY A 247 2.85 -0.36 56.71
CA GLY A 247 2.19 0.63 57.55
C GLY A 247 0.78 0.87 57.10
N THR A 248 0.25 2.07 57.38
CA THR A 248 -1.10 2.41 56.96
C THR A 248 -1.03 3.56 55.97
N PRO A 249 -1.36 3.30 54.68
CA PRO A 249 -1.35 4.40 53.70
C PRO A 249 -2.54 5.37 53.91
N THR A 250 -2.27 6.66 53.65
CA THR A 250 -3.24 7.74 53.85
C THR A 250 -3.36 8.63 52.60
N TYR A 251 -4.38 9.48 52.60
CA TYR A 251 -4.61 10.42 51.51
C TYR A 251 -5.14 11.73 52.09
N SER A 252 -4.76 12.85 51.47
CA SER A 252 -5.25 14.16 51.87
C SER A 252 -5.80 14.89 50.65
N SER A 253 -6.97 15.48 50.82
CA SER A 253 -7.65 16.20 49.76
C SER A 253 -7.72 17.68 50.17
N THR A 254 -7.10 18.56 49.36
CA THR A 254 -7.03 19.99 49.63
C THR A 254 -7.42 20.78 48.37
N SER A 255 -7.76 22.04 48.55
CA SER A 255 -8.19 22.91 47.45
C SER A 255 -7.66 24.31 47.59
N VAL A 256 -7.19 24.89 46.45
CA VAL A 256 -6.69 26.28 46.39
C VAL A 256 -7.45 26.99 45.27
N ASP A 258 -7.42 29.74 42.30
CA ASP A 258 -6.42 30.37 41.42
C ASP A 258 -6.35 31.89 41.66
N ALA A 259 -5.15 32.46 41.59
CA ALA A 259 -4.92 33.90 41.87
C ALA A 259 -5.46 34.79 40.72
N THR A 260 -5.01 34.50 39.47
CA THR A 260 -5.34 35.15 38.19
C THR A 260 -6.87 35.00 37.94
N ARG A 261 -7.38 33.74 37.74
CA ARG A 261 -8.82 33.46 37.56
C ARG A 261 -9.43 33.09 38.93
N PRO A 262 -10.15 34.04 39.55
CA PRO A 262 -10.66 33.81 40.92
C PRO A 262 -11.78 32.76 41.06
N TYR A 263 -12.43 32.31 39.96
CA TYR A 263 -13.49 31.30 40.09
C TYR A 263 -12.91 29.86 39.87
N LEU A 264 -11.65 29.77 39.43
CA LEU A 264 -10.98 28.50 39.20
C LEU A 264 -10.46 27.90 40.53
N GLU A 265 -10.80 26.64 40.77
CA GLU A 265 -10.39 25.86 41.94
C GLU A 265 -9.48 24.72 41.54
N ARG A 266 -8.31 24.64 42.19
CA ARG A 266 -7.45 23.51 41.96
C ARG A 266 -7.68 22.49 43.07
N ARG A 267 -8.06 21.26 42.69
CA ARG A 267 -8.32 20.18 43.62
C ARG A 267 -7.17 19.23 43.61
N TYR A 268 -6.53 19.06 44.79
CA TYR A 268 -5.41 18.14 44.94
C TYR A 268 -5.78 16.97 45.83
N VAL A 269 -5.39 15.76 45.40
CA VAL A 269 -5.55 14.50 46.13
C VAL A 269 -4.17 13.89 46.23
N GLN A 270 -3.57 13.98 47.42
CA GLN A 270 -2.23 13.43 47.70
C GLN A 270 -2.36 12.07 48.38
N ILE A 271 -1.73 11.04 47.82
CA ILE A 271 -1.78 9.71 48.43
C ILE A 271 -0.35 9.36 48.89
N PHE A 273 1.96 6.39 50.75
CA PHE A 273 2.01 4.94 50.86
C PHE A 273 3.43 4.41 50.86
N GLU A 274 3.58 3.12 51.23
CA GLU A 274 4.84 2.39 51.24
C GLU A 274 4.54 0.88 51.09
N TYR A 275 5.21 0.22 50.14
CA TYR A 275 4.98 -1.20 49.88
C TYR A 275 6.19 -1.85 49.21
N ASP A 276 6.20 -3.17 49.23
CA ASP A 276 7.17 -4.04 48.55
C ASP A 276 6.47 -4.87 47.50
N PHE A 277 7.15 -5.10 46.39
CA PHE A 277 6.66 -5.98 45.32
C PHE A 277 7.87 -6.50 44.53
N GLN A 278 7.60 -7.45 43.64
CA GLN A 278 8.63 -8.04 42.81
C GLN A 278 8.25 -8.01 41.35
N ASP A 279 9.22 -7.64 40.50
CA ASP A 279 9.09 -7.69 39.05
C ASP A 279 9.65 -9.05 38.63
N PHE A 280 8.75 -9.93 38.20
CA PHE A 280 9.08 -11.30 37.82
C PHE A 280 8.81 -11.51 36.33
N THR A 281 8.59 -10.43 35.56
CA THR A 281 8.25 -10.48 34.13
C THR A 281 9.18 -9.58 33.24
N TYR A 282 10.26 -8.99 33.82
CA TYR A 282 11.19 -8.09 33.12
C TYR A 282 12.02 -8.78 32.01
N GLY A 283 12.06 -10.12 32.01
CA GLY A 283 12.85 -10.85 31.04
C GLY A 283 12.18 -11.01 29.68
N GLY A 284 10.92 -10.65 29.64
CA GLY A 284 10.07 -10.84 28.48
C GLY A 284 9.13 -11.96 28.89
N SER A 285 8.43 -12.57 27.93
CA SER A 285 7.55 -13.66 28.35
C SER A 285 8.38 -14.99 28.35
N GLY A 286 7.73 -16.06 28.75
CA GLY A 286 8.32 -17.38 28.76
C GLY A 286 9.22 -17.73 29.92
N THR A 287 10.54 -17.55 29.73
CA THR A 287 11.56 -18.00 30.69
C THR A 287 11.42 -17.20 31.99
N GLU A 288 11.40 -17.99 33.09
CA GLU A 288 11.29 -17.63 34.47
C GLU A 288 12.61 -17.03 34.90
N VAL A 289 12.53 -15.84 35.51
CA VAL A 289 13.65 -15.01 35.92
C VAL A 289 13.70 -14.87 37.46
N ILE A 290 14.84 -14.40 37.97
CA ILE A 290 15.01 -14.07 39.39
C ILE A 290 14.21 -12.81 39.66
N PRO A 291 13.16 -12.82 40.51
CA PRO A 291 12.41 -11.60 40.75
C PRO A 291 13.29 -10.53 41.38
N ILE A 292 13.07 -9.27 40.96
CA ILE A 292 13.76 -8.07 41.46
C ILE A 292 12.80 -7.44 42.44
N LYS A 293 13.15 -7.49 43.72
CA LYS A 293 12.30 -6.94 44.74
C LYS A 293 12.54 -5.43 44.82
N TYR A 294 11.44 -4.67 44.97
CA TYR A 294 11.51 -3.22 45.10
C TYR A 294 10.77 -2.71 46.32
N ARG A 295 11.30 -1.64 46.92
CA ARG A 295 10.66 -0.87 47.95
C ARG A 295 10.13 0.42 47.32
N VAL A 296 8.79 0.58 47.30
CA VAL A 296 8.13 1.78 46.78
C VAL A 296 7.70 2.60 47.97
N ALA A 297 8.15 3.88 48.03
CA ALA A 297 7.83 4.76 49.17
C ALA A 297 7.79 6.22 48.74
N GLY A 298 6.82 6.94 49.28
CA GLY A 298 6.66 8.37 49.05
C GLY A 298 5.21 8.77 48.92
N SER A 299 4.94 9.70 47.98
CA SER A 299 3.62 10.22 47.68
C SER A 299 3.46 10.50 46.15
N THR A 301 0.43 12.96 43.74
CA THR A 301 -0.63 13.95 43.88
C THR A 301 -1.34 14.12 42.54
N LEU A 302 -2.69 14.09 42.60
CA LEU A 302 -3.58 14.28 41.46
C LEU A 302 -4.13 15.67 41.48
N LEU A 303 -4.01 16.39 40.35
CA LEU A 303 -4.62 17.72 40.20
C LEU A 303 -5.87 17.61 39.30
N ARG A 304 -6.91 18.36 39.65
CA ARG A 304 -8.19 18.49 38.96
C ARG A 304 -8.58 19.95 39.02
N ASN A 305 -8.71 20.61 37.84
CA ASN A 305 -9.09 22.02 37.73
C ASN A 305 -10.61 22.15 37.55
N ILE A 306 -11.23 22.90 38.45
CA ILE A 306 -12.67 23.07 38.56
C ILE A 306 -13.05 24.53 38.38
N ASN A 307 -14.01 24.80 37.47
CA ASN A 307 -14.59 26.11 37.19
C ASN A 307 -15.86 26.22 37.98
N THR A 308 -15.75 26.76 39.21
CA THR A 308 -16.83 26.89 40.22
C THR A 308 -18.06 27.66 39.69
N GLN A 309 -17.93 28.47 38.61
CA GLN A 309 -19.05 29.23 38.00
C GLN A 309 -20.05 28.28 37.32
N ILE A 310 -19.57 27.09 36.89
CA ILE A 310 -20.38 26.04 36.28
C ILE A 310 -20.89 25.14 37.43
N PRO A 311 -22.21 25.11 37.73
CA PRO A 311 -22.70 24.31 38.85
C PRO A 311 -22.59 22.79 38.63
N ASP A 312 -22.68 22.27 37.39
CA ASP A 312 -22.64 20.81 37.14
C ASP A 312 -21.25 20.21 37.50
N GLU A 313 -21.24 19.08 38.28
CA GLU A 313 -20.01 18.40 38.76
C GLU A 313 -19.15 17.81 37.63
N ASP A 314 -19.70 17.66 36.41
CA ASP A 314 -18.94 17.10 35.27
C ASP A 314 -18.55 18.18 34.27
N GLN A 315 -19.43 19.14 34.04
CA GLN A 315 -19.21 20.19 33.05
C GLN A 315 -18.13 21.19 33.54
N GLN A 316 -18.01 21.36 34.88
CA GLN A 316 -17.09 22.31 35.53
C GLN A 316 -15.61 21.87 35.42
N ILE A 317 -15.36 20.57 35.20
CA ILE A 317 -14.00 20.03 35.10
C ILE A 317 -13.35 20.51 33.79
N GLU A 318 -12.16 21.10 33.94
CA GLU A 318 -11.35 21.57 32.82
C GLU A 318 -10.26 20.54 32.57
N TRP A 319 -10.51 19.64 31.59
CA TRP A 319 -9.59 18.55 31.24
C TRP A 319 -8.45 19.05 30.30
N TYR B 12 -3.41 -30.05 4.67
CA TYR B 12 -2.44 -28.95 4.72
C TYR B 12 -1.19 -29.39 5.47
N VAL B 13 -0.01 -29.19 4.84
CA VAL B 13 1.31 -29.55 5.38
C VAL B 13 1.96 -28.29 5.97
N SER B 14 2.37 -28.35 7.26
CA SER B 14 3.02 -27.22 7.94
C SER B 14 4.11 -27.66 8.94
N PHE B 15 4.79 -26.67 9.58
CA PHE B 15 5.80 -26.86 10.62
C PHE B 15 5.19 -26.64 12.01
N LYS B 16 5.67 -27.36 13.02
CA LYS B 16 5.13 -27.16 14.37
C LYS B 16 6.27 -27.17 15.39
N ALA B 17 6.77 -25.97 15.78
CA ALA B 17 7.85 -25.85 16.76
C ALA B 17 7.31 -26.07 18.20
N PRO B 18 8.17 -26.46 19.20
CA PRO B 18 7.64 -26.74 20.56
C PRO B 18 6.89 -25.55 21.20
N ILE B 19 7.37 -24.30 20.97
CA ILE B 19 6.76 -23.07 21.45
C ILE B 19 6.20 -22.30 20.25
N ALA B 20 5.09 -21.57 20.47
CA ALA B 20 4.47 -20.78 19.43
C ALA B 20 5.32 -19.54 19.13
N SER B 21 5.25 -19.04 17.88
CA SER B 21 5.98 -17.86 17.38
C SER B 21 5.57 -16.57 18.13
N GLY B 22 6.41 -15.54 18.05
CA GLY B 22 6.15 -14.24 18.68
C GLY B 22 5.15 -13.40 17.92
N SER B 23 5.18 -12.06 18.09
CA SER B 23 4.22 -11.20 17.39
C SER B 23 4.59 -11.00 15.90
N ASP B 24 5.85 -11.30 15.52
CA ASP B 24 6.38 -11.13 14.15
C ASP B 24 6.41 -12.44 13.31
N GLY B 25 6.19 -13.58 13.96
CA GLY B 25 6.19 -14.87 13.26
C GLY B 25 7.51 -15.58 13.39
N VAL B 26 8.44 -14.99 14.16
CA VAL B 26 9.76 -15.56 14.46
C VAL B 26 9.63 -16.47 15.71
N THR B 27 10.07 -17.72 15.56
CA THR B 27 10.09 -18.73 16.60
C THR B 27 11.52 -18.87 17.15
N THR B 28 11.70 -18.72 18.47
CA THR B 28 13.00 -18.89 19.12
C THR B 28 13.23 -20.37 19.41
N ILE B 29 14.39 -20.88 18.96
CA ILE B 29 14.80 -22.26 19.21
C ILE B 29 16.14 -22.19 19.99
N TYR B 30 16.28 -23.05 21.01
CA TYR B 30 17.49 -23.07 21.82
C TYR B 30 18.29 -24.33 21.49
N VAL B 31 19.53 -24.10 21.01
CA VAL B 31 20.41 -25.19 20.63
C VAL B 31 21.65 -25.13 21.51
N ARG B 32 22.08 -26.26 22.10
CA ARG B 32 23.25 -26.27 22.99
C ARG B 32 24.57 -26.22 22.20
N TYR B 33 25.53 -25.40 22.68
CA TYR B 33 26.88 -25.37 22.13
C TYR B 33 27.66 -26.43 22.86
N LYS B 34 28.08 -27.50 22.15
CA LYS B 34 28.78 -28.66 22.72
C LYS B 34 30.22 -28.82 22.16
N ASP B 35 30.60 -30.06 21.84
CA ASP B 35 31.90 -30.45 21.31
C ASP B 35 32.03 -29.92 19.87
N ASN B 36 32.85 -28.85 19.73
CA ASN B 36 33.14 -28.10 18.52
C ASN B 36 31.84 -27.51 17.94
N GLY B 37 30.83 -27.37 18.82
CA GLY B 37 29.53 -26.76 18.55
C GLY B 37 28.63 -27.40 17.53
N LYS B 38 28.78 -28.71 17.32
CA LYS B 38 27.96 -29.48 16.38
C LYS B 38 26.75 -30.00 17.15
N VAL B 39 25.55 -29.50 16.80
CA VAL B 39 24.28 -29.84 17.46
C VAL B 39 23.16 -29.93 16.41
N THR B 40 22.16 -30.80 16.66
CA THR B 40 21.03 -31.04 15.77
C THR B 40 19.74 -30.60 16.41
N TYR B 41 18.93 -29.86 15.65
CA TYR B 41 17.60 -29.44 16.09
C TYR B 41 16.58 -30.19 15.27
N GLN B 42 15.56 -30.76 15.93
CA GLN B 42 14.55 -31.53 15.20
C GLN B 42 13.23 -30.76 15.12
N LEU B 43 12.94 -30.25 13.91
CA LEU B 43 11.73 -29.48 13.63
C LEU B 43 10.68 -30.39 13.01
N PRO B 44 9.56 -30.62 13.72
CA PRO B 44 8.50 -31.48 13.19
C PRO B 44 7.75 -30.87 12.03
N ILE B 45 7.33 -31.71 11.07
CA ILE B 45 6.55 -31.36 9.90
C ILE B 45 5.25 -32.18 9.99
N ILE B 46 4.09 -31.48 10.05
CA ILE B 46 2.77 -32.06 10.27
C ILE B 46 1.87 -31.98 9.04
N VAL B 47 1.08 -33.04 8.83
CA VAL B 47 0.05 -33.15 7.80
C VAL B 47 -1.29 -33.07 8.53
N SER B 48 -1.89 -31.87 8.59
CA SER B 48 -3.16 -31.68 9.26
C SER B 48 -4.33 -31.91 8.29
N ASN B 53 -3.88 -39.58 6.06
CA ASN B 53 -2.98 -39.43 4.92
C ASN B 53 -2.84 -40.76 4.19
N SER B 54 -3.40 -40.86 2.97
CA SER B 54 -3.35 -42.09 2.16
C SER B 54 -2.32 -41.95 1.00
N GLN B 55 -1.47 -40.91 1.06
CA GLN B 55 -0.44 -40.64 0.04
C GLN B 55 0.99 -40.69 0.60
N ASP B 56 1.93 -41.32 -0.15
CA ASP B 56 3.37 -41.35 0.18
C ASP B 56 3.93 -39.98 -0.31
N ARG B 57 3.94 -39.00 0.60
CA ARG B 57 4.29 -37.61 0.29
C ARG B 57 5.78 -37.31 0.51
N ASP B 58 6.41 -36.68 -0.49
CA ASP B 58 7.80 -36.21 -0.45
C ASP B 58 7.77 -34.68 -0.36
N ILE B 59 7.87 -34.17 0.86
CA ILE B 59 7.81 -32.74 1.18
C ILE B 59 9.19 -32.12 0.89
N HIS B 60 9.20 -31.00 0.14
CA HIS B 60 10.41 -30.28 -0.22
C HIS B 60 10.53 -29.00 0.63
N ILE B 61 11.67 -28.84 1.32
CA ILE B 61 11.98 -27.70 2.19
C ILE B 61 13.11 -26.90 1.56
N ALA B 62 13.02 -25.56 1.65
CA ALA B 62 14.02 -24.64 1.10
C ALA B 62 14.19 -23.40 2.00
N VAL B 63 15.33 -22.73 1.89
CA VAL B 63 15.62 -21.51 2.64
C VAL B 63 14.90 -20.36 1.93
N ASP B 64 14.06 -19.62 2.68
CA ASP B 64 13.22 -18.52 2.16
C ASP B 64 13.82 -17.16 2.58
N LYS B 65 14.86 -16.75 1.86
CA LYS B 65 15.60 -15.50 2.06
C LYS B 65 14.63 -14.27 2.05
N ASP B 66 13.68 -14.24 1.07
CA ASP B 66 12.74 -13.17 0.81
C ASP B 66 11.74 -12.91 1.97
N THR B 67 11.19 -13.96 2.65
CA THR B 67 10.20 -13.75 3.72
C THR B 67 10.87 -13.01 4.88
N LEU B 68 12.14 -13.35 5.19
CA LEU B 68 12.92 -12.72 6.24
C LEU B 68 13.17 -11.24 5.92
N LYS B 69 13.54 -10.89 4.65
CA LYS B 69 13.77 -9.51 4.19
C LYS B 69 12.48 -8.68 4.35
N THR B 70 11.33 -9.23 3.92
CA THR B 70 10.01 -8.58 4.02
C THR B 70 9.66 -8.34 5.50
N LEU B 71 9.93 -9.32 6.41
CA LEU B 71 9.65 -9.16 7.84
C LEU B 71 10.46 -8.01 8.42
N ASN B 72 11.82 -7.98 8.19
CA ASN B 72 12.71 -6.90 8.65
C ASN B 72 12.15 -5.52 8.25
N ILE B 73 11.79 -5.35 6.95
CA ILE B 73 11.20 -4.11 6.44
C ILE B 73 9.91 -3.78 7.19
N GLU B 74 8.97 -4.74 7.23
CA GLU B 74 7.66 -4.55 7.81
C GLU B 74 7.75 -4.24 9.33
N ARG B 75 8.63 -4.93 10.06
CA ARG B 75 8.70 -4.75 11.50
C ARG B 75 9.62 -3.57 11.90
N PHE B 76 10.87 -3.54 11.45
CA PHE B 76 11.84 -2.53 11.87
C PHE B 76 12.01 -1.37 10.86
N SER B 77 11.63 -1.55 9.56
CA SER B 77 11.75 -0.56 8.46
C SER B 77 13.19 -0.54 7.91
N LEU B 78 13.41 0.13 6.77
CA LEU B 78 14.74 0.27 6.16
C LEU B 78 15.64 1.22 6.93
N TYR B 79 15.07 1.98 7.86
CA TYR B 79 15.73 3.05 8.57
C TYR B 79 16.30 2.60 9.92
N ARG B 80 16.06 1.33 10.32
CA ARG B 80 16.59 0.78 11.55
C ARG B 80 17.29 -0.58 11.25
N PRO B 81 18.38 -0.60 10.43
CA PRO B 81 19.03 -1.89 10.09
C PRO B 81 19.76 -2.57 11.25
N GLU B 82 20.03 -1.83 12.32
CA GLU B 82 20.71 -2.37 13.51
C GLU B 82 19.79 -3.35 14.26
N LEU B 83 18.48 -3.26 14.01
CA LEU B 83 17.45 -4.08 14.64
C LEU B 83 17.06 -5.31 13.81
N TRP B 84 17.56 -5.37 12.56
CA TRP B 84 17.25 -6.41 11.58
C TRP B 84 17.78 -7.79 11.96
N TYR B 85 17.00 -8.81 11.62
CA TYR B 85 17.41 -10.21 11.72
C TYR B 85 18.36 -10.51 10.58
N THR B 86 19.31 -11.41 10.79
CA THR B 86 20.30 -11.75 9.78
C THR B 86 20.09 -13.18 9.36
N GLU B 87 20.06 -13.45 8.06
CA GLU B 87 19.92 -14.81 7.55
C GLU B 87 21.13 -15.59 7.95
N GLU B 89 24.20 -18.01 7.99
CA GLU B 89 25.24 -18.37 7.02
C GLU B 89 25.12 -19.84 6.62
N GLU B 90 25.20 -20.15 5.32
CA GLU B 90 25.06 -21.51 4.76
C GLU B 90 26.06 -22.52 5.34
N ASP B 91 27.25 -22.04 5.77
CA ASP B 91 28.31 -22.87 6.35
C ASP B 91 27.99 -23.31 7.79
N LYS B 92 26.99 -22.66 8.45
CA LYS B 92 26.62 -22.97 9.84
C LYS B 92 25.42 -23.97 9.96
N TYR B 93 24.77 -24.36 8.86
CA TYR B 93 23.64 -25.30 8.93
C TYR B 93 23.55 -26.22 7.70
N GLU B 94 22.85 -27.35 7.87
CA GLU B 94 22.51 -28.36 6.84
C GLU B 94 21.22 -29.06 7.24
N PHE B 95 20.33 -29.29 6.27
CA PHE B 95 19.08 -30.01 6.48
C PHE B 95 18.69 -30.73 5.18
N PRO B 96 18.02 -31.91 5.24
CA PRO B 96 17.62 -32.60 4.00
C PRO B 96 16.62 -31.76 3.20
N GLU B 97 16.86 -31.65 1.89
CA GLU B 97 16.04 -30.89 0.94
C GLU B 97 14.64 -31.51 0.89
N THR B 98 14.55 -32.84 0.98
CA THR B 98 13.30 -33.59 0.94
C THR B 98 13.10 -34.37 2.23
N VAL B 99 11.87 -34.33 2.75
CA VAL B 99 11.39 -35.07 3.92
C VAL B 99 10.31 -36.04 3.40
N HIS B 100 10.43 -37.34 3.72
CA HIS B 100 9.45 -38.32 3.26
C HIS B 100 8.50 -38.70 4.40
N ILE B 101 7.19 -38.46 4.17
CA ILE B 101 6.11 -38.86 5.06
C ILE B 101 5.36 -40.00 4.33
N PRO B 102 5.53 -41.27 4.76
CA PRO B 102 4.85 -42.36 4.05
C PRO B 102 3.34 -42.34 4.26
N ALA B 103 2.59 -43.02 3.38
CA ALA B 103 1.14 -43.12 3.49
C ALA B 103 0.78 -43.81 4.84
N GLY B 104 0.00 -43.12 5.67
CA GLY B 104 -0.40 -43.62 6.98
C GLY B 104 0.08 -42.72 8.10
N SER B 105 1.25 -42.10 7.90
CA SER B 105 1.86 -41.17 8.85
C SER B 105 1.42 -39.74 8.55
N CYS B 106 1.48 -38.87 9.56
CA CYS B 106 1.09 -37.46 9.44
C CYS B 106 2.14 -36.55 10.11
N VAL B 107 3.23 -37.13 10.64
CA VAL B 107 4.31 -36.41 11.34
C VAL B 107 5.66 -37.05 10.98
N GLU B 108 6.64 -36.19 10.67
CA GLU B 108 8.03 -36.54 10.41
C GLU B 108 8.89 -35.36 10.89
N LEU B 109 10.18 -35.57 11.13
CA LEU B 109 11.07 -34.55 11.67
C LEU B 109 12.15 -34.14 10.68
N LEU B 110 12.35 -32.82 10.56
CA LEU B 110 13.41 -32.22 9.77
C LEU B 110 14.61 -32.06 10.67
N ASN B 111 15.68 -32.83 10.40
CA ASN B 111 16.89 -32.77 11.19
C ASN B 111 17.77 -31.65 10.68
N ILE B 112 17.83 -30.54 11.43
CA ILE B 112 18.65 -29.37 11.11
C ILE B 112 19.95 -29.52 11.89
N ASP B 113 21.02 -29.81 11.18
CA ASP B 113 22.34 -29.99 11.77
C ASP B 113 23.08 -28.68 11.74
N PHE B 114 23.37 -28.14 12.92
CA PHE B 114 24.12 -26.89 13.04
C PHE B 114 25.57 -27.13 13.36
N ASN B 115 26.43 -26.24 12.83
CA ASN B 115 27.86 -26.13 13.13
C ASN B 115 28.07 -24.73 13.63
N LEU B 116 27.97 -24.55 14.93
CA LEU B 116 27.99 -23.24 15.56
C LEU B 116 29.39 -22.74 15.90
N GLN B 117 30.45 -23.53 15.62
CA GLN B 117 31.81 -23.10 15.96
C GLN B 117 32.10 -21.69 15.35
N ASP B 118 32.58 -20.76 16.19
CA ASP B 118 33.00 -19.38 15.86
C ASP B 118 31.82 -18.52 15.36
N ILE B 119 30.58 -18.78 15.83
CA ILE B 119 29.40 -18.02 15.41
C ILE B 119 29.44 -16.68 16.11
N ASP B 120 29.18 -15.58 15.38
CA ASP B 120 29.19 -14.24 15.99
C ASP B 120 27.80 -13.94 16.45
N LEU B 122 26.72 -11.37 17.72
CA LEU B 122 26.43 -9.94 17.52
C LEU B 122 25.12 -9.80 16.72
N GLU B 123 24.86 -10.81 15.84
CA GLU B 123 23.73 -10.90 14.93
C GLU B 123 22.58 -11.72 15.48
N LYS B 124 21.34 -11.32 15.14
CA LYS B 124 20.14 -12.06 15.49
C LYS B 124 19.90 -13.00 14.37
N TRP B 125 20.49 -14.20 14.44
CA TRP B 125 20.42 -15.21 13.39
C TRP B 125 19.05 -15.82 13.28
N VAL B 126 18.55 -15.87 12.06
CA VAL B 126 17.28 -16.49 11.71
C VAL B 126 17.52 -17.39 10.49
N LEU B 127 16.98 -18.63 10.58
CA LEU B 127 16.98 -19.61 9.50
C LEU B 127 15.55 -19.63 8.95
N PRO B 128 15.33 -18.94 7.80
CA PRO B 128 13.96 -18.87 7.24
C PRO B 128 13.68 -20.09 6.37
N LEU B 129 12.70 -20.91 6.78
CA LEU B 129 12.34 -22.14 6.08
C LEU B 129 10.95 -22.04 5.48
N THR B 130 10.74 -22.74 4.36
CA THR B 130 9.46 -22.79 3.67
C THR B 130 9.26 -24.15 3.02
N ILE B 131 7.99 -24.58 2.92
CA ILE B 131 7.59 -25.80 2.22
C ILE B 131 7.30 -25.36 0.78
N VAL B 132 8.15 -25.80 -0.17
CA VAL B 132 7.99 -25.39 -1.57
C VAL B 132 7.01 -26.37 -2.28
N ASP B 133 6.98 -27.64 -1.82
CA ASP B 133 6.11 -28.70 -2.34
C ASP B 133 5.71 -29.62 -1.18
N ASP B 134 4.39 -29.90 -1.04
CA ASP B 134 3.84 -30.74 0.01
C ASP B 134 3.65 -32.18 -0.48
N ALA B 148 3.56 -22.66 3.89
CA ALA B 148 3.88 -22.77 5.31
C ALA B 148 5.35 -22.45 5.56
N LYS B 149 5.56 -21.44 6.40
CA LYS B 149 6.87 -20.88 6.72
C LYS B 149 7.23 -21.09 8.19
N ALA B 150 8.53 -21.07 8.47
CA ALA B 150 9.12 -21.17 9.80
C ALA B 150 10.31 -20.27 9.87
N LEU B 151 10.23 -19.24 10.72
CA LEU B 151 11.32 -18.30 10.88
C LEU B 151 11.99 -18.62 12.17
N LEU B 152 13.03 -19.49 12.09
CA LEU B 152 13.73 -19.98 13.26
C LEU B 152 14.85 -19.06 13.72
N LYS B 153 14.65 -18.41 14.88
CA LYS B 153 15.68 -17.57 15.53
C LYS B 153 16.56 -18.49 16.33
N VAL B 154 17.72 -18.83 15.78
CA VAL B 154 18.63 -19.80 16.38
C VAL B 154 19.41 -19.12 17.50
N VAL B 155 19.17 -19.59 18.72
CA VAL B 155 19.78 -19.06 19.93
C VAL B 155 20.68 -20.16 20.55
N PRO B 156 22.01 -20.14 20.29
CA PRO B 156 22.89 -21.10 20.97
C PRO B 156 22.95 -20.80 22.46
N PHE B 157 23.20 -21.85 23.26
CA PHE B 157 23.31 -21.69 24.70
C PHE B 157 24.32 -22.68 25.26
N ASN B 158 24.92 -22.32 26.39
CA ASN B 158 25.82 -23.14 27.22
C ASN B 158 25.30 -23.04 28.66
N ASN B 159 26.04 -23.58 29.62
CA ASN B 159 25.61 -23.54 31.02
C ASN B 159 25.75 -22.16 31.67
N TYR B 160 26.27 -21.17 30.93
CA TYR B 160 26.56 -19.81 31.43
C TYR B 160 25.92 -18.69 30.60
N SER B 161 25.11 -19.02 29.59
CA SER B 161 24.55 -17.98 28.72
C SER B 161 23.07 -17.78 29.00
N GLY B 162 22.57 -16.61 28.62
CA GLY B 162 21.20 -16.21 28.81
C GLY B 162 21.06 -14.80 29.34
N SER B 163 19.89 -14.52 29.90
CA SER B 163 19.55 -13.21 30.45
C SER B 163 19.86 -13.21 31.93
N TYR B 164 20.95 -12.51 32.29
CA TYR B 164 21.43 -12.30 33.67
C TYR B 164 20.70 -11.18 34.32
N THR B 165 20.33 -11.32 35.62
CA THR B 165 19.70 -10.27 36.43
C THR B 165 20.83 -9.31 36.75
N ALA B 166 20.71 -8.02 36.39
CA ALA B 166 21.81 -7.08 36.59
C ALA B 166 21.46 -5.96 37.58
N SER B 167 20.50 -6.19 38.48
CA SER B 167 20.01 -5.20 39.46
C SER B 167 21.08 -4.83 40.53
N SER B 168 22.08 -5.73 40.76
CA SER B 168 23.17 -5.53 41.73
C SER B 168 24.46 -5.04 41.03
N LYS B 170 26.22 -1.95 39.44
CA LYS B 170 26.23 -0.49 39.50
C LYS B 170 27.26 0.09 38.52
N VAL B 171 26.82 1.07 37.72
CA VAL B 171 27.67 1.74 36.74
C VAL B 171 27.81 3.21 37.17
N TYR B 172 29.01 3.57 37.63
CA TYR B 172 29.36 4.90 38.08
C TYR B 172 30.05 5.70 36.99
N THR B 173 29.62 6.95 36.77
CA THR B 173 30.21 7.84 35.78
C THR B 173 31.39 8.56 36.41
N TYR B 174 32.55 8.59 35.71
CA TYR B 174 33.72 9.35 36.14
C TYR B 174 33.44 10.83 35.97
N ILE B 175 33.39 11.55 37.10
CA ILE B 175 33.21 12.99 37.13
C ILE B 175 34.44 13.56 37.86
N ASN B 176 35.24 14.37 37.12
CA ASN B 176 36.47 15.02 37.55
C ASN B 176 37.49 13.95 38.04
N GLY B 177 37.74 12.97 37.19
CA GLY B 177 38.71 11.90 37.44
C GLY B 177 38.38 10.83 38.45
N LYS B 178 37.28 11.00 39.20
CA LYS B 178 36.88 9.99 40.18
C LYS B 178 35.45 9.52 39.92
N PRO B 179 35.14 8.22 40.15
CA PRO B 179 33.74 7.75 39.93
C PRO B 179 32.77 8.48 40.85
N ASP B 180 31.62 8.90 40.28
CA ASP B 180 30.58 9.62 41.03
C ASP B 180 29.92 8.68 42.04
N THR B 181 29.27 9.26 43.05
CA THR B 181 28.56 8.54 44.13
C THR B 181 27.27 7.92 43.58
N ASN B 182 26.59 8.67 42.67
CA ASN B 182 25.37 8.24 42.01
C ASN B 182 25.69 7.15 41.01
N ALA B 183 24.96 6.06 41.09
CA ALA B 183 25.08 4.90 40.22
C ALA B 183 23.84 4.68 39.42
N ARG B 184 23.99 4.19 38.20
CA ARG B 184 22.97 3.79 37.23
C ARG B 184 22.94 2.28 37.16
N THR B 185 21.74 1.71 37.11
CA THR B 185 21.53 0.26 37.01
C THR B 185 20.50 -0.05 35.95
N THR B 186 20.42 -1.32 35.52
CA THR B 186 19.41 -1.84 34.60
C THR B 186 18.93 -3.14 35.24
N ASP B 187 17.85 -3.74 34.74
CA ASP B 187 17.28 -4.95 35.34
C ASP B 187 17.95 -6.23 34.81
N LYS B 188 18.47 -6.24 33.55
CA LYS B 188 19.08 -7.42 32.95
C LYS B 188 20.10 -7.07 31.84
N ARG B 189 21.07 -7.98 31.60
CA ARG B 189 22.10 -7.95 30.55
C ARG B 189 22.18 -9.33 29.97
N THR B 190 22.40 -9.46 28.65
CA THR B 190 22.47 -10.75 27.97
C THR B 190 23.91 -11.19 27.83
N GLY B 191 24.14 -12.46 28.14
CA GLY B 191 25.43 -13.14 28.02
C GLY B 191 25.31 -14.03 26.81
N TYR B 192 26.02 -13.69 25.77
CA TYR B 192 25.96 -14.39 24.48
C TYR B 192 27.05 -15.46 24.37
N VAL B 193 26.75 -16.61 23.74
CA VAL B 193 27.66 -17.74 23.58
C VAL B 193 28.84 -17.34 22.69
N VAL B 194 30.05 -17.77 23.10
CA VAL B 194 31.29 -17.67 22.34
C VAL B 194 31.68 -19.14 21.98
N ASP B 195 31.78 -20.00 23.00
CA ASP B 195 32.07 -21.43 22.86
C ASP B 195 31.32 -22.18 24.02
N ASN B 196 31.79 -23.37 24.42
CA ASN B 196 31.11 -24.21 25.42
C ASN B 196 31.26 -23.67 26.85
N ASN B 197 32.35 -22.95 27.19
CA ASN B 197 32.51 -22.43 28.56
C ASN B 197 32.89 -20.91 28.54
N SER B 198 32.64 -20.22 27.41
CA SER B 198 32.91 -18.79 27.29
C SER B 198 31.71 -18.07 26.72
N ILE B 199 31.46 -16.87 27.26
CA ILE B 199 30.36 -15.98 26.87
C ILE B 199 30.88 -14.55 26.64
N PHE B 200 30.01 -13.65 26.12
CA PHE B 200 30.39 -12.25 26.00
C PHE B 200 29.20 -11.36 26.42
N PHE B 201 29.54 -10.19 26.94
CA PHE B 201 28.61 -9.14 27.33
C PHE B 201 28.97 -7.85 26.64
N TYR B 202 28.04 -6.88 26.62
CA TYR B 202 28.39 -5.55 26.17
C TYR B 202 28.65 -4.73 27.43
N ALA B 203 29.82 -4.09 27.48
CA ALA B 203 30.32 -3.33 28.62
C ALA B 203 29.27 -2.38 29.20
N GLY B 204 29.22 -2.30 30.53
CA GLY B 204 28.33 -1.43 31.29
C GLY B 204 26.88 -1.52 30.87
N LEU B 205 26.31 -0.35 30.47
CA LEU B 205 24.92 -0.22 30.06
C LEU B 205 24.80 0.10 28.58
N ILE B 206 25.85 -0.21 27.79
CA ILE B 206 25.87 0.00 26.34
C ILE B 206 24.64 -0.69 25.75
N ASN B 207 23.91 0.04 24.89
CA ASN B 207 22.69 -0.47 24.26
C ASN B 207 23.02 -1.67 23.37
N GLU B 208 22.45 -2.84 23.72
CA GLU B 208 22.60 -4.12 23.02
C GLU B 208 21.99 -4.08 21.61
N ASP B 209 21.18 -3.04 21.27
CA ASP B 209 20.54 -2.84 19.97
C ASP B 209 21.13 -1.62 19.22
N ASP B 211 23.98 0.59 16.82
CA ASP B 211 24.69 0.36 15.57
C ASP B 211 25.68 -0.78 15.78
N LYS B 212 25.54 -1.87 14.98
CA LYS B 212 26.32 -3.11 15.08
C LYS B 212 27.85 -2.87 14.95
N ASP B 213 28.28 -1.96 14.07
CA ASP B 213 29.71 -1.64 13.84
C ASP B 213 30.35 -1.02 15.07
N ARG B 215 28.71 -1.41 18.33
CA ARG B 215 28.53 -2.21 19.55
C ARG B 215 29.52 -3.37 19.64
N LYS B 216 30.02 -3.88 18.52
CA LYS B 216 30.98 -4.99 18.57
C LYS B 216 32.26 -4.59 19.33
N LYS B 217 32.52 -3.27 19.45
CA LYS B 217 33.70 -2.68 20.10
C LYS B 217 33.61 -2.77 21.61
N TYR B 218 32.40 -2.99 22.17
CA TYR B 218 32.15 -3.06 23.61
C TYR B 218 31.92 -4.51 24.12
N LYS B 219 32.34 -5.53 23.34
CA LYS B 219 32.23 -6.94 23.75
C LYS B 219 33.30 -7.28 24.79
N ILE B 220 32.89 -7.95 25.86
CA ILE B 220 33.78 -8.45 26.91
C ILE B 220 33.65 -9.96 26.91
N ASN B 221 34.72 -10.67 26.55
CA ASN B 221 34.77 -12.13 26.56
C ASN B 221 35.02 -12.59 27.99
N VAL B 222 34.11 -13.41 28.55
CA VAL B 222 34.15 -13.92 29.92
C VAL B 222 34.26 -15.44 29.87
N HIS B 223 35.40 -15.97 30.32
CA HIS B 223 35.67 -17.41 30.30
C HIS B 223 35.58 -17.95 31.74
N PHE B 224 34.81 -19.04 31.91
CA PHE B 224 34.56 -19.70 33.17
C PHE B 224 35.58 -20.85 33.40
N LYS B 225 36.47 -20.63 34.39
CA LYS B 225 37.55 -21.53 34.76
C LYS B 225 37.09 -22.51 35.86
N GLU B 226 37.80 -23.64 36.01
CA GLU B 226 37.46 -24.69 36.97
C GLU B 226 37.61 -24.23 38.42
N ASP B 227 38.55 -23.31 38.71
CA ASP B 227 38.81 -22.89 40.09
C ASP B 227 37.79 -21.81 40.58
N GLY B 228 36.82 -21.47 39.76
CA GLY B 228 35.83 -20.48 40.17
C GLY B 228 36.20 -19.04 39.91
N THR B 229 37.30 -18.82 39.19
CA THR B 229 37.73 -17.47 38.80
C THR B 229 37.29 -17.28 37.36
N LEU B 230 37.14 -16.03 36.95
CA LEU B 230 36.78 -15.70 35.58
C LEU B 230 37.91 -15.02 34.85
N ASP B 231 37.95 -15.18 33.50
CA ASP B 231 38.83 -14.43 32.59
C ASP B 231 37.96 -13.40 31.90
N LYS B 233 38.33 -10.25 29.32
CA LYS B 233 39.15 -9.48 28.38
C LYS B 233 38.25 -8.98 27.27
N GLN B 234 38.54 -7.76 26.81
CA GLN B 234 37.80 -7.17 25.72
C GLN B 234 38.10 -7.97 24.43
N ASP B 235 37.09 -8.06 23.53
CA ASP B 235 37.22 -8.73 22.24
C ASP B 235 38.10 -7.90 21.28
N ASP B 236 37.94 -6.54 21.30
CA ASP B 236 38.68 -5.59 20.44
C ASP B 236 40.20 -5.68 20.77
N PRO B 237 41.01 -6.17 19.81
CA PRO B 237 42.46 -6.29 20.06
C PRO B 237 43.11 -4.94 20.40
N SER B 238 42.67 -3.83 19.75
CA SER B 238 43.20 -2.49 19.96
C SER B 238 42.67 -1.86 21.25
N ASN B 239 41.63 -2.47 21.89
CA ASN B 239 41.01 -2.06 23.15
C ASN B 239 40.71 -0.55 23.13
N GLU B 240 39.93 -0.12 22.13
CA GLU B 240 39.63 1.30 21.96
C GLU B 240 38.75 1.79 23.12
N GLU B 242 39.26 1.00 26.13
CA GLU B 242 40.23 1.05 27.24
C GLU B 242 39.62 0.35 28.47
N PHE B 243 39.25 -0.91 28.21
CA PHE B 243 38.77 -1.84 29.23
C PHE B 243 39.91 -2.16 30.16
N GLU B 244 39.64 -2.10 31.44
CA GLU B 244 40.64 -2.41 32.44
C GLU B 244 39.96 -3.13 33.60
N LEU B 245 40.29 -4.42 33.74
CA LEU B 245 39.74 -5.26 34.79
C LEU B 245 40.37 -4.86 36.13
N ILE B 246 39.54 -4.81 37.18
CA ILE B 246 39.94 -4.45 38.53
C ILE B 246 39.76 -5.65 39.45
N GLY B 247 40.88 -6.11 40.02
CA GLY B 247 40.92 -7.25 40.92
C GLY B 247 40.80 -8.54 40.14
N THR B 248 40.31 -9.60 40.81
CA THR B 248 40.16 -10.90 40.16
C THR B 248 38.68 -11.24 40.20
N PRO B 249 37.98 -11.24 39.02
CA PRO B 249 36.54 -11.55 39.03
C PRO B 249 36.30 -13.04 39.32
N THR B 250 35.20 -13.35 40.02
CA THR B 250 34.87 -14.71 40.41
C THR B 250 33.43 -15.06 40.08
N TYR B 251 33.09 -16.36 40.13
CA TYR B 251 31.75 -16.82 39.86
C TYR B 251 31.40 -17.95 40.83
N SER B 252 30.11 -18.06 41.21
CA SER B 252 29.62 -19.14 42.05
C SER B 252 28.38 -19.75 41.41
N SER B 253 28.32 -21.08 41.45
CA SER B 253 27.23 -21.84 40.89
C SER B 253 26.54 -22.60 42.02
N THR B 254 25.24 -22.32 42.25
CA THR B 254 24.45 -22.99 43.30
C THR B 254 23.13 -23.48 42.73
N SER B 255 22.44 -24.36 43.46
CA SER B 255 21.18 -24.97 43.02
C SER B 255 20.24 -25.17 44.20
N VAL B 256 18.96 -24.78 44.01
CA VAL B 256 17.89 -24.94 45.02
C VAL B 256 16.74 -25.71 44.39
N ASP B 258 12.74 -26.36 44.06
CA ASP B 258 11.53 -25.55 44.29
C ASP B 258 10.68 -26.16 45.41
N ALA B 259 10.04 -25.27 46.18
CA ALA B 259 9.19 -25.66 47.30
C ALA B 259 7.89 -26.27 46.79
N THR B 260 7.16 -25.50 45.92
CA THR B 260 5.86 -25.81 45.29
C THR B 260 6.03 -27.07 44.39
N ARG B 261 6.86 -26.97 43.33
CA ARG B 261 7.17 -28.06 42.39
C ARG B 261 8.46 -28.75 42.85
N PRO B 262 8.35 -29.91 43.53
CA PRO B 262 9.53 -30.54 44.14
C PRO B 262 10.55 -31.13 43.14
N TYR B 263 10.20 -31.32 41.85
CA TYR B 263 11.17 -31.90 40.90
C TYR B 263 11.91 -30.79 40.13
N LEU B 264 11.46 -29.54 40.29
CA LEU B 264 12.05 -28.39 39.65
C LEU B 264 13.29 -27.94 40.42
N GLU B 265 14.40 -27.76 39.68
CA GLU B 265 15.69 -27.31 40.19
C GLU B 265 16.02 -25.97 39.62
N ARG B 266 16.31 -25.02 40.50
CA ARG B 266 16.69 -23.67 40.07
C ARG B 266 18.18 -23.59 40.21
N ARG B 267 18.89 -23.39 39.07
CA ARG B 267 20.33 -23.37 39.03
C ARG B 267 20.77 -21.94 38.76
N TYR B 268 21.58 -21.39 39.70
CA TYR B 268 22.05 -20.01 39.67
C TYR B 268 23.55 -19.94 39.42
N VAL B 269 23.95 -19.03 38.53
CA VAL B 269 25.35 -18.73 38.21
C VAL B 269 25.54 -17.23 38.47
N GLN B 270 26.22 -16.91 39.58
CA GLN B 270 26.49 -15.54 39.99
C GLN B 270 27.89 -15.16 39.59
N ILE B 271 28.05 -14.07 38.83
CA ILE B 271 29.37 -13.57 38.43
C ILE B 271 29.61 -12.27 39.20
N PHE B 273 32.35 -9.10 39.56
CA PHE B 273 33.39 -8.42 38.77
C PHE B 273 33.42 -6.93 39.03
N GLU B 274 34.51 -6.28 38.57
CA GLU B 274 34.73 -4.84 38.66
C GLU B 274 35.69 -4.40 37.53
N TYR B 275 35.30 -3.42 36.73
CA TYR B 275 36.14 -2.96 35.62
C TYR B 275 35.84 -1.49 35.24
N ASP B 276 36.74 -0.89 34.46
CA ASP B 276 36.62 0.42 33.85
C ASP B 276 36.58 0.29 32.35
N PHE B 277 35.78 1.16 31.70
CA PHE B 277 35.71 1.24 30.24
C PHE B 277 35.23 2.64 29.84
N GLN B 278 35.31 2.93 28.56
CA GLN B 278 34.90 4.22 28.03
C GLN B 278 33.95 4.06 26.89
N ASP B 279 32.90 4.91 26.88
CA ASP B 279 31.95 5.03 25.78
C ASP B 279 32.49 6.16 24.90
N PHE B 280 32.93 5.81 23.70
CA PHE B 280 33.54 6.76 22.76
C PHE B 280 32.72 6.83 21.45
N THR B 281 31.48 6.30 21.48
CA THR B 281 30.60 6.19 20.31
C THR B 281 29.18 6.76 20.54
N TYR B 282 28.93 7.41 21.69
CA TYR B 282 27.61 7.93 22.06
C TYR B 282 27.14 9.10 21.20
N GLY B 283 28.05 9.73 20.44
CA GLY B 283 27.70 10.87 19.60
C GLY B 283 27.03 10.53 18.29
N GLY B 284 27.04 9.25 17.98
CA GLY B 284 26.59 8.72 16.71
C GLY B 284 27.84 8.26 16.00
N SER B 285 27.73 7.96 14.72
CA SER B 285 28.94 7.51 14.02
C SER B 285 29.71 8.75 13.49
N GLY B 286 30.92 8.51 12.97
CA GLY B 286 31.80 9.53 12.41
C GLY B 286 32.45 10.47 13.40
N THR B 287 31.59 11.17 14.14
CA THR B 287 31.88 12.21 15.13
C THR B 287 32.86 11.71 16.24
N GLU B 288 33.99 12.44 16.43
CA GLU B 288 34.92 12.15 17.53
C GLU B 288 34.48 12.97 18.73
N VAL B 289 34.14 12.26 19.82
CA VAL B 289 33.60 12.77 21.07
C VAL B 289 34.57 12.54 22.25
N ILE B 290 34.32 13.24 23.36
CA ILE B 290 35.08 13.06 24.60
C ILE B 290 34.60 11.75 25.22
N PRO B 291 35.47 10.73 25.38
CA PRO B 291 34.98 9.48 25.98
C PRO B 291 34.45 9.70 27.39
N ILE B 292 33.39 8.96 27.76
CA ILE B 292 32.77 8.96 29.09
C ILE B 292 33.25 7.71 29.78
N LYS B 293 34.12 7.88 30.78
CA LYS B 293 34.70 6.74 31.49
C LYS B 293 33.70 6.28 32.55
N TYR B 294 33.55 4.96 32.69
CA TYR B 294 32.64 4.36 33.67
C TYR B 294 33.34 3.34 34.53
N ARG B 295 32.91 3.25 35.79
CA ARG B 295 33.28 2.21 36.74
C ARG B 295 32.10 1.25 36.86
N VAL B 296 32.29 0.00 36.41
CA VAL B 296 31.26 -1.04 36.51
C VAL B 296 31.65 -1.96 37.67
N ALA B 297 30.75 -2.12 38.66
CA ALA B 297 31.04 -2.93 39.84
C ALA B 297 29.78 -3.54 40.44
N GLY B 298 29.88 -4.81 40.82
CA GLY B 298 28.80 -5.55 41.45
C GLY B 298 28.77 -7.00 41.03
N SER B 299 27.54 -7.52 40.85
CA SER B 299 27.31 -8.90 40.43
C SER B 299 26.06 -9.01 39.51
N THR B 301 23.37 -12.41 38.07
CA THR B 301 23.05 -13.80 38.33
C THR B 301 22.14 -14.35 37.25
N LEU B 302 22.50 -15.51 36.73
CA LEU B 302 21.72 -16.21 35.71
C LEU B 302 20.93 -17.34 36.33
N LEU B 303 19.63 -17.42 36.04
CA LEU B 303 18.77 -18.53 36.50
C LEU B 303 18.48 -19.48 35.33
N ARG B 304 18.51 -20.78 35.62
CA ARG B 304 18.20 -21.88 34.71
C ARG B 304 17.29 -22.83 35.44
N ASN B 305 16.05 -22.99 34.95
CA ASN B 305 15.03 -23.85 35.57
C ASN B 305 15.09 -25.21 34.90
N ILE B 306 15.36 -26.25 35.70
CA ILE B 306 15.55 -27.64 35.23
C ILE B 306 14.52 -28.58 35.86
N ASN B 307 13.82 -29.37 35.01
CA ASN B 307 12.82 -30.36 35.37
C ASN B 307 13.53 -31.67 35.46
N THR B 308 14.04 -32.00 36.66
CA THR B 308 14.92 -33.15 36.93
C THR B 308 14.18 -34.52 36.67
N GLN B 309 12.84 -34.53 36.42
CA GLN B 309 12.09 -35.75 36.04
C GLN B 309 12.45 -36.17 34.59
N ILE B 310 12.80 -35.18 33.73
CA ILE B 310 13.26 -35.37 32.35
C ILE B 310 14.79 -35.62 32.39
N PRO B 311 15.29 -36.84 32.09
CA PRO B 311 16.75 -37.08 32.20
C PRO B 311 17.61 -36.34 31.14
N ASP B 312 17.10 -36.04 29.91
CA ASP B 312 17.88 -35.36 28.87
C ASP B 312 18.30 -33.94 29.30
N GLU B 313 19.62 -33.59 29.17
CA GLU B 313 20.19 -32.31 29.62
C GLU B 313 19.63 -31.09 28.85
N ASP B 314 18.97 -31.31 27.69
CA ASP B 314 18.41 -30.21 26.92
C ASP B 314 16.90 -30.13 27.02
N GLN B 315 16.24 -31.29 27.09
CA GLN B 315 14.78 -31.36 27.12
C GLN B 315 14.23 -30.91 28.49
N GLN B 316 15.04 -31.09 29.56
CA GLN B 316 14.70 -30.77 30.94
C GLN B 316 14.66 -29.24 31.19
N ILE B 317 15.31 -28.43 30.34
CA ILE B 317 15.34 -26.99 30.55
C ILE B 317 13.98 -26.39 30.22
N GLU B 318 13.45 -25.62 31.15
CA GLU B 318 12.20 -24.92 31.01
C GLU B 318 12.48 -23.45 30.66
N TRP B 319 12.45 -23.16 29.34
CA TRP B 319 12.61 -21.82 28.79
C TRP B 319 11.26 -21.08 28.78
N VAL C 13 24.98 11.39 -14.08
CA VAL C 13 25.14 12.68 -13.39
C VAL C 13 24.52 12.61 -11.98
N SER C 14 25.33 12.89 -10.92
CA SER C 14 24.86 12.86 -9.53
C SER C 14 25.54 13.96 -8.65
N PHE C 15 25.22 13.95 -7.34
CA PHE C 15 25.71 14.86 -6.29
C PHE C 15 26.77 14.18 -5.42
N LYS C 16 27.75 14.94 -4.95
CA LYS C 16 28.75 14.36 -4.07
C LYS C 16 29.03 15.29 -2.89
N ALA C 17 28.38 15.02 -1.76
CA ALA C 17 28.59 15.80 -0.52
C ALA C 17 29.85 15.27 0.23
N PRO C 18 30.51 16.06 1.13
CA PRO C 18 31.73 15.58 1.80
C PRO C 18 31.55 14.27 2.59
N ILE C 19 30.39 14.05 3.20
CA ILE C 19 30.11 12.82 3.94
C ILE C 19 28.98 12.07 3.22
N ALA C 20 28.98 10.73 3.35
CA ALA C 20 27.94 9.89 2.75
C ALA C 20 26.65 10.03 3.56
N SER C 21 25.48 9.82 2.90
CA SER C 21 24.14 9.92 3.50
C SER C 21 23.92 8.87 4.62
N GLY C 22 22.97 9.14 5.50
CA GLY C 22 22.61 8.27 6.63
C GLY C 22 21.80 7.06 6.23
N SER C 23 21.04 6.50 7.19
CA SER C 23 20.22 5.32 6.92
C SER C 23 18.95 5.66 6.13
N ASP C 24 18.52 6.96 6.12
CA ASP C 24 17.30 7.43 5.46
C ASP C 24 17.49 8.12 4.09
N GLY C 25 18.72 8.45 3.72
CA GLY C 25 18.99 9.10 2.45
C GLY C 25 19.27 10.58 2.63
N VAL C 26 19.26 11.01 3.90
CA VAL C 26 19.51 12.40 4.26
C VAL C 26 21.01 12.58 4.54
N THR C 27 21.61 13.57 3.86
CA THR C 27 23.00 13.97 3.95
C THR C 27 23.11 15.22 4.80
N THR C 28 23.92 15.17 5.86
CA THR C 28 24.13 16.33 6.74
C THR C 28 25.22 17.23 6.14
N ILE C 29 24.93 18.52 5.99
CA ILE C 29 25.89 19.51 5.50
C ILE C 29 26.07 20.55 6.62
N TYR C 30 27.32 20.98 6.83
CA TYR C 30 27.64 21.93 7.89
C TYR C 30 27.97 23.27 7.28
N VAL C 31 27.14 24.30 7.58
CA VAL C 31 27.32 25.66 7.04
C VAL C 31 27.60 26.59 8.19
N ARG C 32 28.64 27.41 8.06
CA ARG C 32 29.03 28.32 9.11
C ARG C 32 28.10 29.54 9.16
N TYR C 33 27.58 29.86 10.37
CA TYR C 33 26.86 31.10 10.59
C TYR C 33 27.92 32.19 10.70
N LYS C 34 27.82 33.21 9.85
CA LYS C 34 28.80 34.26 9.80
C LYS C 34 28.14 35.67 9.94
N ASP C 35 28.61 36.62 9.11
CA ASP C 35 28.19 38.01 9.03
C ASP C 35 26.73 38.07 8.52
N ASN C 36 25.77 38.28 9.45
CA ASN C 36 24.31 38.34 9.26
C ASN C 36 23.78 37.00 8.65
N GLY C 37 24.51 35.91 8.90
CA GLY C 37 24.13 34.56 8.48
C GLY C 37 24.05 34.30 6.98
N LYS C 38 24.80 35.05 6.18
CA LYS C 38 24.84 34.84 4.74
C LYS C 38 26.05 33.95 4.45
N VAL C 39 25.79 32.71 4.03
CA VAL C 39 26.84 31.73 3.75
C VAL C 39 26.47 30.96 2.48
N THR C 40 27.50 30.57 1.73
CA THR C 40 27.38 29.79 0.50
C THR C 40 27.93 28.37 0.71
N TYR C 41 27.13 27.38 0.32
CA TYR C 41 27.56 25.99 0.36
C TYR C 41 27.79 25.55 -1.05
N GLN C 42 29.02 25.12 -1.31
CA GLN C 42 29.41 24.64 -2.63
C GLN C 42 29.32 23.12 -2.59
N LEU C 43 28.34 22.59 -3.34
CA LEU C 43 28.00 21.19 -3.45
C LEU C 43 28.41 20.62 -4.77
N PRO C 44 29.43 19.74 -4.81
CA PRO C 44 29.84 19.13 -6.09
C PRO C 44 28.72 18.45 -6.86
N ILE C 45 28.83 18.50 -8.20
CA ILE C 45 27.96 17.86 -9.18
C ILE C 45 28.93 17.08 -10.07
N ILE C 46 29.10 15.79 -9.73
CA ILE C 46 30.04 14.83 -10.31
C ILE C 46 29.46 14.14 -11.56
N VAL C 47 30.36 13.51 -12.35
CA VAL C 47 30.06 12.72 -13.57
C VAL C 47 30.79 11.38 -13.46
N SER C 48 30.06 10.26 -13.69
CA SER C 48 30.67 8.93 -13.63
C SER C 48 30.34 8.15 -14.90
N VAL C 52 35.46 9.81 -20.40
CA VAL C 52 35.62 11.26 -20.35
C VAL C 52 34.39 11.95 -20.94
N ASN C 53 33.87 12.99 -20.24
CA ASN C 53 32.69 13.74 -20.67
C ASN C 53 33.03 14.55 -21.94
N SER C 54 32.43 14.16 -23.09
CA SER C 54 32.66 14.80 -24.38
C SER C 54 31.48 15.73 -24.78
N GLN C 55 30.53 15.97 -23.85
CA GLN C 55 29.36 16.80 -24.10
C GLN C 55 29.31 18.04 -23.18
N ASP C 56 28.92 19.20 -23.74
CA ASP C 56 28.68 20.44 -23.00
C ASP C 56 27.25 20.30 -22.41
N ARG C 57 27.17 19.77 -21.18
CA ARG C 57 25.91 19.43 -20.50
C ARG C 57 25.40 20.56 -19.60
N ASP C 58 24.10 20.86 -19.73
CA ASP C 58 23.38 21.83 -18.91
C ASP C 58 22.43 21.05 -18.00
N ILE C 59 22.88 20.77 -16.77
CA ILE C 59 22.19 19.97 -15.74
C ILE C 59 21.21 20.86 -14.93
N HIS C 60 19.90 20.53 -15.02
CA HIS C 60 18.81 21.26 -14.39
C HIS C 60 18.52 20.70 -13.00
N ILE C 61 18.53 21.57 -11.97
CA ILE C 61 18.30 21.24 -10.56
C ILE C 61 16.98 21.90 -10.12
N ALA C 62 16.19 21.18 -9.30
CA ALA C 62 14.91 21.65 -8.78
C ALA C 62 14.68 21.16 -7.35
N VAL C 63 13.84 21.86 -6.59
CA VAL C 63 13.49 21.47 -5.23
C VAL C 63 12.43 20.35 -5.33
N ASP C 64 12.73 19.19 -4.70
CA ASP C 64 11.90 17.99 -4.74
C ASP C 64 11.13 17.82 -3.41
N LYS C 65 10.06 18.61 -3.25
CA LYS C 65 9.21 18.61 -2.05
C LYS C 65 8.66 17.20 -1.75
N ASP C 66 8.25 16.45 -2.81
CA ASP C 66 7.62 15.13 -2.76
C ASP C 66 8.53 14.03 -2.17
N THR C 67 9.84 13.97 -2.52
CA THR C 67 10.73 12.93 -1.98
C THR C 67 10.84 13.08 -0.47
N LEU C 68 10.92 14.32 0.03
CA LEU C 68 11.01 14.62 1.46
C LEU C 68 9.71 14.18 2.19
N LYS C 69 8.51 14.43 1.59
CA LYS C 69 7.21 14.04 2.18
C LYS C 69 7.13 12.52 2.28
N THR C 70 7.54 11.80 1.22
CA THR C 70 7.54 10.35 1.17
C THR C 70 8.48 9.79 2.26
N LEU C 71 9.67 10.40 2.45
CA LEU C 71 10.63 9.96 3.46
C LEU C 71 10.04 10.12 4.87
N ASN C 72 9.50 11.31 5.19
CA ASN C 72 8.90 11.60 6.49
C ASN C 72 7.83 10.56 6.83
N ILE C 73 6.93 10.25 5.91
CA ILE C 73 5.89 9.23 6.10
C ILE C 73 6.52 7.84 6.31
N GLU C 74 7.44 7.45 5.43
CA GLU C 74 8.03 6.12 5.44
C GLU C 74 8.88 5.89 6.71
N ARG C 75 9.62 6.90 7.14
CA ARG C 75 10.51 6.74 8.30
C ARG C 75 9.78 6.94 9.60
N PHE C 76 9.03 8.06 9.74
CA PHE C 76 8.42 8.43 11.01
C PHE C 76 6.94 8.10 11.08
N SER C 77 6.19 8.15 9.97
CA SER C 77 4.73 7.92 9.86
C SER C 77 3.97 9.21 10.12
N LEU C 78 2.67 9.25 9.78
CA LEU C 78 1.84 10.44 9.95
C LEU C 78 1.55 10.75 11.42
N TYR C 79 1.84 9.80 12.31
CA TYR C 79 1.50 9.86 13.72
C TYR C 79 2.66 10.36 14.58
N ARG C 80 3.84 10.60 13.98
CA ARG C 80 4.98 11.19 14.70
C ARG C 80 5.50 12.44 13.95
N PRO C 81 4.68 13.52 13.79
CA PRO C 81 5.14 14.70 13.04
C PRO C 81 6.25 15.50 13.74
N GLU C 82 6.43 15.30 15.06
CA GLU C 82 7.45 16.01 15.85
C GLU C 82 8.86 15.56 15.43
N LEU C 83 8.97 14.39 14.77
CA LEU C 83 10.21 13.78 14.28
C LEU C 83 10.52 14.11 12.83
N TRP C 84 9.57 14.71 12.14
CA TRP C 84 9.62 15.03 10.71
C TRP C 84 10.62 16.09 10.33
N TYR C 85 11.18 15.94 9.13
CA TYR C 85 12.06 16.94 8.55
C TYR C 85 11.22 18.04 7.99
N THR C 86 11.71 19.27 8.02
CA THR C 86 10.95 20.40 7.52
C THR C 86 11.62 20.93 6.26
N GLU C 87 10.86 21.12 5.18
CA GLU C 87 11.40 21.68 3.95
C GLU C 87 11.85 23.07 4.24
N GLU C 89 12.56 26.88 4.04
CA GLU C 89 11.80 28.05 3.57
C GLU C 89 12.51 28.66 2.35
N GLU C 90 11.74 29.00 1.28
CA GLU C 90 12.27 29.56 0.02
C GLU C 90 13.04 30.88 0.22
N ASP C 91 12.71 31.66 1.27
CA ASP C 91 13.35 32.93 1.60
C ASP C 91 14.77 32.73 2.23
N LYS C 92 15.10 31.50 2.69
CA LYS C 92 16.37 31.19 3.35
C LYS C 92 17.42 30.60 2.39
N TYR C 93 17.10 30.32 1.11
CA TYR C 93 18.07 29.77 0.14
C TYR C 93 17.80 30.22 -1.31
N GLU C 94 18.85 30.16 -2.14
CA GLU C 94 18.86 30.42 -3.58
C GLU C 94 19.98 29.62 -4.24
N PHE C 95 19.71 29.01 -5.39
CA PHE C 95 20.69 28.24 -6.15
C PHE C 95 20.36 28.33 -7.65
N PRO C 96 21.36 28.32 -8.56
CA PRO C 96 21.05 28.38 -10.00
C PRO C 96 20.26 27.15 -10.46
N GLU C 97 19.19 27.41 -11.23
CA GLU C 97 18.30 26.39 -11.79
C GLU C 97 19.09 25.45 -12.72
N THR C 98 20.07 26.01 -13.48
CA THR C 98 20.90 25.27 -14.43
C THR C 98 22.39 25.36 -14.02
N VAL C 99 23.12 24.20 -14.07
CA VAL C 99 24.56 24.04 -13.78
C VAL C 99 25.25 23.52 -15.03
N HIS C 100 26.13 24.36 -15.59
CA HIS C 100 26.81 24.02 -16.81
C HIS C 100 28.12 23.32 -16.50
N ILE C 101 28.25 22.10 -17.01
CA ILE C 101 29.46 21.30 -16.90
C ILE C 101 29.97 21.22 -18.32
N PRO C 102 31.05 21.97 -18.70
CA PRO C 102 31.50 21.97 -20.10
C PRO C 102 32.10 20.63 -20.52
N ALA C 103 32.20 20.37 -21.85
CA ALA C 103 32.82 19.14 -22.33
C ALA C 103 34.28 19.08 -21.86
N GLY C 104 34.60 18.07 -21.06
CA GLY C 104 35.92 17.88 -20.49
C GLY C 104 35.97 17.89 -18.98
N SER C 105 35.15 18.78 -18.33
CA SER C 105 35.12 19.10 -16.87
C SER C 105 34.80 17.92 -15.94
N CYS C 106 33.68 17.20 -16.16
CA CYS C 106 33.16 16.03 -15.40
C CYS C 106 32.80 16.39 -13.89
N VAL C 107 33.37 17.48 -13.27
CA VAL C 107 33.05 17.88 -11.87
C VAL C 107 32.83 19.41 -11.81
N GLU C 108 31.68 19.84 -11.22
CA GLU C 108 31.31 21.26 -11.04
C GLU C 108 30.60 21.49 -9.68
N LEU C 109 30.76 22.69 -9.09
CA LEU C 109 30.20 23.06 -7.80
C LEU C 109 28.92 23.88 -7.93
N LEU C 110 27.84 23.40 -7.29
CA LEU C 110 26.52 24.05 -7.22
C LEU C 110 26.59 25.03 -6.10
N ASN C 111 26.36 26.33 -6.37
CA ASN C 111 26.47 27.35 -5.31
C ASN C 111 25.11 27.62 -4.68
N ILE C 112 24.92 27.06 -3.45
CA ILE C 112 23.69 27.24 -2.67
C ILE C 112 23.94 28.38 -1.71
N ASP C 113 23.31 29.51 -1.96
CA ASP C 113 23.45 30.70 -1.14
C ASP C 113 22.37 30.70 -0.08
N PHE C 114 22.77 30.57 1.19
CA PHE C 114 21.83 30.60 2.30
C PHE C 114 21.82 31.96 2.99
N ASN C 115 20.65 32.33 3.50
CA ASN C 115 20.39 33.47 4.39
C ASN C 115 19.81 32.88 5.65
N LEU C 116 20.67 32.56 6.62
CA LEU C 116 20.28 31.87 7.82
C LEU C 116 19.88 32.82 8.95
N GLN C 117 19.86 34.16 8.72
CA GLN C 117 19.50 35.08 9.79
C GLN C 117 18.11 34.74 10.33
N ASP C 118 18.04 34.55 11.68
CA ASP C 118 16.87 34.27 12.51
C ASP C 118 16.27 32.90 12.16
N ILE C 119 17.16 31.92 11.90
CA ILE C 119 16.73 30.55 11.58
C ILE C 119 16.29 29.88 12.86
N ASP C 120 15.14 29.22 12.85
CA ASP C 120 14.69 28.52 14.06
C ASP C 120 15.18 27.13 13.95
N LEU C 122 14.70 24.78 15.87
CA LEU C 122 13.72 23.88 16.47
C LEU C 122 13.38 22.81 15.44
N GLU C 123 13.44 23.20 14.14
CA GLU C 123 13.12 22.39 12.96
C GLU C 123 14.37 21.69 12.38
N LYS C 124 14.20 20.46 11.89
CA LYS C 124 15.25 19.74 11.20
C LYS C 124 15.13 20.11 9.74
N TRP C 125 15.81 21.19 9.32
CA TRP C 125 15.72 21.73 7.97
C TRP C 125 16.39 20.83 6.97
N VAL C 126 15.66 20.54 5.89
CA VAL C 126 16.14 19.76 4.76
C VAL C 126 15.81 20.49 3.48
N LEU C 127 16.81 20.60 2.59
CA LEU C 127 16.70 21.17 1.25
C LEU C 127 16.71 19.97 0.29
N PRO C 128 15.52 19.54 -0.21
CA PRO C 128 15.47 18.37 -1.09
C PRO C 128 15.75 18.79 -2.53
N LEU C 129 16.86 18.31 -3.10
CA LEU C 129 17.27 18.64 -4.46
C LEU C 129 17.21 17.43 -5.36
N THR C 130 16.92 17.66 -6.62
CA THR C 130 16.85 16.59 -7.62
C THR C 130 17.35 17.11 -8.96
N ILE C 131 17.94 16.22 -9.77
CA ILE C 131 18.39 16.51 -11.12
C ILE C 131 17.21 16.16 -12.02
N VAL C 132 16.56 17.17 -12.62
CA VAL C 132 15.36 16.94 -13.44
C VAL C 132 15.81 16.63 -14.91
N ASP C 133 16.98 17.14 -15.32
CA ASP C 133 17.58 16.92 -16.64
C ASP C 133 19.10 16.92 -16.48
N ASP C 134 19.77 15.87 -16.99
CA ASP C 134 21.23 15.73 -16.91
C ASP C 134 21.93 16.30 -18.19
N GLY C 135 21.14 16.86 -19.11
CA GLY C 135 21.63 17.48 -20.34
C GLY C 135 22.21 16.52 -21.37
N SER C 136 21.75 15.24 -21.35
CA SER C 136 22.19 14.17 -22.25
C SER C 136 21.52 14.30 -23.64
N ALA C 148 18.72 11.37 -9.81
CA ALA C 148 19.66 11.56 -8.71
C ALA C 148 19.13 12.62 -7.74
N LYS C 149 19.03 12.25 -6.46
CA LYS C 149 18.52 13.13 -5.41
C LYS C 149 19.59 13.47 -4.37
N ALA C 150 19.33 14.56 -3.63
CA ALA C 150 20.15 15.01 -2.51
C ALA C 150 19.23 15.62 -1.47
N LEU C 151 19.15 14.96 -0.32
CA LEU C 151 18.33 15.45 0.79
C LEU C 151 19.27 16.08 1.76
N LEU C 152 19.52 17.37 1.58
CA LEU C 152 20.50 18.13 2.37
C LEU C 152 19.92 18.63 3.67
N LYS C 153 20.33 17.99 4.80
CA LYS C 153 19.99 18.42 6.16
C LYS C 153 20.93 19.53 6.51
N VAL C 154 20.47 20.79 6.40
CA VAL C 154 21.28 21.99 6.60
C VAL C 154 21.45 22.19 8.12
N VAL C 155 22.69 22.04 8.57
CA VAL C 155 23.07 22.19 9.97
C VAL C 155 23.98 23.42 10.12
N PRO C 156 23.43 24.59 10.51
CA PRO C 156 24.30 25.74 10.74
C PRO C 156 25.20 25.47 11.95
N PHE C 157 26.40 26.07 11.96
CA PHE C 157 27.29 25.90 13.08
C PHE C 157 28.06 27.19 13.34
N ASN C 158 28.46 27.37 14.61
CA ASN C 158 29.35 28.42 15.06
C ASN C 158 30.47 27.75 15.87
N ASN C 159 31.35 28.52 16.50
CA ASN C 159 32.45 27.95 17.28
C ASN C 159 32.00 27.34 18.59
N TYR C 160 30.68 27.40 18.92
CA TYR C 160 30.09 26.98 20.19
C TYR C 160 28.92 25.99 20.03
N SER C 161 28.60 25.57 18.79
CA SER C 161 27.46 24.67 18.57
C SER C 161 27.91 23.24 18.26
N GLY C 162 27.01 22.30 18.51
CA GLY C 162 27.21 20.88 18.31
C GLY C 162 26.73 20.04 19.45
N SER C 163 27.24 18.83 19.53
CA SER C 163 26.87 17.86 20.55
C SER C 163 27.85 17.98 21.74
N TYR C 164 27.36 18.57 22.86
CA TYR C 164 28.09 18.73 24.12
C TYR C 164 28.01 17.50 24.96
N THR C 165 29.12 17.09 25.59
CA THR C 165 29.18 15.96 26.55
C THR C 165 28.49 16.47 27.81
N ALA C 166 27.43 15.80 28.27
CA ALA C 166 26.70 16.29 29.43
C ALA C 166 26.76 15.31 30.63
N SER C 167 27.81 14.47 30.72
CA SER C 167 27.99 13.47 31.79
C SER C 167 28.22 14.12 33.19
N SER C 168 28.74 15.39 33.21
CA SER C 168 29.01 16.15 34.43
C SER C 168 27.83 17.10 34.75
N LYS C 170 24.22 17.37 36.22
CA LYS C 170 23.29 16.66 37.12
C LYS C 170 21.95 17.40 37.22
N VAL C 171 20.84 16.65 37.09
CA VAL C 171 19.49 17.21 37.17
C VAL C 171 18.80 16.59 38.40
N TYR C 172 18.57 17.43 39.41
CA TYR C 172 17.94 17.04 40.67
C TYR C 172 16.47 17.40 40.68
N THR C 173 15.61 16.46 41.10
CA THR C 173 14.18 16.69 41.19
C THR C 173 13.85 17.34 42.54
N TYR C 174 13.04 18.45 42.54
CA TYR C 174 12.55 19.06 43.77
C TYR C 174 11.50 18.16 44.41
N ILE C 175 11.84 17.64 45.59
CA ILE C 175 10.95 16.82 46.39
C ILE C 175 10.77 17.56 47.72
N ASN C 176 9.51 17.99 48.01
CA ASN C 176 9.10 18.72 49.21
C ASN C 176 9.92 20.03 49.35
N GLY C 177 9.91 20.81 48.27
CA GLY C 177 10.55 22.13 48.20
C GLY C 177 12.06 22.20 48.14
N LYS C 178 12.74 21.05 48.31
CA LYS C 178 14.20 21.04 48.25
C LYS C 178 14.69 20.02 47.19
N PRO C 179 15.80 20.32 46.46
CA PRO C 179 16.29 19.36 45.46
C PRO C 179 16.70 18.06 46.11
N ASP C 180 16.30 16.92 45.51
CA ASP C 180 16.62 15.57 46.00
C ASP C 180 18.13 15.31 45.88
N THR C 181 18.63 14.33 46.64
CA THR C 181 20.02 13.90 46.71
C THR C 181 20.36 13.13 45.43
N ASN C 182 19.41 12.30 44.95
CA ASN C 182 19.56 11.52 43.73
C ASN C 182 19.47 12.43 42.52
N ALA C 183 20.44 12.29 41.62
CA ALA C 183 20.54 13.06 40.39
C ALA C 183 20.42 12.16 39.19
N ARG C 184 19.86 12.69 38.11
CA ARG C 184 19.70 12.08 36.80
C ARG C 184 20.66 12.75 35.83
N THR C 185 21.29 11.96 34.95
CA THR C 185 22.24 12.46 33.95
C THR C 185 21.97 11.83 32.61
N THR C 186 22.50 12.45 31.53
CA THR C 186 22.47 11.94 30.16
C THR C 186 23.89 12.07 29.65
N ASP C 187 24.18 11.47 28.49
CA ASP C 187 25.55 11.46 27.96
C ASP C 187 25.85 12.71 27.13
N LYS C 188 24.82 13.33 26.49
CA LYS C 188 25.00 14.50 25.62
C LYS C 188 23.72 15.37 25.50
N ARG C 189 23.90 16.67 25.20
CA ARG C 189 22.88 17.67 24.90
C ARG C 189 23.34 18.44 23.68
N THR C 190 22.41 18.79 22.76
CA THR C 190 22.74 19.53 21.53
C THR C 190 22.58 21.03 21.77
N GLY C 191 23.60 21.77 21.39
CA GLY C 191 23.61 23.22 21.42
C GLY C 191 23.37 23.68 20.00
N TYR C 192 22.18 24.26 19.73
CA TYR C 192 21.73 24.70 18.39
C TYR C 192 22.07 26.16 18.15
N VAL C 193 22.41 26.52 16.89
CA VAL C 193 22.81 27.89 16.52
C VAL C 193 21.63 28.85 16.62
N VAL C 194 21.89 30.05 17.15
CA VAL C 194 20.96 31.18 17.19
C VAL C 194 21.56 32.25 16.23
N ASP C 195 22.84 32.62 16.47
CA ASP C 195 23.60 33.57 15.64
C ASP C 195 25.09 33.16 15.70
N ASN C 196 26.02 34.08 15.44
CA ASN C 196 27.46 33.77 15.34
C ASN C 196 28.10 33.45 16.71
N ASN C 197 27.60 34.03 17.82
CA ASN C 197 28.21 33.77 19.13
C ASN C 197 27.12 33.36 20.19
N SER C 198 25.92 32.95 19.73
CA SER C 198 24.84 32.51 20.61
C SER C 198 24.27 31.19 20.14
N ILE C 199 23.93 30.33 21.10
CA ILE C 199 23.35 29.03 20.82
C ILE C 199 22.10 28.87 21.72
N PHE C 200 21.42 27.72 21.64
CA PHE C 200 20.33 27.40 22.56
C PHE C 200 20.37 25.91 22.88
N PHE C 201 19.91 25.59 24.10
CA PHE C 201 19.72 24.21 24.60
C PHE C 201 18.29 24.01 25.05
N TYR C 202 17.88 22.76 25.23
CA TYR C 202 16.60 22.49 25.86
C TYR C 202 16.91 22.20 27.33
N ALA C 203 16.23 22.92 28.23
CA ALA C 203 16.42 22.86 29.69
C ALA C 203 16.47 21.41 30.21
N GLY C 204 17.36 21.20 31.17
CA GLY C 204 17.55 19.91 31.83
C GLY C 204 17.69 18.74 30.90
N LEU C 205 16.80 17.74 31.07
CA LEU C 205 16.77 16.49 30.29
C LEU C 205 15.51 16.41 29.41
N ILE C 206 14.91 17.57 29.09
CA ILE C 206 13.73 17.68 28.22
C ILE C 206 14.07 16.99 26.90
N ASN C 207 13.17 16.09 26.44
CA ASN C 207 13.39 15.32 25.22
C ASN C 207 13.44 16.26 24.03
N GLU C 208 14.61 16.29 23.34
CA GLU C 208 14.90 17.13 22.15
C GLU C 208 14.00 16.77 20.94
N ASP C 209 13.25 15.61 21.00
CA ASP C 209 12.33 15.12 19.99
C ASP C 209 10.85 15.17 20.48
N ASP C 211 6.96 17.01 21.32
CA ASP C 211 6.03 17.90 20.60
C ASP C 211 6.68 19.29 20.49
N LYS C 212 6.88 19.75 19.24
CA LYS C 212 7.55 21.01 18.89
C LYS C 212 6.94 22.22 19.59
N ASP C 213 5.59 22.31 19.69
CA ASP C 213 4.88 23.45 20.31
C ASP C 213 5.19 23.55 21.79
N ARG C 215 8.09 21.88 23.17
CA ARG C 215 9.55 21.86 23.20
C ARG C 215 10.17 23.26 23.15
N LYS C 216 9.66 24.11 22.26
CA LYS C 216 10.17 25.46 22.07
C LYS C 216 10.12 26.28 23.35
N LYS C 217 9.24 25.89 24.29
CA LYS C 217 9.05 26.58 25.58
C LYS C 217 10.23 26.35 26.50
N TYR C 218 11.08 25.35 26.21
CA TYR C 218 12.20 24.96 27.09
C TYR C 218 13.57 25.35 26.52
N LYS C 219 13.61 26.29 25.54
CA LYS C 219 14.85 26.80 24.94
C LYS C 219 15.53 27.76 25.89
N ILE C 220 16.84 27.57 26.08
CA ILE C 220 17.70 28.46 26.86
C ILE C 220 18.72 29.06 25.92
N ASN C 221 18.64 30.38 25.70
CA ASN C 221 19.58 31.09 24.86
C ASN C 221 20.85 31.34 25.66
N VAL C 222 21.99 30.84 25.16
CA VAL C 222 23.32 30.96 25.79
C VAL C 222 24.20 31.82 24.88
N HIS C 223 24.67 32.95 25.41
CA HIS C 223 25.47 33.91 24.65
C HIS C 223 26.87 33.95 25.25
N PHE C 224 27.87 33.77 24.37
CA PHE C 224 29.27 33.71 24.70
C PHE C 224 29.93 35.08 24.52
N LYS C 225 30.40 35.64 25.63
CA LYS C 225 31.04 36.93 25.62
C LYS C 225 32.59 36.73 25.63
N GLU C 226 33.30 37.78 25.24
CA GLU C 226 34.73 37.77 25.17
C GLU C 226 35.37 37.66 26.55
N ASP C 227 34.79 38.30 27.59
CA ASP C 227 35.34 38.35 28.95
C ASP C 227 35.31 36.93 29.65
N GLY C 228 34.85 35.91 28.91
CA GLY C 228 34.77 34.54 29.41
C GLY C 228 33.55 34.25 30.24
N THR C 229 32.50 35.07 30.09
CA THR C 229 31.26 34.87 30.85
C THR C 229 30.12 34.58 29.90
N LEU C 230 29.02 34.09 30.45
CA LEU C 230 27.86 33.75 29.66
C LEU C 230 26.65 34.55 30.04
N ASP C 231 25.67 34.57 29.13
CA ASP C 231 24.30 35.06 29.29
C ASP C 231 23.39 33.89 29.07
N LYS C 233 19.42 33.02 29.32
CA LYS C 233 18.05 33.47 29.48
C LYS C 233 17.16 32.59 28.66
N GLN C 234 15.95 32.33 29.16
CA GLN C 234 14.97 31.54 28.45
C GLN C 234 14.52 32.32 27.20
N ASP C 235 14.20 31.60 26.12
CA ASP C 235 13.72 32.20 24.88
C ASP C 235 12.27 32.72 25.07
N ASP C 236 11.40 31.96 25.80
CA ASP C 236 10.00 32.27 26.07
C ASP C 236 9.91 33.60 26.90
N PRO C 237 9.38 34.70 26.29
CA PRO C 237 9.28 35.97 27.03
C PRO C 237 8.43 35.85 28.29
N SER C 238 7.36 35.02 28.27
CA SER C 238 6.47 34.83 29.43
C SER C 238 7.11 33.92 30.50
N ASN C 239 8.22 33.24 30.16
CA ASN C 239 9.01 32.33 31.01
C ASN C 239 8.09 31.33 31.74
N GLU C 240 7.32 30.55 30.95
CA GLU C 240 6.35 29.63 31.51
C GLU C 240 7.09 28.49 32.24
N GLU C 242 9.45 28.87 34.22
CA GLU C 242 9.95 29.52 35.45
C GLU C 242 11.46 29.29 35.58
N PHE C 243 12.21 29.57 34.48
CA PHE C 243 13.66 29.49 34.44
C PHE C 243 14.25 30.56 35.35
N GLU C 244 15.21 30.14 36.18
CA GLU C 244 15.88 31.06 37.09
C GLU C 244 17.34 30.66 37.17
N LEU C 245 18.20 31.51 36.60
CA LEU C 245 19.65 31.33 36.59
C LEU C 245 20.19 31.55 38.00
N ILE C 246 21.08 30.66 38.45
CA ILE C 246 21.69 30.71 39.78
C ILE C 246 23.19 30.99 39.62
N GLY C 247 23.63 32.11 40.18
CA GLY C 247 25.02 32.51 40.09
C GLY C 247 25.37 33.08 38.73
N THR C 248 26.63 32.97 38.34
CA THR C 248 27.06 33.51 37.05
C THR C 248 27.62 32.37 36.20
N PRO C 249 26.91 31.99 35.10
CA PRO C 249 27.44 30.97 34.19
C PRO C 249 28.70 31.47 33.44
N THR C 250 29.77 30.66 33.48
CA THR C 250 31.02 30.98 32.80
C THR C 250 31.31 29.88 31.82
N TYR C 251 32.39 30.04 31.05
CA TYR C 251 32.87 29.07 30.07
C TYR C 251 34.37 29.21 29.88
N SER C 252 35.05 28.09 29.54
CA SER C 252 36.48 28.08 29.23
C SER C 252 36.67 27.48 27.86
N SER C 253 37.53 28.09 27.05
CA SER C 253 37.84 27.60 25.72
C SER C 253 39.34 27.32 25.65
N THR C 254 39.74 26.06 25.45
CA THR C 254 41.16 25.69 25.38
C THR C 254 41.41 24.79 24.16
N SER C 255 42.69 24.60 23.82
CA SER C 255 43.12 23.78 22.67
C SER C 255 44.32 22.93 23.00
N VAL C 256 44.30 21.65 22.58
CA VAL C 256 45.42 20.72 22.76
C VAL C 256 45.78 20.12 21.40
N ASP C 258 47.01 16.87 19.30
CA ASP C 258 46.95 15.41 19.51
C ASP C 258 48.37 14.81 19.57
N ALA C 259 48.51 13.78 20.40
CA ALA C 259 49.76 13.07 20.62
C ALA C 259 50.13 12.20 19.40
N THR C 260 49.16 11.29 19.01
CA THR C 260 49.21 10.33 17.90
C THR C 260 49.34 11.12 16.56
N ARG C 261 48.30 11.93 16.20
CA ARG C 261 48.27 12.78 15.00
C ARG C 261 48.74 14.20 15.39
N PRO C 262 50.01 14.54 15.10
CA PRO C 262 50.55 15.83 15.55
C PRO C 262 49.97 17.09 14.88
N TYR C 263 49.24 16.98 13.76
CA TYR C 263 48.68 18.19 13.11
C TYR C 263 47.22 18.45 13.60
N LEU C 264 46.63 17.46 14.28
CA LEU C 264 45.27 17.56 14.77
C LEU C 264 45.21 18.41 16.04
N GLU C 265 44.30 19.39 16.05
CA GLU C 265 44.02 20.29 17.15
C GLU C 265 42.66 20.00 17.73
N ARG C 266 42.59 19.71 19.02
CA ARG C 266 41.35 19.44 19.69
C ARG C 266 40.98 20.70 20.44
N ARG C 267 39.84 21.29 20.07
CA ARG C 267 39.38 22.54 20.66
C ARG C 267 38.19 22.24 21.55
N TYR C 268 38.30 22.60 22.84
CA TYR C 268 37.29 22.34 23.87
C TYR C 268 36.65 23.62 24.36
N VAL C 269 35.30 23.59 24.52
CA VAL C 269 34.49 24.68 25.06
C VAL C 269 33.68 24.10 26.18
N GLN C 270 34.00 24.47 27.42
CA GLN C 270 33.25 23.99 28.58
C GLN C 270 32.42 25.12 29.14
N ILE C 271 31.11 24.88 29.32
CA ILE C 271 30.18 25.83 29.92
C ILE C 271 29.82 25.28 31.30
N PHE C 273 27.30 26.08 34.55
CA PHE C 273 26.03 26.72 34.87
C PHE C 273 25.31 26.04 36.00
N GLU C 274 24.27 26.73 36.50
CA GLU C 274 23.34 26.27 37.53
C GLU C 274 22.04 27.05 37.38
N TYR C 275 20.92 26.34 37.28
CA TYR C 275 19.61 26.97 37.10
C TYR C 275 18.47 26.08 37.57
N ASP C 276 17.30 26.69 37.74
CA ASP C 276 16.04 26.03 38.07
C ASP C 276 15.05 26.23 36.94
N PHE C 277 14.25 25.21 36.68
CA PHE C 277 13.17 25.28 35.71
C PHE C 277 12.10 24.26 36.09
N GLN C 278 10.96 24.32 35.40
CA GLN C 278 9.84 23.42 35.64
C GLN C 278 9.36 22.78 34.37
N ASP C 279 8.99 21.51 34.48
CA ASP C 279 8.40 20.74 33.41
C ASP C 279 6.90 20.75 33.67
N PHE C 280 6.17 21.50 32.85
CA PHE C 280 4.73 21.72 32.99
C PHE C 280 3.98 21.11 31.76
N THR C 281 4.68 20.27 30.95
CA THR C 281 4.17 19.66 29.70
C THR C 281 4.20 18.12 29.69
N TYR C 282 4.74 17.45 30.74
CA TYR C 282 4.92 15.98 30.78
C TYR C 282 3.59 15.20 30.68
N GLY C 283 2.46 15.85 30.89
CA GLY C 283 1.17 15.17 30.81
C GLY C 283 0.63 15.00 29.40
N GLY C 284 1.35 15.57 28.43
CA GLY C 284 1.01 15.63 27.01
C GLY C 284 0.71 17.09 26.64
N SER C 285 -0.37 17.34 25.89
CA SER C 285 -0.81 18.71 25.60
C SER C 285 -2.23 18.90 26.20
N GLY C 286 -2.71 20.15 26.26
CA GLY C 286 -4.03 20.47 26.80
C GLY C 286 -4.21 20.41 28.30
N THR C 287 -4.15 19.20 28.89
CA THR C 287 -4.32 19.00 30.33
C THR C 287 -3.22 19.71 31.14
N GLU C 288 -3.66 20.38 32.22
CA GLU C 288 -2.80 21.11 33.12
C GLU C 288 -2.37 20.18 34.25
N VAL C 289 -1.05 20.12 34.49
CA VAL C 289 -0.38 19.25 35.44
C VAL C 289 0.37 20.06 36.51
N ILE C 290 0.72 19.38 37.63
CA ILE C 290 1.55 19.94 38.69
C ILE C 290 2.97 20.05 38.12
N PRO C 291 3.57 21.25 38.01
CA PRO C 291 4.91 21.33 37.42
C PRO C 291 5.92 20.61 38.30
N ILE C 292 6.93 19.99 37.67
CA ILE C 292 8.03 19.28 38.34
C ILE C 292 9.22 20.19 38.27
N LYS C 293 9.60 20.73 39.41
CA LYS C 293 10.72 21.67 39.44
C LYS C 293 12.03 20.89 39.49
N TYR C 294 13.03 21.36 38.73
CA TYR C 294 14.36 20.72 38.69
C TYR C 294 15.47 21.69 38.94
N ARG C 295 16.53 21.21 39.59
CA ARG C 295 17.79 21.91 39.77
C ARG C 295 18.80 21.31 38.82
N VAL C 296 19.26 22.12 37.85
CA VAL C 296 20.26 21.70 36.88
C VAL C 296 21.58 22.32 37.30
N ALA C 297 22.62 21.49 37.53
CA ALA C 297 23.92 21.99 37.99
C ALA C 297 25.07 21.09 37.50
N GLY C 298 26.14 21.73 37.07
CA GLY C 298 27.33 21.07 36.57
C GLY C 298 27.98 21.79 35.41
N SER C 299 28.49 21.03 34.45
CA SER C 299 29.15 21.51 33.23
C SER C 299 28.87 20.58 32.02
N THR C 301 30.80 19.98 27.91
CA THR C 301 31.97 20.34 27.10
C THR C 301 31.78 19.92 25.65
N LEU C 302 32.08 20.85 24.73
CA LEU C 302 32.05 20.62 23.30
C LEU C 302 33.44 20.39 22.75
N LEU C 303 33.65 19.34 21.98
CA LEU C 303 34.93 19.06 21.30
C LEU C 303 34.78 19.34 19.81
N ARG C 304 35.79 19.95 19.21
CA ARG C 304 35.91 20.29 17.80
C ARG C 304 37.29 19.87 17.34
N ASN C 305 37.35 18.93 16.41
CA ASN C 305 38.63 18.40 15.90
C ASN C 305 38.98 19.17 14.62
N ILE C 306 40.14 19.84 14.64
CA ILE C 306 40.62 20.70 13.57
C ILE C 306 41.94 20.17 13.01
N ASN C 307 41.95 20.04 11.70
CA ASN C 307 43.09 19.54 10.96
C ASN C 307 43.84 20.75 10.47
N THR C 308 44.90 21.12 11.20
CA THR C 308 45.78 22.26 10.88
C THR C 308 46.49 21.85 9.51
N GLN C 309 47.31 22.74 8.91
CA GLN C 309 47.91 22.60 7.57
C GLN C 309 46.81 22.93 6.51
N ILE C 310 45.47 22.82 6.85
CA ILE C 310 44.35 23.23 5.96
C ILE C 310 43.99 24.68 6.36
N PRO C 311 44.30 25.71 5.54
CA PRO C 311 44.09 27.11 6.01
C PRO C 311 42.63 27.53 6.17
N ASP C 312 41.66 26.96 5.39
CA ASP C 312 40.24 27.35 5.47
C ASP C 312 39.62 26.93 6.83
N GLU C 313 38.93 27.89 7.49
CA GLU C 313 38.32 27.72 8.82
C GLU C 313 37.13 26.72 8.84
N ASP C 314 36.58 26.37 7.66
CA ASP C 314 35.44 25.44 7.56
C ASP C 314 35.89 24.06 7.03
N GLN C 315 36.92 24.01 6.16
CA GLN C 315 37.43 22.79 5.52
C GLN C 315 38.36 21.97 6.49
N GLN C 316 38.96 22.62 7.51
CA GLN C 316 39.85 21.98 8.50
C GLN C 316 39.06 21.09 9.52
N ILE C 317 37.76 21.37 9.70
CA ILE C 317 36.96 20.65 10.68
C ILE C 317 36.74 19.21 10.22
N GLU C 318 36.95 18.29 11.17
CA GLU C 318 36.71 16.85 11.01
C GLU C 318 35.47 16.49 11.79
N TRP C 319 34.32 16.40 11.07
CA TRP C 319 33.01 16.17 11.68
C TRP C 319 32.75 14.67 11.93
N GLN D 11 29.58 -4.27 -7.36
CA GLN D 11 29.09 -4.82 -8.63
C GLN D 11 27.74 -5.52 -8.45
N TYR D 12 26.88 -5.40 -9.47
CA TYR D 12 25.54 -6.00 -9.51
C TYR D 12 25.49 -7.11 -10.57
N VAL D 13 25.06 -8.32 -10.15
CA VAL D 13 24.93 -9.51 -11.01
C VAL D 13 23.47 -9.63 -11.45
N SER D 14 23.23 -9.67 -12.78
CA SER D 14 21.88 -9.77 -13.35
C SER D 14 21.84 -10.64 -14.62
N PHE D 15 20.62 -10.85 -15.16
CA PHE D 15 20.35 -11.57 -16.40
C PHE D 15 20.22 -10.58 -17.57
N LYS D 16 20.61 -10.97 -18.78
CA LYS D 16 20.44 -10.08 -19.93
C LYS D 16 19.90 -10.87 -21.13
N ALA D 17 18.57 -10.86 -21.32
CA ALA D 17 17.91 -11.55 -22.43
C ALA D 17 18.02 -10.73 -23.73
N PRO D 18 17.94 -11.35 -24.95
CA PRO D 18 18.13 -10.58 -26.20
C PRO D 18 17.15 -9.42 -26.39
N ILE D 19 15.89 -9.60 -25.95
CA ILE D 19 14.86 -8.56 -26.03
C ILE D 19 14.50 -8.13 -24.60
N ALA D 20 14.09 -6.86 -24.46
CA ALA D 20 13.68 -6.33 -23.18
C ALA D 20 12.29 -6.87 -22.81
N SER D 21 12.03 -6.99 -21.50
CA SER D 21 10.77 -7.48 -20.91
C SER D 21 9.56 -6.56 -21.28
N GLY D 22 8.34 -7.11 -21.16
CA GLY D 22 7.10 -6.39 -21.43
C GLY D 22 6.71 -5.42 -20.33
N SER D 23 5.40 -5.11 -20.26
CA SER D 23 4.85 -4.19 -19.25
C SER D 23 4.80 -4.83 -17.84
N ASP D 24 4.80 -6.18 -17.75
CA ASP D 24 4.70 -6.95 -16.51
C ASP D 24 6.05 -7.51 -15.98
N GLY D 25 7.10 -7.45 -16.79
CA GLY D 25 8.42 -7.93 -16.41
C GLY D 25 8.70 -9.31 -16.95
N VAL D 26 7.75 -9.84 -17.75
CA VAL D 26 7.87 -11.13 -18.42
C VAL D 26 8.60 -10.92 -19.77
N THR D 27 9.68 -11.69 -19.99
CA THR D 27 10.51 -11.70 -21.18
C THR D 27 10.15 -12.89 -22.05
N THR D 28 9.76 -12.65 -23.33
CA THR D 28 9.41 -13.73 -24.26
C THR D 28 10.67 -14.28 -24.92
N ILE D 29 10.86 -15.59 -24.85
CA ILE D 29 12.00 -16.27 -25.48
C ILE D 29 11.40 -17.29 -26.48
N TYR D 30 12.01 -17.37 -27.66
CA TYR D 30 11.54 -18.25 -28.72
C TYR D 30 12.50 -19.41 -28.87
N VAL D 31 11.99 -20.63 -28.61
CA VAL D 31 12.78 -21.84 -28.67
C VAL D 31 12.18 -22.74 -29.77
N ARG D 32 13.02 -23.28 -30.69
CA ARG D 32 12.54 -24.11 -31.79
C ARG D 32 12.21 -25.53 -31.32
N TYR D 33 11.07 -26.06 -31.78
CA TYR D 33 10.71 -27.44 -31.52
C TYR D 33 11.34 -28.29 -32.63
N LYS D 34 12.33 -29.16 -32.28
CA LYS D 34 13.11 -29.97 -33.22
C LYS D 34 12.89 -31.49 -33.01
N ASP D 35 13.97 -32.30 -33.14
CA ASP D 35 13.99 -33.75 -32.98
C ASP D 35 13.64 -34.14 -31.51
N ASN D 36 12.39 -34.62 -31.32
CA ASN D 36 11.78 -35.04 -30.05
C ASN D 36 11.70 -33.83 -29.08
N GLY D 37 11.69 -32.61 -29.65
CA GLY D 37 11.53 -31.36 -28.93
C GLY D 37 12.58 -31.00 -27.89
N LYS D 38 13.84 -31.47 -28.09
CA LYS D 38 14.96 -31.18 -27.20
C LYS D 38 15.74 -29.96 -27.77
N VAL D 39 15.73 -28.83 -27.03
CA VAL D 39 16.38 -27.58 -27.45
C VAL D 39 16.98 -26.90 -26.21
N THR D 40 18.10 -26.18 -26.40
CA THR D 40 18.81 -25.43 -25.36
C THR D 40 18.72 -23.93 -25.61
N TYR D 41 18.35 -23.18 -24.57
CA TYR D 41 18.33 -21.71 -24.60
C TYR D 41 19.46 -21.20 -23.74
N GLN D 42 20.24 -20.25 -24.24
CA GLN D 42 21.38 -19.75 -23.49
C GLN D 42 21.13 -18.36 -22.99
N LEU D 43 20.90 -18.27 -21.67
CA LEU D 43 20.59 -17.03 -21.00
C LEU D 43 21.85 -16.45 -20.36
N PRO D 44 22.33 -15.30 -20.87
CA PRO D 44 23.54 -14.70 -20.30
C PRO D 44 23.33 -14.15 -18.90
N ILE D 45 24.38 -14.24 -18.08
CA ILE D 45 24.47 -13.72 -16.71
C ILE D 45 25.62 -12.73 -16.70
N ILE D 46 25.31 -11.45 -16.39
CA ILE D 46 26.26 -10.33 -16.47
C ILE D 46 26.61 -9.79 -15.09
N VAL D 47 27.88 -9.41 -14.94
CA VAL D 47 28.42 -8.73 -13.75
C VAL D 47 28.65 -7.28 -14.19
N SER D 48 27.68 -6.39 -13.89
CA SER D 48 27.75 -4.98 -14.25
C SER D 48 28.45 -4.19 -13.16
N GLY D 49 29.15 -3.15 -13.57
CA GLY D 49 29.90 -2.28 -12.68
C GLY D 49 31.04 -1.56 -13.38
N SER D 50 31.43 -0.42 -12.80
CA SER D 50 32.53 0.44 -13.27
C SER D 50 33.90 -0.27 -13.15
N THR D 51 34.09 -1.10 -12.09
CA THR D 51 35.31 -1.84 -11.76
C THR D 51 35.35 -3.22 -12.49
N VAL D 52 36.55 -3.83 -12.54
CA VAL D 52 36.81 -5.15 -13.12
C VAL D 52 36.52 -6.21 -12.03
N ASN D 53 35.90 -7.35 -12.41
CA ASN D 53 35.61 -8.45 -11.50
C ASN D 53 36.93 -9.14 -11.09
N SER D 54 37.34 -8.98 -9.82
CA SER D 54 38.58 -9.56 -9.28
C SER D 54 38.30 -10.79 -8.40
N GLN D 55 37.05 -11.29 -8.44
CA GLN D 55 36.57 -12.42 -7.63
C GLN D 55 36.10 -13.60 -8.49
N ASP D 56 36.49 -14.84 -8.09
CA ASP D 56 36.00 -16.08 -8.69
C ASP D 56 34.63 -16.33 -8.07
N ARG D 57 33.57 -15.84 -8.75
CA ARG D 57 32.19 -15.84 -8.25
C ARG D 57 31.42 -17.08 -8.70
N ASP D 58 30.76 -17.73 -7.74
CA ASP D 58 29.89 -18.87 -7.97
C ASP D 58 28.46 -18.39 -7.74
N ILE D 59 27.78 -18.04 -8.84
CA ILE D 59 26.43 -17.52 -8.86
C ILE D 59 25.47 -18.71 -8.73
N HIS D 60 24.49 -18.60 -7.80
CA HIS D 60 23.46 -19.60 -7.57
C HIS D 60 22.11 -19.13 -8.17
N ILE D 61 21.54 -19.97 -9.05
CA ILE D 61 20.27 -19.70 -9.74
C ILE D 61 19.22 -20.71 -9.21
N ALA D 62 17.97 -20.23 -9.06
CA ALA D 62 16.88 -21.03 -8.54
C ALA D 62 15.57 -20.63 -9.17
N VAL D 63 14.58 -21.53 -9.14
CA VAL D 63 13.25 -21.26 -9.66
C VAL D 63 12.50 -20.49 -8.58
N ASP D 64 12.02 -19.28 -8.93
CA ASP D 64 11.33 -18.36 -8.04
C ASP D 64 9.83 -18.41 -8.26
N LYS D 65 9.19 -19.44 -7.72
CA LYS D 65 7.74 -19.70 -7.85
C LYS D 65 6.90 -18.50 -7.38
N ASP D 66 7.32 -17.85 -6.28
CA ASP D 66 6.61 -16.76 -5.62
C ASP D 66 6.50 -15.49 -6.48
N THR D 67 7.56 -15.06 -7.21
CA THR D 67 7.50 -13.83 -8.02
C THR D 67 6.44 -14.00 -9.13
N LEU D 68 6.36 -15.18 -9.73
CA LEU D 68 5.36 -15.44 -10.74
C LEU D 68 3.92 -15.34 -10.13
N LYS D 69 3.67 -16.01 -8.97
CA LYS D 69 2.36 -16.01 -8.31
C LYS D 69 1.92 -14.57 -8.02
N THR D 70 2.85 -13.73 -7.50
CA THR D 70 2.61 -12.32 -7.18
C THR D 70 2.21 -11.57 -8.45
N LEU D 71 2.98 -11.77 -9.56
CA LEU D 71 2.74 -11.11 -10.82
C LEU D 71 1.34 -11.40 -11.32
N ASN D 72 0.92 -12.68 -11.34
CA ASN D 72 -0.41 -13.04 -11.79
C ASN D 72 -1.48 -12.28 -10.96
N ILE D 73 -1.38 -12.31 -9.60
CA ILE D 73 -2.32 -11.61 -8.69
C ILE D 73 -2.38 -10.15 -9.05
N GLU D 74 -1.21 -9.54 -9.17
CA GLU D 74 -1.08 -8.11 -9.41
C GLU D 74 -1.55 -7.71 -10.80
N ARG D 75 -1.19 -8.49 -11.82
CA ARG D 75 -1.48 -8.20 -13.21
C ARG D 75 -2.90 -8.62 -13.57
N PHE D 76 -3.25 -9.90 -13.40
CA PHE D 76 -4.54 -10.43 -13.79
C PHE D 76 -5.59 -10.38 -12.68
N SER D 77 -5.20 -10.66 -11.41
CA SER D 77 -6.00 -10.74 -10.17
C SER D 77 -6.45 -12.16 -9.97
N LEU D 78 -6.95 -12.45 -8.77
CA LEU D 78 -7.41 -13.79 -8.39
C LEU D 78 -8.70 -14.18 -9.09
N TYR D 79 -9.39 -13.20 -9.71
CA TYR D 79 -10.71 -13.37 -10.30
C TYR D 79 -10.64 -13.67 -11.81
N ARG D 80 -9.45 -13.65 -12.40
CA ARG D 80 -9.24 -13.97 -13.81
C ARG D 80 -8.10 -15.02 -13.94
N PRO D 81 -8.27 -16.26 -13.40
CA PRO D 81 -7.19 -17.26 -13.49
C PRO D 81 -6.93 -17.78 -14.93
N GLU D 82 -7.88 -17.58 -15.84
CA GLU D 82 -7.75 -18.05 -17.23
C GLU D 82 -6.68 -17.23 -17.96
N LEU D 83 -6.33 -16.05 -17.41
CA LEU D 83 -5.35 -15.14 -17.96
C LEU D 83 -3.96 -15.36 -17.39
N TRP D 84 -3.87 -16.13 -16.29
CA TRP D 84 -2.67 -16.44 -15.52
C TRP D 84 -1.60 -17.19 -16.29
N TYR D 85 -0.34 -16.89 -15.93
CA TYR D 85 0.86 -17.58 -16.38
C TYR D 85 1.01 -18.83 -15.57
N THR D 86 1.54 -19.88 -16.16
CA THR D 86 1.69 -21.16 -15.48
C THR D 86 3.17 -21.45 -15.34
N GLU D 87 3.59 -21.82 -14.13
CA GLU D 87 4.98 -22.15 -13.91
C GLU D 87 5.32 -23.39 -14.70
N GLU D 89 6.64 -26.84 -15.89
CA GLU D 89 6.78 -28.16 -15.28
C GLU D 89 8.24 -28.53 -15.17
N GLU D 90 8.67 -29.05 -14.01
CA GLU D 90 10.07 -29.44 -13.72
C GLU D 90 10.62 -30.49 -14.69
N ASP D 91 9.75 -31.33 -15.27
CA ASP D 91 10.12 -32.39 -16.21
C ASP D 91 10.45 -31.82 -17.63
N LYS D 92 10.07 -30.56 -17.91
CA LYS D 92 10.26 -29.93 -19.23
C LYS D 92 11.55 -29.04 -19.29
N TYR D 93 12.28 -28.85 -18.17
CA TYR D 93 13.51 -28.06 -18.18
C TYR D 93 14.54 -28.56 -17.16
N GLU D 94 15.82 -28.21 -17.43
CA GLU D 94 16.99 -28.42 -16.58
C GLU D 94 17.99 -27.31 -16.82
N PHE D 95 18.58 -26.78 -15.75
CA PHE D 95 19.63 -25.76 -15.82
C PHE D 95 20.57 -25.95 -14.61
N PRO D 96 21.89 -25.68 -14.76
CA PRO D 96 22.79 -25.85 -13.59
C PRO D 96 22.43 -24.90 -12.45
N GLU D 97 22.39 -25.44 -11.21
CA GLU D 97 22.08 -24.70 -9.98
C GLU D 97 23.12 -23.57 -9.75
N THR D 98 24.40 -23.86 -10.06
CA THR D 98 25.50 -22.92 -9.91
C THR D 98 26.13 -22.62 -11.26
N VAL D 99 26.41 -21.33 -11.49
CA VAL D 99 27.12 -20.80 -12.66
C VAL D 99 28.44 -20.20 -12.14
N HIS D 100 29.58 -20.57 -12.72
CA HIS D 100 30.87 -20.06 -12.28
C HIS D 100 31.39 -18.99 -13.26
N ILE D 101 31.60 -17.78 -12.73
CA ILE D 101 32.21 -16.66 -13.44
C ILE D 101 33.62 -16.48 -12.81
N PRO D 102 34.70 -16.86 -13.52
CA PRO D 102 36.04 -16.72 -12.93
C PRO D 102 36.47 -15.27 -12.81
N ALA D 103 37.46 -14.99 -11.93
CA ALA D 103 37.99 -13.63 -11.76
C ALA D 103 38.58 -13.14 -13.10
N GLY D 104 38.09 -12.00 -13.57
CA GLY D 104 38.53 -11.40 -14.84
C GLY D 104 37.40 -11.28 -15.83
N SER D 105 36.49 -12.28 -15.82
CA SER D 105 35.29 -12.35 -16.66
C SER D 105 34.12 -11.64 -15.99
N CYS D 106 33.16 -11.20 -16.79
CA CYS D 106 31.97 -10.51 -16.30
C CYS D 106 30.70 -11.07 -16.99
N VAL D 107 30.85 -12.12 -17.83
CA VAL D 107 29.76 -12.74 -18.57
C VAL D 107 29.97 -14.27 -18.61
N GLU D 108 28.88 -15.00 -18.40
CA GLU D 108 28.80 -16.45 -18.52
C GLU D 108 27.36 -16.75 -18.94
N LEU D 109 27.12 -17.93 -19.51
CA LEU D 109 25.80 -18.32 -20.00
C LEU D 109 25.20 -19.45 -19.19
N LEU D 110 23.91 -19.30 -18.85
CA LEU D 110 23.13 -20.33 -18.20
C LEU D 110 22.48 -21.17 -19.30
N ASN D 111 22.90 -22.43 -19.41
CA ASN D 111 22.35 -23.31 -20.43
C ASN D 111 21.08 -23.94 -19.90
N ILE D 112 19.92 -23.48 -20.43
CA ILE D 112 18.61 -23.99 -20.06
C ILE D 112 18.23 -25.03 -21.10
N ASP D 113 18.26 -26.30 -20.71
CA ASP D 113 17.93 -27.39 -21.60
C ASP D 113 16.46 -27.74 -21.46
N PHE D 114 15.70 -27.53 -22.54
CA PHE D 114 14.27 -27.86 -22.56
C PHE D 114 14.00 -29.19 -23.26
N ASN D 115 13.00 -29.92 -22.75
CA ASN D 115 12.39 -31.12 -23.31
C ASN D 115 10.94 -30.78 -23.54
N LEU D 116 10.62 -30.30 -24.75
CA LEU D 116 9.29 -29.76 -25.05
C LEU D 116 8.33 -30.83 -25.61
N GLN D 117 8.76 -32.09 -25.69
CA GLN D 117 7.87 -33.13 -26.22
C GLN D 117 6.59 -33.20 -25.42
N ASP D 118 5.43 -33.15 -26.12
CA ASP D 118 4.06 -33.25 -25.61
C ASP D 118 3.69 -32.06 -24.71
N ILE D 119 4.25 -30.87 -24.98
CA ILE D 119 3.94 -29.70 -24.15
C ILE D 119 2.55 -29.19 -24.56
N ASP D 120 1.71 -28.86 -23.57
CA ASP D 120 0.37 -28.36 -23.85
C ASP D 120 0.48 -26.86 -23.91
N LEU D 122 -1.79 -24.83 -24.33
CA LEU D 122 -3.02 -24.24 -23.80
C LEU D 122 -2.64 -23.21 -22.72
N GLU D 123 -1.49 -23.48 -22.05
CA GLU D 123 -0.91 -22.72 -20.94
C GLU D 123 0.13 -21.71 -21.38
N LYS D 124 0.17 -20.54 -20.70
CA LYS D 124 1.23 -19.57 -20.92
C LYS D 124 2.33 -19.96 -20.00
N TRP D 125 3.32 -20.71 -20.49
CA TRP D 125 4.42 -21.20 -19.67
C TRP D 125 5.44 -20.12 -19.40
N VAL D 126 5.81 -19.99 -18.13
CA VAL D 126 6.83 -19.08 -17.64
C VAL D 126 7.78 -19.85 -16.73
N LEU D 127 9.09 -19.65 -16.95
CA LEU D 127 10.16 -20.18 -16.12
C LEU D 127 10.68 -19.00 -15.28
N PRO D 128 10.26 -18.90 -13.99
CA PRO D 128 10.70 -17.78 -13.15
C PRO D 128 12.05 -18.09 -12.51
N LEU D 129 13.07 -17.30 -12.88
CA LEU D 129 14.45 -17.49 -12.40
C LEU D 129 14.87 -16.34 -11.52
N THR D 130 15.73 -16.63 -10.54
CA THR D 130 16.26 -15.64 -9.62
C THR D 130 17.69 -16.00 -9.26
N ILE D 131 18.50 -14.98 -8.97
CA ILE D 131 19.86 -15.12 -8.48
C ILE D 131 19.74 -15.11 -6.97
N VAL D 132 19.98 -16.26 -6.31
CA VAL D 132 19.81 -16.34 -4.84
C VAL D 132 21.12 -15.91 -4.15
N ASP D 133 22.27 -16.09 -4.83
CA ASP D 133 23.60 -15.70 -4.36
C ASP D 133 24.45 -15.29 -5.58
N ASP D 134 25.05 -14.09 -5.52
CA ASP D 134 25.88 -13.55 -6.59
C ASP D 134 27.39 -13.88 -6.36
N GLY D 135 27.69 -14.61 -5.28
CA GLY D 135 29.06 -15.03 -4.92
C GLY D 135 30.00 -13.93 -4.50
N SER D 136 29.46 -12.81 -3.95
CA SER D 136 30.21 -11.64 -3.49
C SER D 136 30.83 -11.90 -2.11
N ALA D 148 17.99 -10.10 -8.52
CA ALA D 148 17.79 -10.03 -9.97
C ALA D 148 16.96 -11.22 -10.46
N LYS D 149 15.84 -10.91 -11.10
CA LYS D 149 14.87 -11.89 -11.57
C LYS D 149 14.78 -11.93 -13.09
N ALA D 150 14.31 -13.06 -13.64
CA ALA D 150 14.03 -13.27 -15.06
C ALA D 150 12.79 -14.10 -15.19
N LEU D 151 11.73 -13.52 -15.75
CA LEU D 151 10.48 -14.24 -15.93
C LEU D 151 10.38 -14.63 -17.38
N LEU D 152 10.91 -15.82 -17.72
CA LEU D 152 11.01 -16.30 -19.09
C LEU D 152 9.73 -16.96 -19.59
N LYS D 153 9.00 -16.29 -20.49
CA LYS D 153 7.81 -16.83 -21.15
C LYS D 153 8.30 -17.65 -22.30
N VAL D 154 8.37 -18.97 -22.10
CA VAL D 154 8.91 -19.93 -23.08
C VAL D 154 7.85 -20.17 -24.17
N VAL D 155 8.17 -19.71 -25.38
CA VAL D 155 7.29 -19.83 -26.53
C VAL D 155 7.96 -20.76 -27.57
N PRO D 156 7.57 -22.07 -27.60
CA PRO D 156 8.08 -22.94 -28.64
C PRO D 156 7.56 -22.51 -30.01
N PHE D 157 8.37 -22.75 -31.06
CA PHE D 157 7.98 -22.43 -32.43
C PHE D 157 8.51 -23.48 -33.40
N ASN D 158 7.85 -23.64 -34.53
CA ASN D 158 8.22 -24.45 -35.67
C ASN D 158 8.09 -23.55 -36.91
N ASN D 159 8.24 -24.10 -38.11
CA ASN D 159 8.16 -23.33 -39.35
C ASN D 159 6.73 -22.91 -39.70
N TYR D 160 5.71 -23.35 -38.91
CA TYR D 160 4.29 -23.14 -39.16
C TYR D 160 3.53 -22.50 -37.97
N SER D 161 4.23 -22.12 -36.88
CA SER D 161 3.55 -21.56 -35.72
C SER D 161 3.79 -20.05 -35.61
N GLY D 162 2.89 -19.39 -34.88
CA GLY D 162 2.88 -17.96 -34.64
C GLY D 162 1.52 -17.31 -34.82
N SER D 163 1.54 -15.99 -35.00
CA SER D 163 0.33 -15.20 -35.19
C SER D 163 0.02 -15.08 -36.70
N TYR D 164 -1.03 -15.82 -37.14
CA TYR D 164 -1.54 -15.84 -38.50
C TYR D 164 -2.48 -14.69 -38.74
N THR D 165 -2.42 -14.04 -39.92
CA THR D 165 -3.37 -12.98 -40.32
C THR D 165 -4.66 -13.69 -40.67
N ALA D 166 -5.79 -13.35 -40.02
CA ALA D 166 -7.05 -14.06 -40.28
C ALA D 166 -8.14 -13.16 -40.89
N SER D 167 -7.73 -12.07 -41.58
CA SER D 167 -8.65 -11.12 -42.23
C SER D 167 -9.46 -11.77 -43.41
N SER D 168 -8.95 -12.84 -44.03
CA SER D 168 -9.60 -13.55 -45.15
C SER D 168 -10.32 -14.81 -44.66
N LYS D 170 -13.52 -16.13 -42.95
CA LYS D 170 -14.92 -15.75 -42.70
C LYS D 170 -15.65 -16.82 -41.91
N VAL D 171 -16.34 -16.38 -40.84
CA VAL D 171 -17.10 -17.26 -39.95
C VAL D 171 -18.58 -16.90 -40.09
N TYR D 172 -19.35 -17.82 -40.72
CA TYR D 172 -20.78 -17.66 -40.96
C TYR D 172 -21.60 -18.37 -39.90
N THR D 173 -22.62 -17.69 -39.36
CA THR D 173 -23.52 -18.27 -38.35
C THR D 173 -24.65 -19.02 -39.05
N TYR D 174 -24.91 -20.27 -38.60
CA TYR D 174 -26.03 -21.06 -39.09
C TYR D 174 -27.33 -20.49 -38.53
N ILE D 175 -28.19 -19.99 -39.44
CA ILE D 175 -29.52 -19.46 -39.11
C ILE D 175 -30.51 -20.29 -39.92
N ASN D 176 -31.40 -21.03 -39.21
CA ASN D 176 -32.43 -21.91 -39.76
C ASN D 176 -31.78 -23.00 -40.66
N GLY D 177 -30.79 -23.70 -40.11
CA GLY D 177 -30.09 -24.79 -40.76
C GLY D 177 -29.12 -24.48 -41.88
N LYS D 178 -29.09 -23.22 -42.36
CA LYS D 178 -28.20 -22.81 -43.44
C LYS D 178 -27.30 -21.66 -43.00
N PRO D 179 -26.02 -21.62 -43.44
CA PRO D 179 -25.14 -20.50 -43.04
C PRO D 179 -25.67 -19.16 -43.54
N ASP D 180 -25.67 -18.14 -42.67
CA ASP D 180 -26.06 -16.77 -43.02
C ASP D 180 -25.05 -16.27 -44.04
N THR D 181 -25.47 -15.46 -45.05
CA THR D 181 -24.50 -14.99 -46.05
C THR D 181 -23.58 -13.92 -45.38
N ASN D 182 -24.05 -13.26 -44.28
CA ASN D 182 -23.25 -12.29 -43.54
C ASN D 182 -22.21 -13.04 -42.70
N ALA D 183 -20.96 -12.52 -42.71
CA ALA D 183 -19.81 -13.15 -42.08
C ALA D 183 -19.13 -12.24 -41.08
N ARG D 184 -18.51 -12.87 -40.06
CA ARG D 184 -17.71 -12.26 -39.01
C ARG D 184 -16.27 -12.60 -39.22
N THR D 185 -15.37 -11.62 -39.00
CA THR D 185 -13.92 -11.82 -39.12
C THR D 185 -13.16 -11.19 -37.94
N THR D 186 -11.91 -11.61 -37.75
CA THR D 186 -10.99 -11.05 -36.75
C THR D 186 -9.70 -10.74 -37.50
N ASP D 187 -8.74 -10.07 -36.85
CA ASP D 187 -7.50 -9.66 -37.52
C ASP D 187 -6.43 -10.77 -37.49
N LYS D 188 -6.42 -11.62 -36.45
CA LYS D 188 -5.41 -12.67 -36.28
C LYS D 188 -5.89 -13.84 -35.41
N ARG D 189 -5.28 -15.03 -35.62
CA ARG D 189 -5.46 -16.26 -34.84
C ARG D 189 -4.08 -16.82 -34.57
N THR D 190 -3.85 -17.36 -33.36
CA THR D 190 -2.56 -17.93 -32.97
C THR D 190 -2.53 -19.43 -33.27
N GLY D 191 -1.48 -19.85 -33.96
CA GLY D 191 -1.23 -21.25 -34.27
C GLY D 191 -0.17 -21.70 -33.29
N TYR D 192 -0.56 -22.56 -32.32
CA TYR D 192 0.32 -23.05 -31.26
C TYR D 192 1.02 -24.36 -31.64
N VAL D 193 2.28 -24.54 -31.23
CA VAL D 193 3.08 -25.75 -31.51
C VAL D 193 2.48 -26.99 -30.84
N VAL D 194 2.47 -28.10 -31.57
CA VAL D 194 2.10 -29.44 -31.10
C VAL D 194 3.40 -30.29 -31.15
N ASP D 195 4.05 -30.32 -32.33
CA ASP D 195 5.33 -30.98 -32.54
C ASP D 195 6.10 -30.19 -33.64
N ASN D 196 7.04 -30.82 -34.36
CA ASN D 196 7.90 -30.14 -35.33
C ASN D 196 7.15 -29.72 -36.63
N ASN D 197 6.10 -30.47 -37.05
CA ASN D 197 5.37 -30.12 -38.27
C ASN D 197 3.84 -30.08 -38.04
N SER D 198 3.41 -29.98 -36.76
CA SER D 198 2.00 -29.88 -36.40
C SER D 198 1.77 -28.73 -35.43
N ILE D 199 0.65 -28.03 -35.59
CA ILE D 199 0.24 -26.91 -34.76
C ILE D 199 -1.23 -27.12 -34.35
N PHE D 200 -1.81 -26.17 -33.59
CA PHE D 200 -3.23 -26.20 -33.25
C PHE D 200 -3.76 -24.76 -33.19
N PHE D 201 -5.03 -24.61 -33.53
CA PHE D 201 -5.81 -23.37 -33.46
C PHE D 201 -7.04 -23.57 -32.64
N TYR D 202 -7.67 -22.49 -32.21
CA TYR D 202 -8.98 -22.60 -31.57
C TYR D 202 -10.02 -22.30 -32.67
N ALA D 203 -10.99 -23.21 -32.83
CA ALA D 203 -12.02 -23.18 -33.86
C ALA D 203 -12.70 -21.80 -33.97
N GLY D 204 -12.94 -21.38 -35.21
CA GLY D 204 -13.58 -20.12 -35.55
C GLY D 204 -13.01 -18.91 -34.87
N LEU D 205 -13.87 -18.18 -34.11
CA LEU D 205 -13.54 -16.96 -33.38
C LEU D 205 -13.60 -17.18 -31.86
N ILE D 206 -13.53 -18.45 -31.40
CA ILE D 206 -13.48 -18.82 -29.97
C ILE D 206 -12.37 -18.03 -29.30
N ASN D 207 -12.69 -17.38 -28.15
CA ASN D 207 -11.75 -16.53 -27.45
C ASN D 207 -10.61 -17.37 -26.92
N GLU D 208 -9.38 -17.05 -27.37
CA GLU D 208 -8.14 -17.74 -26.99
C GLU D 208 -7.78 -17.56 -25.51
N ASP D 209 -8.45 -16.61 -24.80
CA ASP D 209 -8.24 -16.30 -23.37
C ASP D 209 -9.49 -16.71 -22.54
N ASP D 211 -11.98 -19.55 -20.47
CA ASP D 211 -11.81 -20.59 -19.45
C ASP D 211 -11.09 -21.80 -20.08
N LYS D 212 -9.95 -22.22 -19.50
CA LYS D 212 -9.08 -23.27 -20.03
C LYS D 212 -9.82 -24.60 -20.21
N ASP D 213 -10.66 -25.00 -19.24
CA ASP D 213 -11.42 -26.28 -19.28
C ASP D 213 -12.34 -26.32 -20.48
N ARG D 215 -11.99 -23.92 -23.35
CA ARG D 215 -11.35 -23.64 -24.63
C ARG D 215 -10.58 -24.86 -25.19
N LYS D 216 -10.02 -25.75 -24.33
CA LYS D 216 -9.26 -26.92 -24.79
C LYS D 216 -10.12 -27.82 -25.71
N LYS D 217 -11.46 -27.66 -25.62
CA LYS D 217 -12.45 -28.44 -26.38
C LYS D 217 -12.54 -27.96 -27.82
N TYR D 218 -12.04 -26.74 -28.12
CA TYR D 218 -12.12 -26.17 -29.46
C TYR D 218 -10.75 -26.19 -30.19
N LYS D 219 -9.79 -27.04 -29.74
CA LYS D 219 -8.47 -27.17 -30.39
C LYS D 219 -8.62 -27.96 -31.68
N ILE D 220 -8.01 -27.44 -32.76
CA ILE D 220 -7.96 -28.10 -34.07
C ILE D 220 -6.51 -28.36 -34.36
N ASN D 221 -6.13 -29.64 -34.42
CA ASN D 221 -4.77 -30.04 -34.74
C ASN D 221 -4.59 -29.99 -36.25
N VAL D 222 -3.60 -29.20 -36.73
CA VAL D 222 -3.28 -29.02 -38.15
C VAL D 222 -1.87 -29.60 -38.39
N HIS D 223 -1.77 -30.63 -39.23
CA HIS D 223 -0.51 -31.29 -39.58
C HIS D 223 -0.16 -30.98 -41.05
N PHE D 224 1.08 -30.52 -41.27
CA PHE D 224 1.62 -30.11 -42.56
C PHE D 224 2.36 -31.29 -43.22
N LYS D 225 1.73 -31.84 -44.28
CA LYS D 225 2.24 -32.99 -45.01
C LYS D 225 3.10 -32.54 -46.20
N GLU D 226 3.91 -33.49 -46.69
CA GLU D 226 4.88 -33.39 -47.77
C GLU D 226 4.21 -33.00 -49.10
N ASP D 227 3.00 -33.52 -49.38
CA ASP D 227 2.33 -33.29 -50.66
C ASP D 227 1.67 -31.89 -50.74
N GLY D 228 1.82 -31.07 -49.70
CA GLY D 228 1.22 -29.73 -49.65
C GLY D 228 -0.23 -29.71 -49.19
N THR D 229 -0.72 -30.85 -48.66
CA THR D 229 -2.08 -30.99 -48.13
C THR D 229 -2.02 -31.02 -46.59
N LEU D 230 -3.13 -30.63 -45.95
CA LEU D 230 -3.24 -30.56 -44.49
C LEU D 230 -4.12 -31.65 -43.90
N ASP D 231 -3.82 -32.02 -42.66
CA ASP D 231 -4.57 -32.98 -41.88
C ASP D 231 -5.15 -32.21 -40.68
N LYS D 233 -7.94 -32.25 -37.76
CA LYS D 233 -8.80 -33.05 -36.88
C LYS D 233 -8.78 -32.44 -35.50
N GLN D 234 -9.96 -32.37 -34.87
CA GLN D 234 -10.11 -31.82 -33.53
C GLN D 234 -9.31 -32.65 -32.52
N ASP D 235 -8.86 -31.99 -31.46
CA ASP D 235 -8.09 -32.65 -30.41
C ASP D 235 -9.02 -33.47 -29.48
N ASP D 236 -10.25 -32.95 -29.16
CA ASP D 236 -11.25 -33.62 -28.31
C ASP D 236 -11.67 -34.96 -28.96
N PRO D 237 -11.31 -36.11 -28.34
CA PRO D 237 -11.68 -37.41 -28.95
C PRO D 237 -13.19 -37.59 -29.10
N SER D 238 -14.00 -37.08 -28.14
CA SER D 238 -15.46 -37.18 -28.16
C SER D 238 -16.08 -36.17 -29.14
N ASN D 239 -15.29 -35.20 -29.65
CA ASN D 239 -15.67 -34.18 -30.64
C ASN D 239 -16.99 -33.51 -30.24
N GLU D 240 -17.01 -32.90 -29.03
CA GLU D 240 -18.19 -32.27 -28.48
C GLU D 240 -18.55 -31.01 -29.31
N GLU D 242 -18.58 -30.89 -32.41
CA GLU D 242 -19.13 -31.46 -33.66
C GLU D 242 -18.37 -30.89 -34.87
N PHE D 243 -17.01 -30.93 -34.80
CA PHE D 243 -16.11 -30.47 -35.87
C PHE D 243 -16.27 -31.38 -37.08
N GLU D 244 -16.40 -30.77 -38.25
CA GLU D 244 -16.55 -31.51 -39.48
C GLU D 244 -15.83 -30.77 -40.57
N LEU D 245 -14.71 -31.38 -41.03
CA LEU D 245 -13.86 -30.85 -42.08
C LEU D 245 -14.60 -30.96 -43.41
N ILE D 246 -14.54 -29.89 -44.22
CA ILE D 246 -15.20 -29.83 -45.54
C ILE D 246 -14.11 -29.76 -46.62
N GLY D 247 -14.10 -30.79 -47.46
CA GLY D 247 -13.16 -30.95 -48.56
C GLY D 247 -11.76 -31.31 -48.08
N THR D 248 -10.74 -30.95 -48.86
CA THR D 248 -9.35 -31.22 -48.52
C THR D 248 -8.62 -29.89 -48.31
N PRO D 249 -8.26 -29.55 -47.04
CA PRO D 249 -7.53 -28.29 -46.79
C PRO D 249 -6.09 -28.35 -47.33
N THR D 250 -5.59 -27.21 -47.86
CA THR D 250 -4.26 -27.13 -48.46
C THR D 250 -3.44 -25.95 -47.89
N TYR D 251 -2.13 -25.94 -48.17
CA TYR D 251 -1.24 -24.89 -47.70
C TYR D 251 -0.21 -24.59 -48.78
N SER D 252 0.21 -23.31 -48.86
CA SER D 252 1.25 -22.89 -49.80
C SER D 252 2.29 -22.08 -49.06
N SER D 253 3.55 -22.39 -49.33
CA SER D 253 4.68 -21.72 -48.73
C SER D 253 5.46 -20.97 -49.82
N THR D 254 5.57 -19.63 -49.67
CA THR D 254 6.20 -18.72 -50.63
C THR D 254 7.20 -17.82 -49.90
N SER D 255 8.14 -17.23 -50.66
CA SER D 255 9.16 -16.33 -50.12
C SER D 255 9.43 -15.19 -51.08
N VAL D 256 9.53 -13.94 -50.56
CA VAL D 256 9.84 -12.74 -51.34
C VAL D 256 11.03 -12.03 -50.69
N ASP D 258 12.89 -8.53 -49.69
CA ASP D 258 12.43 -7.15 -49.47
C ASP D 258 13.14 -6.21 -50.47
N ALA D 259 12.41 -5.18 -50.93
CA ALA D 259 12.92 -4.21 -51.89
C ALA D 259 13.92 -3.25 -51.21
N THR D 260 13.48 -2.63 -50.09
CA THR D 260 14.21 -1.68 -49.24
C THR D 260 15.46 -2.39 -48.64
N ARG D 261 15.25 -3.43 -47.78
CA ARG D 261 16.31 -4.25 -47.16
C ARG D 261 16.54 -5.50 -48.03
N PRO D 262 17.58 -5.49 -48.89
CA PRO D 262 17.76 -6.60 -49.86
C PRO D 262 18.18 -7.95 -49.26
N TYR D 263 18.63 -8.03 -47.99
CA TYR D 263 19.03 -9.34 -47.42
C TYR D 263 17.83 -9.97 -46.64
N LEU D 264 16.76 -9.19 -46.45
CA LEU D 264 15.58 -9.65 -45.73
C LEU D 264 14.68 -10.48 -46.64
N GLU D 265 14.30 -11.66 -46.16
CA GLU D 265 13.41 -12.59 -46.81
C GLU D 265 12.12 -12.71 -46.01
N ARG D 266 11.00 -12.46 -46.65
CA ARG D 266 9.72 -12.62 -46.00
C ARG D 266 9.22 -13.97 -46.43
N ARG D 267 8.92 -14.82 -45.45
CA ARG D 267 8.45 -16.17 -45.71
C ARG D 267 7.01 -16.28 -45.26
N TYR D 268 6.13 -16.64 -46.20
CA TYR D 268 4.70 -16.75 -45.98
C TYR D 268 4.23 -18.20 -46.07
N VAL D 269 3.34 -18.59 -45.15
CA VAL D 269 2.67 -19.89 -45.11
C VAL D 269 1.19 -19.61 -45.08
N GLN D 270 0.52 -19.83 -46.20
CA GLN D 270 -0.91 -19.62 -46.37
C GLN D 270 -1.64 -20.94 -46.23
N ILE D 271 -2.61 -21.01 -45.31
CA ILE D 271 -3.39 -22.23 -45.13
C ILE D 271 -4.82 -21.92 -45.63
N PHE D 273 -8.62 -23.63 -45.82
CA PHE D 273 -9.45 -24.64 -45.15
C PHE D 273 -10.92 -24.24 -45.09
N GLU D 274 -11.77 -25.23 -44.77
CA GLU D 274 -13.22 -25.05 -44.62
C GLU D 274 -13.76 -26.14 -43.68
N TYR D 275 -14.52 -25.73 -42.63
CA TYR D 275 -15.06 -26.67 -41.65
C TYR D 275 -16.29 -26.10 -40.93
N ASP D 276 -17.03 -27.01 -40.27
CA ASP D 276 -18.17 -26.72 -39.42
C ASP D 276 -17.87 -27.10 -37.98
N PHE D 277 -18.35 -26.29 -37.01
CA PHE D 277 -18.22 -26.57 -35.58
C PHE D 277 -19.34 -25.85 -34.82
N GLN D 278 -19.47 -26.17 -33.53
CA GLN D 278 -20.47 -25.57 -32.67
C GLN D 278 -19.86 -25.02 -31.41
N ASP D 279 -20.32 -23.83 -31.02
CA ASP D 279 -19.95 -23.23 -29.75
C ASP D 279 -21.09 -23.59 -28.83
N PHE D 280 -20.78 -24.44 -27.84
CA PHE D 280 -21.72 -24.98 -26.86
C PHE D 280 -21.34 -24.50 -25.44
N THR D 281 -20.42 -23.50 -25.32
CA THR D 281 -19.89 -23.01 -24.05
C THR D 281 -19.99 -21.48 -23.88
N TYR D 282 -20.68 -20.77 -24.81
CA TYR D 282 -20.82 -19.31 -24.82
C TYR D 282 -21.66 -18.78 -23.62
N GLY D 283 -22.39 -19.64 -22.94
CA GLY D 283 -23.24 -19.20 -21.85
C GLY D 283 -22.53 -19.02 -20.53
N GLY D 284 -21.28 -19.43 -20.49
CA GLY D 284 -20.45 -19.44 -19.29
C GLY D 284 -20.29 -20.89 -18.93
N SER D 285 -19.82 -21.20 -17.71
CA SER D 285 -19.68 -22.62 -17.39
C SER D 285 -21.01 -23.13 -16.80
N GLY D 286 -21.09 -24.46 -16.63
CA GLY D 286 -22.23 -25.18 -16.07
C GLY D 286 -23.46 -25.23 -16.94
N THR D 287 -23.90 -24.05 -17.39
CA THR D 287 -25.11 -23.78 -18.17
C THR D 287 -25.09 -24.55 -19.50
N GLU D 288 -26.12 -25.40 -19.72
CA GLU D 288 -26.24 -26.09 -21.01
C GLU D 288 -27.10 -25.22 -21.90
N VAL D 289 -26.52 -24.83 -23.03
CA VAL D 289 -27.09 -23.89 -23.99
C VAL D 289 -27.35 -24.57 -25.36
N ILE D 290 -28.12 -23.88 -26.20
CA ILE D 290 -28.37 -24.26 -27.59
C ILE D 290 -27.08 -24.02 -28.35
N PRO D 291 -26.41 -25.04 -28.91
CA PRO D 291 -25.16 -24.78 -29.63
C PRO D 291 -25.41 -23.89 -30.85
N ILE D 292 -24.44 -22.99 -31.14
CA ILE D 292 -24.44 -22.09 -32.28
C ILE D 292 -23.50 -22.70 -33.30
N LYS D 293 -24.05 -23.21 -34.38
CA LYS D 293 -23.25 -23.84 -35.42
C LYS D 293 -22.65 -22.76 -36.32
N TYR D 294 -21.37 -22.92 -36.68
CA TYR D 294 -20.66 -22.00 -37.55
C TYR D 294 -19.99 -22.67 -38.72
N ARG D 295 -19.96 -21.97 -39.86
CA ARG D 295 -19.22 -22.36 -41.06
C ARG D 295 -17.99 -21.47 -41.13
N VAL D 296 -16.80 -22.09 -40.99
CA VAL D 296 -15.52 -21.39 -41.07
C VAL D 296 -14.94 -21.69 -42.46
N ALA D 297 -14.63 -20.63 -43.22
CA ALA D 297 -14.08 -20.79 -44.57
C ALA D 297 -13.21 -19.60 -44.98
N GLY D 298 -12.12 -19.91 -45.66
CA GLY D 298 -11.20 -18.91 -46.20
C GLY D 298 -9.76 -19.35 -46.09
N SER D 299 -8.88 -18.37 -45.74
CA SER D 299 -7.45 -18.60 -45.55
C SER D 299 -6.88 -17.72 -44.42
N THR D 301 -2.66 -16.47 -43.17
CA THR D 301 -1.27 -16.46 -43.63
C THR D 301 -0.34 -16.03 -42.50
N LEU D 302 0.73 -16.80 -42.32
CA LEU D 302 1.79 -16.56 -41.36
C LEU D 302 2.97 -15.90 -42.03
N LEU D 303 3.52 -14.82 -41.43
CA LEU D 303 4.74 -14.15 -41.90
C LEU D 303 5.89 -14.42 -40.95
N ARG D 304 7.06 -14.69 -41.50
CA ARG D 304 8.32 -14.94 -40.82
C ARG D 304 9.38 -14.14 -41.53
N ASN D 305 10.00 -13.19 -40.83
CA ASN D 305 11.03 -12.31 -41.40
C ASN D 305 12.41 -12.93 -41.11
N ILE D 306 13.16 -13.22 -42.18
CA ILE D 306 14.44 -13.89 -42.09
C ILE D 306 15.56 -13.00 -42.67
N ASN D 307 16.64 -12.87 -41.90
CA ASN D 307 17.84 -12.13 -42.24
C ASN D 307 18.84 -13.13 -42.81
N THR D 308 18.84 -13.28 -44.16
CA THR D 308 19.63 -14.26 -44.92
C THR D 308 21.16 -14.10 -44.70
N GLN D 309 21.63 -12.95 -44.18
CA GLN D 309 23.07 -12.74 -43.90
C GLN D 309 23.53 -13.60 -42.72
N ILE D 310 22.60 -13.93 -41.80
CA ILE D 310 22.81 -14.80 -40.64
C ILE D 310 22.53 -16.26 -41.09
N PRO D 311 23.57 -17.14 -41.18
CA PRO D 311 23.32 -18.52 -41.63
C PRO D 311 22.51 -19.39 -40.67
N ASP D 312 22.55 -19.16 -39.33
CA ASP D 312 21.81 -20.00 -38.37
C ASP D 312 20.27 -19.86 -38.56
N GLU D 313 19.54 -21.01 -38.63
CA GLU D 313 18.09 -21.07 -38.87
C GLU D 313 17.26 -20.42 -37.74
N ASP D 314 17.86 -20.21 -36.55
CA ASP D 314 17.14 -19.62 -35.42
C ASP D 314 17.56 -18.17 -35.17
N GLN D 315 18.83 -17.87 -35.34
CA GLN D 315 19.37 -16.54 -35.08
C GLN D 315 18.90 -15.53 -36.15
N GLN D 316 18.64 -16.02 -37.39
CA GLN D 316 18.24 -15.22 -38.55
C GLN D 316 16.81 -14.67 -38.42
N ILE D 317 15.98 -15.28 -37.56
CA ILE D 317 14.58 -14.85 -37.40
C ILE D 317 14.52 -13.54 -36.63
N GLU D 318 13.82 -12.59 -37.24
CA GLU D 318 13.57 -11.27 -36.68
C GLU D 318 12.14 -11.24 -36.11
N TRP D 319 12.05 -11.49 -34.78
CA TRP D 319 10.76 -11.53 -34.07
C TRP D 319 10.26 -10.13 -33.68
N GLN E 11 -13.88 25.89 9.98
CA GLN E 11 -14.22 26.03 8.57
C GLN E 11 -13.32 25.14 7.69
N TYR E 12 -13.87 24.65 6.54
CA TYR E 12 -13.17 23.80 5.58
C TYR E 12 -12.98 24.55 4.26
N VAL E 13 -11.72 24.64 3.79
CA VAL E 13 -11.33 25.30 2.53
C VAL E 13 -11.18 24.25 1.43
N SER E 14 -11.89 24.42 0.29
CA SER E 14 -11.84 23.46 -0.83
C SER E 14 -11.98 24.17 -2.20
N PHE E 15 -11.87 23.37 -3.29
CA PHE E 15 -12.04 23.77 -4.69
C PHE E 15 -13.45 23.46 -5.17
N LYS E 16 -14.01 24.29 -6.06
CA LYS E 16 -15.35 24.01 -6.57
C LYS E 16 -15.38 24.26 -8.08
N ALA E 17 -15.25 23.19 -8.87
CA ALA E 17 -15.30 23.29 -10.33
C ALA E 17 -16.77 23.33 -10.83
N PRO E 18 -17.07 23.84 -12.07
CA PRO E 18 -18.47 23.93 -12.53
C PRO E 18 -19.23 22.59 -12.52
N ILE E 19 -18.56 21.49 -12.85
CA ILE E 19 -19.15 20.15 -12.85
C ILE E 19 -18.47 19.33 -11.74
N ALA E 20 -19.22 18.38 -11.15
CA ALA E 20 -18.69 17.49 -10.14
C ALA E 20 -17.76 16.45 -10.79
N SER E 21 -16.76 15.94 -10.03
CA SER E 21 -15.76 14.95 -10.47
C SER E 21 -16.41 13.62 -10.91
N GLY E 22 -15.68 12.86 -11.72
CA GLY E 22 -16.09 11.57 -12.26
C GLY E 22 -16.05 10.45 -11.24
N SER E 23 -15.94 9.20 -11.73
CA SER E 23 -15.90 8.00 -10.90
C SER E 23 -14.56 7.88 -10.13
N ASP E 24 -13.48 8.52 -10.65
CA ASP E 24 -12.10 8.45 -10.12
C ASP E 24 -11.64 9.69 -9.32
N GLY E 25 -12.43 10.76 -9.35
CA GLY E 25 -12.09 11.98 -8.63
C GLY E 25 -11.42 13.02 -9.53
N VAL E 26 -11.34 12.69 -10.83
CA VAL E 26 -10.80 13.54 -11.89
C VAL E 26 -11.94 14.40 -12.42
N THR E 27 -11.79 15.74 -12.37
CA THR E 27 -12.74 16.75 -12.85
C THR E 27 -12.34 17.24 -14.23
N THR E 28 -13.25 17.16 -15.21
CA THR E 28 -12.97 17.60 -16.57
C THR E 28 -13.26 19.10 -16.67
N ILE E 29 -12.27 19.85 -17.19
CA ILE E 29 -12.41 21.28 -17.42
C ILE E 29 -12.20 21.51 -18.93
N TYR E 30 -13.03 22.38 -19.51
CA TYR E 30 -12.97 22.67 -20.94
C TYR E 30 -12.41 24.06 -21.14
N VAL E 31 -11.23 24.13 -21.80
CA VAL E 31 -10.56 25.40 -22.06
C VAL E 31 -10.51 25.61 -23.58
N ARG E 32 -10.90 26.80 -24.06
CA ARG E 32 -10.86 27.03 -25.51
C ARG E 32 -9.44 27.29 -26.00
N TYR E 33 -9.06 26.69 -27.15
CA TYR E 33 -7.77 26.96 -27.79
C TYR E 33 -7.97 28.23 -28.63
N LYS E 34 -7.57 29.41 -28.08
CA LYS E 34 -7.75 30.71 -28.73
C LYS E 34 -6.46 31.17 -29.47
N ASP E 35 -6.33 32.48 -29.81
CA ASP E 35 -5.18 33.08 -30.51
C ASP E 35 -3.85 32.64 -29.88
N ASN E 36 -3.03 31.90 -30.65
CA ASN E 36 -1.72 31.37 -30.26
C ASN E 36 -1.85 30.29 -29.14
N GLY E 37 -3.07 29.95 -28.72
CA GLY E 37 -3.30 28.89 -27.74
C GLY E 37 -3.27 29.24 -26.27
N LYS E 38 -3.20 30.54 -25.96
CA LYS E 38 -3.22 31.02 -24.59
C LYS E 38 -4.69 31.13 -24.13
N VAL E 39 -4.96 30.72 -22.90
CA VAL E 39 -6.29 30.78 -22.27
C VAL E 39 -6.15 30.66 -20.76
N THR E 40 -7.04 31.33 -20.03
CA THR E 40 -7.08 31.35 -18.57
C THR E 40 -8.31 30.64 -18.07
N TYR E 41 -8.14 29.69 -17.13
CA TYR E 41 -9.23 29.01 -16.48
C TYR E 41 -9.35 29.54 -15.06
N GLN E 42 -10.58 29.91 -14.64
CA GLN E 42 -10.75 30.43 -13.29
C GLN E 42 -11.44 29.38 -12.41
N LEU E 43 -10.63 28.71 -11.60
CA LEU E 43 -11.06 27.70 -10.65
C LEU E 43 -11.33 28.33 -9.27
N PRO E 44 -12.59 28.35 -8.83
CA PRO E 44 -12.93 28.96 -7.52
C PRO E 44 -12.42 28.17 -6.31
N ILE E 45 -12.09 28.89 -5.23
CA ILE E 45 -11.65 28.35 -3.95
C ILE E 45 -12.67 28.85 -2.90
N ILE E 46 -13.36 27.91 -2.23
CA ILE E 46 -14.46 28.18 -1.28
C ILE E 46 -14.08 27.86 0.17
N VAL E 47 -14.58 28.73 1.09
CA VAL E 47 -14.45 28.58 2.53
C VAL E 47 -15.85 28.23 3.04
N SER E 48 -16.11 26.94 3.25
CA SER E 48 -17.42 26.47 3.71
C SER E 48 -17.46 26.44 5.23
N GLY E 49 -18.65 26.63 5.79
CA GLY E 49 -18.86 26.65 7.24
C GLY E 49 -20.11 27.37 7.69
N SER E 50 -20.57 27.03 8.91
CA SER E 50 -21.77 27.59 9.57
C SER E 50 -21.60 29.08 9.93
N THR E 51 -20.39 29.49 10.35
CA THR E 51 -20.07 30.88 10.72
C THR E 51 -19.47 31.65 9.52
N VAL E 52 -19.26 32.98 9.70
CA VAL E 52 -18.66 33.87 8.68
C VAL E 52 -17.14 33.85 8.89
N ASN E 53 -16.35 33.88 7.78
CA ASN E 53 -14.89 33.89 7.80
C ASN E 53 -14.38 35.17 8.46
N SER E 54 -13.76 35.04 9.65
CA SER E 54 -13.21 36.15 10.43
C SER E 54 -11.67 36.16 10.35
N ARG E 57 -7.13 35.05 5.38
CA ARG E 57 -6.53 33.75 5.08
C ARG E 57 -5.70 33.77 3.78
N ASP E 58 -4.45 33.27 3.86
CA ASP E 58 -3.54 33.10 2.72
C ASP E 58 -3.43 31.62 2.42
N ILE E 59 -4.25 31.17 1.45
CA ILE E 59 -4.35 29.77 1.01
C ILE E 59 -3.18 29.47 0.06
N HIS E 60 -2.45 28.37 0.33
CA HIS E 60 -1.30 27.93 -0.47
C HIS E 60 -1.70 26.73 -1.32
N ILE E 61 -1.50 26.85 -2.65
CA ILE E 61 -1.81 25.82 -3.65
C ILE E 61 -0.51 25.28 -4.23
N ALA E 62 -0.44 23.97 -4.47
CA ALA E 62 0.74 23.30 -5.01
C ALA E 62 0.34 22.17 -5.93
N VAL E 63 1.26 21.78 -6.84
CA VAL E 63 1.03 20.66 -7.77
C VAL E 63 1.30 19.36 -6.98
N ASP E 64 0.30 18.46 -6.94
CA ASP E 64 0.32 17.20 -6.18
C ASP E 64 0.56 16.01 -7.13
N LYS E 65 1.81 15.82 -7.53
CA LYS E 65 2.30 14.76 -8.41
C LYS E 65 1.88 13.35 -7.88
N ASP E 66 2.03 13.12 -6.56
CA ASP E 66 1.77 11.85 -5.86
C ASP E 66 0.30 11.39 -5.91
N THR E 67 -0.71 12.29 -5.74
CA THR E 67 -2.12 11.87 -5.74
C THR E 67 -2.49 11.31 -7.13
N LEU E 68 -1.97 11.92 -8.21
CA LEU E 68 -2.19 11.49 -9.59
C LEU E 68 -1.57 10.10 -9.81
N LYS E 69 -0.33 9.85 -9.31
CA LYS E 69 0.36 8.56 -9.45
C LYS E 69 -0.45 7.45 -8.73
N THR E 70 -0.93 7.73 -7.51
CA THR E 70 -1.73 6.80 -6.71
C THR E 70 -3.02 6.46 -7.44
N LEU E 71 -3.68 7.46 -8.06
CA LEU E 71 -4.93 7.24 -8.79
C LEU E 71 -4.70 6.31 -9.97
N ASN E 72 -3.70 6.60 -10.82
CA ASN E 72 -3.34 5.77 -11.97
C ASN E 72 -3.15 4.31 -11.56
N ILE E 73 -2.36 4.05 -10.50
CA ILE E 73 -2.11 2.71 -9.99
C ILE E 73 -3.41 2.07 -9.53
N GLU E 74 -4.18 2.79 -8.71
CA GLU E 74 -5.39 2.27 -8.12
C GLU E 74 -6.48 1.98 -9.17
N ARG E 75 -6.62 2.86 -10.18
CA ARG E 75 -7.66 2.71 -11.16
C ARG E 75 -7.25 1.75 -12.30
N PHE E 76 -6.03 1.91 -12.90
CA PHE E 76 -5.62 1.13 -14.09
C PHE E 76 -4.52 0.06 -13.86
N SER E 77 -3.76 0.11 -12.74
CA SER E 77 -2.65 -0.78 -12.37
C SER E 77 -1.38 -0.41 -13.11
N LEU E 78 -0.21 -0.92 -12.65
CA LEU E 78 1.10 -0.67 -13.27
C LEU E 78 1.25 -1.35 -14.64
N TYR E 79 0.34 -2.28 -14.96
CA TYR E 79 0.40 -3.12 -16.12
C TYR E 79 -0.39 -2.56 -17.31
N ARG E 80 -1.09 -1.42 -17.11
CA ARG E 80 -1.83 -0.75 -18.19
C ARG E 80 -1.42 0.74 -18.27
N PRO E 81 -0.12 1.06 -18.57
CA PRO E 81 0.30 2.48 -18.61
C PRO E 81 -0.29 3.28 -19.76
N GLU E 82 -0.83 2.62 -20.79
CA GLU E 82 -1.43 3.28 -21.93
C GLU E 82 -2.75 3.99 -21.52
N LEU E 83 -3.34 3.58 -20.39
CA LEU E 83 -4.60 4.11 -19.86
C LEU E 83 -4.38 5.24 -18.84
N TRP E 84 -3.14 5.44 -18.39
CA TRP E 84 -2.73 6.40 -17.38
C TRP E 84 -2.87 7.85 -17.80
N TYR E 85 -3.20 8.68 -16.80
CA TYR E 85 -3.24 10.13 -16.94
C TYR E 85 -1.84 10.63 -16.90
N THR E 86 -1.55 11.73 -17.61
CA THR E 86 -0.20 12.28 -17.63
C THR E 86 -0.22 13.63 -16.94
N GLU E 87 0.74 13.84 -16.04
CA GLU E 87 0.88 15.13 -15.36
C GLU E 87 1.19 16.17 -16.39
N GLU E 89 2.67 19.25 -18.26
CA GLU E 89 3.99 19.88 -18.42
C GLU E 89 4.01 21.26 -17.78
N GLU E 90 5.05 21.59 -16.98
CA GLU E 90 5.18 22.87 -16.26
C GLU E 90 5.20 24.09 -17.19
N ASP E 91 5.65 23.90 -18.46
CA ASP E 91 5.73 24.96 -19.46
C ASP E 91 4.34 25.29 -20.07
N LYS E 92 3.30 24.44 -19.87
CA LYS E 92 1.95 24.62 -20.42
C LYS E 92 0.96 25.31 -19.40
N TYR E 93 1.39 25.58 -18.14
CA TYR E 93 0.52 26.22 -17.14
C TYR E 93 1.32 27.07 -16.12
N GLU E 94 0.62 28.04 -15.51
CA GLU E 94 1.07 28.93 -14.44
C GLU E 94 -0.13 29.33 -13.59
N PHE E 95 0.03 29.33 -12.26
CA PHE E 95 -1.02 29.74 -11.32
C PHE E 95 -0.35 30.33 -10.06
N PRO E 96 -0.98 31.32 -9.37
CA PRO E 96 -0.34 31.87 -8.16
C PRO E 96 -0.25 30.82 -7.04
N GLU E 97 0.95 30.75 -6.41
CA GLU E 97 1.24 29.81 -5.32
C GLU E 97 0.34 30.09 -4.12
N THR E 98 0.06 31.38 -3.86
CA THR E 98 -0.78 31.83 -2.75
C THR E 98 -1.99 32.59 -3.28
N VAL E 99 -3.17 32.27 -2.71
CA VAL E 99 -4.46 32.92 -2.97
C VAL E 99 -4.88 33.60 -1.66
N HIS E 100 -5.20 34.90 -1.70
CA HIS E 100 -5.62 35.62 -0.50
C HIS E 100 -7.14 35.80 -0.48
N ILE E 101 -7.79 35.28 0.60
CA ILE E 101 -9.22 35.43 0.89
C ILE E 101 -9.32 36.37 2.12
N PRO E 102 -9.96 37.56 1.99
CA PRO E 102 -10.01 38.49 3.14
C PRO E 102 -11.06 38.09 4.19
N ALA E 103 -10.78 38.39 5.47
CA ALA E 103 -11.67 38.13 6.60
C ALA E 103 -13.03 38.88 6.38
N GLY E 104 -13.99 38.16 5.81
CA GLY E 104 -15.32 38.62 5.43
C GLY E 104 -15.84 37.88 4.20
N SER E 105 -14.91 37.56 3.27
CA SER E 105 -15.18 36.82 2.04
C SER E 105 -15.03 35.31 2.26
N CYS E 106 -15.66 34.51 1.39
CA CYS E 106 -15.62 33.04 1.49
C CYS E 106 -15.31 32.41 0.10
N VAL E 107 -15.08 33.24 -0.93
CA VAL E 107 -14.80 32.80 -2.30
C VAL E 107 -13.75 33.73 -2.95
N GLU E 108 -12.78 33.11 -3.63
CA GLU E 108 -11.75 33.76 -4.43
C GLU E 108 -11.44 32.81 -5.58
N LEU E 109 -10.85 33.33 -6.67
CA LEU E 109 -10.57 32.52 -7.86
C LEU E 109 -9.08 32.31 -8.09
N LEU E 110 -8.71 31.07 -8.41
CA LEU E 110 -7.35 30.72 -8.80
C LEU E 110 -7.27 30.84 -10.31
N ASN E 111 -6.49 31.83 -10.78
CA ASN E 111 -6.34 32.05 -12.22
C ASN E 111 -5.25 31.14 -12.75
N ILE E 112 -5.67 30.09 -13.48
CA ILE E 112 -4.76 29.13 -14.08
C ILE E 112 -4.57 29.55 -15.54
N ASP E 113 -3.38 30.06 -15.84
CA ASP E 113 -3.06 30.53 -17.19
C ASP E 113 -2.40 29.41 -17.96
N PHE E 114 -3.05 28.95 -19.02
CA PHE E 114 -2.51 27.89 -19.88
C PHE E 114 -1.91 28.45 -21.17
N ASN E 115 -0.85 27.80 -21.64
CA ASN E 115 -0.21 27.99 -22.95
C ASN E 115 -0.30 26.66 -23.66
N LEU E 116 -1.36 26.49 -24.45
CA LEU E 116 -1.67 25.21 -25.07
C LEU E 116 -1.04 25.04 -26.45
N GLN E 117 -0.26 26.01 -26.94
CA GLN E 117 0.35 25.89 -28.26
C GLN E 117 1.18 24.60 -28.37
N ASP E 118 0.88 23.79 -29.41
CA ASP E 118 1.53 22.53 -29.80
C ASP E 118 1.34 21.43 -28.74
N ILE E 119 0.21 21.44 -28.00
CA ILE E 119 -0.09 20.42 -26.99
C ILE E 119 -0.47 19.10 -27.71
N ASP E 120 0.12 17.99 -27.24
CA ASP E 120 -0.15 16.69 -27.83
C ASP E 120 -1.29 16.08 -27.07
N LEU E 122 -2.55 13.28 -27.45
CA LEU E 122 -2.36 11.84 -27.36
C LEU E 122 -2.48 11.43 -25.89
N GLU E 123 -2.08 12.35 -25.00
CA GLU E 123 -2.04 12.20 -23.54
C GLU E 123 -3.29 12.72 -22.88
N LYS E 124 -3.72 12.04 -21.80
CA LYS E 124 -4.84 12.53 -21.00
C LYS E 124 -4.21 13.41 -19.93
N TRP E 125 -4.12 14.73 -20.20
CA TRP E 125 -3.48 15.69 -19.32
C TRP E 125 -4.30 15.98 -18.11
N VAL E 126 -3.63 15.92 -16.95
CA VAL E 126 -4.21 16.22 -15.66
C VAL E 126 -3.25 17.14 -14.91
N LEU E 127 -3.82 18.22 -14.34
CA LEU E 127 -3.14 19.17 -13.48
C LEU E 127 -3.60 18.84 -12.04
N PRO E 128 -2.76 18.11 -11.27
CA PRO E 128 -3.16 17.75 -9.90
C PRO E 128 -2.84 18.88 -8.92
N LEU E 129 -3.88 19.45 -8.32
CA LEU E 129 -3.75 20.56 -7.37
C LEU E 129 -4.16 20.13 -5.98
N THR E 130 -3.52 20.74 -4.97
CA THR E 130 -3.83 20.49 -3.57
C THR E 130 -3.65 21.78 -2.77
N ILE E 131 -4.42 21.89 -1.68
CA ILE E 131 -4.33 22.99 -0.72
C ILE E 131 -3.34 22.50 0.34
N VAL E 132 -2.14 23.07 0.41
CA VAL E 132 -1.12 22.62 1.35
C VAL E 132 -1.30 23.37 2.70
N ASP E 133 -1.88 24.59 2.66
CA ASP E 133 -2.20 25.42 3.82
C ASP E 133 -3.46 26.23 3.53
N ASP E 134 -4.47 26.17 4.43
CA ASP E 134 -5.74 26.87 4.30
C ASP E 134 -5.70 28.26 5.02
N GLY E 135 -4.55 28.60 5.63
CA GLY E 135 -4.33 29.86 6.34
C GLY E 135 -5.10 30.02 7.63
N SER E 136 -5.48 28.90 8.29
CA SER E 136 -6.23 28.87 9.55
C SER E 136 -5.33 29.19 10.76
N ALA E 148 -7.66 19.12 0.73
CA ALA E 148 -8.58 19.27 -0.41
C ALA E 148 -7.82 19.24 -1.73
N LYS E 149 -8.20 18.31 -2.59
CA LYS E 149 -7.54 18.09 -3.88
C LYS E 149 -8.45 18.41 -5.06
N ALA E 150 -7.83 18.64 -6.22
CA ALA E 150 -8.47 18.88 -7.50
C ALA E 150 -7.64 18.25 -8.59
N LEU E 151 -8.18 17.22 -9.24
CA LEU E 151 -7.48 16.53 -10.33
C LEU E 151 -8.11 17.02 -11.61
N LEU E 152 -7.55 18.11 -12.16
CA LEU E 152 -8.09 18.79 -13.33
C LEU E 152 -7.64 18.17 -14.63
N LYS E 153 -8.56 17.47 -15.31
CA LYS E 153 -8.33 16.89 -16.65
C LYS E 153 -8.57 17.99 -17.64
N VAL E 154 -7.49 18.61 -18.11
CA VAL E 154 -7.53 19.77 -19.01
C VAL E 154 -7.83 19.28 -20.43
N VAL E 155 -9.03 19.66 -20.91
CA VAL E 155 -9.51 19.27 -22.23
C VAL E 155 -9.63 20.53 -23.10
N PRO E 156 -8.62 20.81 -23.97
CA PRO E 156 -8.76 21.94 -24.89
C PRO E 156 -9.85 21.65 -25.92
N PHE E 157 -10.51 22.69 -26.39
CA PHE E 157 -11.53 22.54 -27.41
C PHE E 157 -11.52 23.71 -28.39
N ASN E 158 -12.00 23.45 -29.60
CA ASN E 158 -12.24 24.42 -30.64
C ASN E 158 -13.67 24.18 -31.16
N ASN E 159 -14.09 24.88 -32.22
CA ASN E 159 -15.44 24.74 -32.75
C ASN E 159 -15.65 23.41 -33.49
N TYR E 160 -14.59 22.57 -33.62
CA TYR E 160 -14.62 21.32 -34.39
C TYR E 160 -14.16 20.08 -33.59
N SER E 161 -13.87 20.23 -32.30
CA SER E 161 -13.39 19.11 -31.49
C SER E 161 -14.48 18.56 -30.56
N GLY E 162 -14.32 17.30 -30.18
CA GLY E 162 -15.22 16.59 -29.30
C GLY E 162 -15.52 15.17 -29.75
N SER E 163 -16.63 14.63 -29.24
CA SER E 163 -17.07 13.28 -29.56
C SER E 163 -18.04 13.34 -30.75
N TYR E 164 -17.57 12.89 -31.92
CA TYR E 164 -18.33 12.79 -33.17
C TYR E 164 -19.12 11.52 -33.23
N THR E 165 -20.37 11.56 -33.72
CA THR E 165 -21.21 10.37 -33.94
C THR E 165 -20.64 9.69 -35.19
N ALA E 166 -20.23 8.41 -35.10
CA ALA E 166 -19.60 7.75 -36.23
C ALA E 166 -20.41 6.55 -36.75
N SER E 167 -21.73 6.53 -36.54
CA SER E 167 -22.64 5.45 -36.97
C SER E 167 -22.75 5.34 -38.52
N SER E 168 -22.48 6.45 -39.26
CA SER E 168 -22.52 6.48 -40.72
C SER E 168 -21.10 6.35 -41.33
N LYS E 170 -18.33 3.79 -42.26
CA LYS E 170 -18.12 2.37 -42.52
C LYS E 170 -16.64 2.07 -42.83
N VAL E 171 -16.11 1.01 -42.20
CA VAL E 171 -14.72 0.58 -42.35
C VAL E 171 -14.72 -0.82 -42.99
N TYR E 172 -14.30 -0.88 -44.26
CA TYR E 172 -14.25 -2.11 -45.04
C TYR E 172 -12.86 -2.70 -45.03
N THR E 173 -12.75 -4.02 -44.80
CA THR E 173 -11.47 -4.72 -44.81
C THR E 173 -11.13 -5.14 -46.24
N TYR E 174 -9.88 -4.88 -46.69
CA TYR E 174 -9.39 -5.33 -47.99
C TYR E 174 -9.17 -6.83 -47.95
N ILE E 175 -9.96 -7.56 -48.75
CA ILE E 175 -9.84 -9.00 -48.90
C ILE E 175 -9.57 -9.26 -50.38
N ASN E 176 -8.38 -9.82 -50.68
CA ASN E 176 -7.91 -10.15 -52.02
C ASN E 176 -7.89 -8.89 -52.92
N GLY E 177 -7.21 -7.86 -52.41
CA GLY E 177 -6.99 -6.59 -53.09
C GLY E 177 -8.15 -5.64 -53.23
N LYS E 178 -9.38 -6.08 -52.92
CA LYS E 178 -10.57 -5.23 -53.03
C LYS E 178 -11.31 -5.13 -51.68
N PRO E 179 -11.89 -3.96 -51.33
CA PRO E 179 -12.63 -3.85 -50.05
C PRO E 179 -13.80 -4.82 -50.01
N ASP E 180 -13.99 -5.49 -48.86
CA ASP E 180 -15.05 -6.46 -48.63
C ASP E 180 -16.41 -5.74 -48.58
N THR E 181 -17.50 -6.50 -48.79
CA THR E 181 -18.89 -6.04 -48.76
C THR E 181 -19.31 -5.72 -47.32
N ASN E 182 -18.85 -6.56 -46.36
CA ASN E 182 -19.11 -6.42 -44.93
C ASN E 182 -18.34 -5.23 -44.40
N ALA E 183 -19.06 -4.35 -43.70
CA ALA E 183 -18.47 -3.18 -43.06
C ALA E 183 -18.62 -3.27 -41.56
N ARG E 184 -17.63 -2.70 -40.87
CA ARG E 184 -17.58 -2.55 -39.43
C ARG E 184 -17.81 -1.09 -39.08
N THR E 185 -18.61 -0.83 -38.03
CA THR E 185 -18.90 0.52 -37.57
C THR E 185 -18.76 0.61 -36.06
N THR E 186 -18.64 1.84 -35.53
CA THR E 186 -18.63 2.13 -34.08
C THR E 186 -19.62 3.26 -33.87
N ASP E 187 -19.93 3.59 -32.62
CA ASP E 187 -20.94 4.62 -32.33
C ASP E 187 -20.34 6.03 -32.32
N LYS E 188 -19.04 6.18 -31.96
CA LYS E 188 -18.39 7.49 -31.85
C LYS E 188 -16.87 7.41 -32.01
N ARG E 189 -16.26 8.53 -32.45
CA ARG E 189 -14.82 8.76 -32.56
C ARG E 189 -14.53 10.14 -32.02
N THR E 190 -13.41 10.30 -31.31
CA THR E 190 -13.01 11.56 -30.69
C THR E 190 -12.09 12.34 -31.64
N GLY E 191 -12.46 13.60 -31.85
CA GLY E 191 -11.65 14.55 -32.61
C GLY E 191 -10.93 15.41 -31.59
N TYR E 192 -9.61 15.27 -31.52
CA TYR E 192 -8.77 15.98 -30.55
C TYR E 192 -8.17 17.27 -31.13
N VAL E 193 -8.02 18.33 -30.30
CA VAL E 193 -7.51 19.65 -30.72
C VAL E 193 -6.03 19.55 -31.13
N VAL E 194 -5.68 20.24 -32.22
CA VAL E 194 -4.33 20.45 -32.71
C VAL E 194 -4.03 21.97 -32.53
N ASP E 195 -4.90 22.83 -33.11
CA ASP E 195 -4.83 24.29 -32.98
C ASP E 195 -6.29 24.84 -33.00
N ASN E 196 -6.50 26.11 -33.39
CA ASN E 196 -7.82 26.75 -33.34
C ASN E 196 -8.80 26.22 -34.43
N ASN E 197 -8.29 25.77 -35.61
CA ASN E 197 -9.20 25.28 -36.67
C ASN E 197 -8.72 23.90 -37.21
N SER E 198 -7.86 23.19 -36.44
CA SER E 198 -7.39 21.86 -36.82
C SER E 198 -7.55 20.88 -35.67
N ILE E 199 -7.95 19.66 -35.99
CA ILE E 199 -8.14 18.59 -35.02
C ILE E 199 -7.40 17.32 -35.53
N PHE E 200 -7.50 16.20 -34.79
CA PHE E 200 -6.94 14.92 -35.25
C PHE E 200 -7.85 13.80 -34.77
N PHE E 201 -7.89 12.73 -35.58
CA PHE E 201 -8.59 11.49 -35.28
C PHE E 201 -7.64 10.32 -35.36
N TYR E 202 -8.03 9.17 -34.80
CA TYR E 202 -7.26 7.97 -35.04
C TYR E 202 -7.97 7.23 -36.19
N ALA E 203 -7.18 6.87 -37.22
CA ALA E 203 -7.65 6.24 -38.45
C ALA E 203 -8.60 5.06 -38.18
N GLY E 204 -9.63 4.95 -38.99
CA GLY E 204 -10.64 3.89 -38.94
C GLY E 204 -11.20 3.64 -37.56
N LEU E 205 -11.05 2.38 -37.08
CA LEU E 205 -11.54 1.91 -35.77
C LEU E 205 -10.39 1.57 -34.83
N ILE E 206 -9.18 2.13 -35.09
CA ILE E 206 -7.99 1.99 -34.23
C ILE E 206 -8.40 2.38 -32.80
N ASN E 207 -8.04 1.52 -31.82
CA ASN E 207 -8.37 1.72 -30.42
C ASN E 207 -7.70 2.99 -29.91
N GLU E 208 -8.52 3.96 -29.46
CA GLU E 208 -8.08 5.26 -28.92
C GLU E 208 -7.30 5.11 -27.58
N ASP E 209 -7.35 3.91 -26.95
CA ASP E 209 -6.68 3.57 -25.70
C ASP E 209 -5.55 2.52 -25.90
N ASP E 211 -1.59 1.06 -26.99
CA ASP E 211 -0.20 1.47 -26.72
C ASP E 211 0.05 2.80 -27.41
N LYS E 212 0.42 3.84 -26.62
CA LYS E 212 0.64 5.23 -27.04
C LYS E 212 1.68 5.34 -28.17
N ASP E 213 2.77 4.56 -28.11
CA ASP E 213 3.84 4.61 -29.12
C ASP E 213 3.35 4.13 -30.48
N ARG E 215 -0.27 3.94 -31.19
CA ARG E 215 -1.45 4.66 -31.64
C ARG E 215 -1.10 6.02 -32.29
N LYS E 216 -0.05 6.75 -31.82
CA LYS E 216 0.31 8.07 -32.38
C LYS E 216 0.57 7.99 -33.91
N LYS E 217 0.85 6.80 -34.43
CA LYS E 217 1.12 6.59 -35.85
C LYS E 217 -0.15 6.74 -36.68
N TYR E 218 -1.32 6.45 -36.09
CA TYR E 218 -2.59 6.46 -36.80
C TYR E 218 -3.35 7.82 -36.66
N LYS E 219 -2.64 8.92 -36.33
CA LYS E 219 -3.26 10.24 -36.25
C LYS E 219 -3.49 10.85 -37.62
N ILE E 220 -4.71 11.36 -37.85
CA ILE E 220 -5.06 12.06 -39.09
C ILE E 220 -5.36 13.49 -38.72
N ASN E 221 -4.51 14.42 -39.18
CA ASN E 221 -4.71 15.85 -38.94
C ASN E 221 -5.76 16.37 -39.92
N VAL E 222 -6.86 16.92 -39.38
CA VAL E 222 -8.00 17.43 -40.15
C VAL E 222 -8.06 18.95 -39.97
N HIS E 223 -7.88 19.71 -41.08
CA HIS E 223 -7.91 21.17 -41.03
C HIS E 223 -9.18 21.66 -41.75
N PHE E 224 -9.92 22.54 -41.08
CA PHE E 224 -11.18 23.11 -41.56
C PHE E 224 -10.94 24.46 -42.27
N LYS E 225 -11.11 24.46 -43.60
CA LYS E 225 -10.90 25.64 -44.43
C LYS E 225 -12.23 26.40 -44.62
N GLU E 226 -12.16 27.69 -44.97
CA GLU E 226 -13.35 28.51 -45.07
C GLU E 226 -14.25 28.14 -46.26
N ASP E 227 -13.68 27.57 -47.34
CA ASP E 227 -14.45 27.25 -48.54
C ASP E 227 -15.31 25.96 -48.38
N GLY E 228 -15.31 25.36 -47.19
CA GLY E 228 -16.10 24.16 -46.94
C GLY E 228 -15.39 22.87 -47.28
N THR E 229 -14.07 22.96 -47.55
CA THR E 229 -13.24 21.79 -47.86
C THR E 229 -12.38 21.49 -46.62
N LEU E 230 -11.90 20.24 -46.52
CA LEU E 230 -11.04 19.74 -45.45
C LEU E 230 -9.70 19.25 -45.95
N ASP E 231 -8.64 19.52 -45.16
CA ASP E 231 -7.30 18.99 -45.38
C ASP E 231 -7.11 17.82 -44.47
N LYS E 233 -4.36 14.89 -43.70
CA LYS E 233 -3.02 14.36 -43.85
C LYS E 233 -2.63 13.68 -42.58
N GLN E 234 -1.89 12.59 -42.70
CA GLN E 234 -1.41 11.84 -41.55
C GLN E 234 -0.37 12.69 -40.77
N ASP E 235 -0.35 12.51 -39.43
CA ASP E 235 0.62 13.20 -38.58
C ASP E 235 2.05 12.61 -38.75
N ASP E 236 2.16 11.25 -38.87
CA ASP E 236 3.42 10.53 -39.10
C ASP E 236 4.05 10.98 -40.44
N PRO E 237 5.21 11.68 -40.39
CA PRO E 237 5.81 12.16 -41.65
C PRO E 237 6.18 11.03 -42.61
N SER E 238 6.62 9.86 -42.06
CA SER E 238 7.00 8.69 -42.85
C SER E 238 5.77 7.93 -43.38
N ASN E 239 4.55 8.27 -42.88
CA ASN E 239 3.25 7.70 -43.29
C ASN E 239 3.33 6.16 -43.34
N GLU E 240 3.70 5.55 -42.20
CA GLU E 240 3.86 4.11 -42.09
C GLU E 240 2.49 3.42 -42.25
N GLU E 242 0.39 4.08 -44.42
CA GLU E 242 0.10 4.21 -45.86
C GLU E 242 -1.27 4.86 -46.07
N PHE E 243 -1.50 6.01 -45.38
CA PHE E 243 -2.73 6.80 -45.49
C PHE E 243 -2.82 7.40 -46.89
N GLU E 244 -3.98 7.26 -47.52
CA GLU E 244 -4.20 7.78 -48.84
C GLU E 244 -5.62 8.32 -48.92
N LEU E 245 -5.74 9.65 -49.02
CA LEU E 245 -7.01 10.35 -49.10
C LEU E 245 -7.63 10.09 -50.45
N ILE E 246 -8.95 9.82 -50.48
CA ILE E 246 -9.68 9.53 -51.71
C ILE E 246 -10.71 10.64 -51.95
N GLY E 247 -10.53 11.32 -53.09
CA GLY E 247 -11.37 12.43 -53.52
C GLY E 247 -11.08 13.67 -52.72
N THR E 248 -12.08 14.55 -52.62
CA THR E 248 -11.92 15.79 -51.88
C THR E 248 -12.86 15.76 -50.67
N PRO E 249 -12.33 15.63 -49.43
CA PRO E 249 -13.22 15.59 -48.26
C PRO E 249 -13.80 16.99 -48.01
N THR E 250 -15.05 17.01 -47.48
CA THR E 250 -15.83 18.23 -47.23
C THR E 250 -16.50 18.20 -45.86
N TYR E 251 -17.02 19.37 -45.44
CA TYR E 251 -17.70 19.51 -44.17
C TYR E 251 -18.82 20.53 -44.31
N SER E 252 -19.90 20.31 -43.54
CA SER E 252 -21.04 21.23 -43.49
C SER E 252 -21.36 21.58 -42.04
N SER E 253 -21.57 22.87 -41.80
CA SER E 253 -21.86 23.36 -40.47
C SER E 253 -23.22 24.02 -40.49
N THR E 254 -24.14 23.53 -39.65
CA THR E 254 -25.50 24.05 -39.57
C THR E 254 -25.91 24.23 -38.10
N SER E 255 -26.99 24.99 -37.86
CA SER E 255 -27.51 25.20 -36.51
C SER E 255 -29.05 25.20 -36.50
N VAL E 256 -29.65 24.53 -35.49
CA VAL E 256 -31.10 24.44 -35.30
C VAL E 256 -31.44 24.90 -33.89
N ASP E 258 -33.83 24.53 -30.55
CA ASP E 258 -34.61 23.42 -29.97
C ASP E 258 -36.08 23.85 -29.85
N ALA E 259 -36.98 22.86 -30.02
CA ALA E 259 -38.42 23.01 -29.95
C ALA E 259 -38.90 23.23 -28.49
N THR E 260 -38.49 22.29 -27.58
CA THR E 260 -38.78 22.26 -26.13
C THR E 260 -38.15 23.51 -25.45
N ARG E 261 -36.81 23.64 -25.45
CA ARG E 261 -36.07 24.79 -24.92
C ARG E 261 -35.77 25.77 -26.08
N PRO E 262 -36.57 26.86 -26.20
CA PRO E 262 -36.42 27.76 -27.36
C PRO E 262 -35.12 28.60 -27.41
N TYR E 263 -34.35 28.71 -26.33
CA TYR E 263 -33.10 29.49 -26.36
C TYR E 263 -31.87 28.59 -26.66
N LEU E 264 -32.08 27.27 -26.65
CA LEU E 264 -31.02 26.29 -26.91
C LEU E 264 -30.80 26.17 -28.42
N GLU E 265 -29.52 26.28 -28.82
CA GLU E 265 -29.05 26.17 -30.19
C GLU E 265 -28.20 24.93 -30.34
N ARG E 266 -28.57 24.05 -31.26
CA ARG E 266 -27.81 22.85 -31.52
C ARG E 266 -26.99 23.11 -32.75
N ARG E 267 -25.66 23.05 -32.61
CA ARG E 267 -24.73 23.35 -33.69
C ARG E 267 -24.09 22.06 -34.14
N TYR E 268 -24.27 21.72 -35.44
CA TYR E 268 -23.79 20.48 -36.05
C TYR E 268 -22.68 20.73 -37.05
N VAL E 269 -21.65 19.88 -37.00
CA VAL E 269 -20.52 19.90 -37.91
C VAL E 269 -20.39 18.49 -38.46
N GLN E 270 -20.80 18.31 -39.72
CA GLN E 270 -20.74 17.02 -40.42
C GLN E 270 -19.54 16.98 -41.32
N ILE E 271 -18.68 15.97 -41.16
CA ILE E 271 -17.49 15.82 -42.00
C ILE E 271 -17.72 14.60 -42.91
N PHE E 273 -15.81 12.19 -45.75
CA PHE E 273 -14.46 11.79 -46.15
C PHE E 273 -14.41 10.34 -46.62
N GLU E 274 -13.30 10.00 -47.29
CA GLU E 274 -13.00 8.66 -47.77
C GLU E 274 -11.49 8.51 -47.88
N TYR E 275 -10.93 7.45 -47.25
CA TYR E 275 -9.49 7.21 -47.27
C TYR E 275 -9.15 5.73 -47.06
N ASP E 276 -7.90 5.39 -47.35
CA ASP E 276 -7.29 4.07 -47.13
C ASP E 276 -6.16 4.19 -46.14
N PHE E 277 -6.01 3.17 -45.30
CA PHE E 277 -4.90 3.07 -44.36
C PHE E 277 -4.66 1.61 -44.03
N GLN E 278 -3.56 1.34 -43.33
CA GLN E 278 -3.19 -0.01 -42.92
C GLN E 278 -2.90 -0.10 -41.46
N ASP E 279 -3.37 -1.18 -40.82
CA ASP E 279 -3.07 -1.53 -39.43
C ASP E 279 -1.90 -2.47 -39.51
N PHE E 280 -0.75 -2.01 -39.03
CA PHE E 280 0.51 -2.76 -39.09
C PHE E 280 1.04 -3.01 -37.65
N THR E 281 0.19 -2.79 -36.62
CA THR E 281 0.56 -2.90 -35.21
C THR E 281 -0.36 -3.83 -34.39
N TYR E 282 -1.32 -4.52 -35.04
CA TYR E 282 -2.31 -5.38 -34.39
C TYR E 282 -1.70 -6.64 -33.72
N GLY E 283 -0.46 -7.01 -34.08
CA GLY E 283 0.19 -8.19 -33.53
C GLY E 283 0.72 -8.01 -32.12
N GLY E 284 0.79 -6.76 -31.71
CA GLY E 284 1.40 -6.34 -30.45
C GLY E 284 2.64 -5.58 -30.86
N SER E 285 3.55 -5.31 -29.93
CA SER E 285 4.74 -4.60 -30.35
C SER E 285 5.80 -5.62 -30.83
N GLY E 286 6.91 -5.11 -31.38
CA GLY E 286 8.05 -5.86 -31.89
C GLY E 286 7.79 -6.60 -33.19
N THR E 287 6.81 -7.51 -33.14
CA THR E 287 6.36 -8.43 -34.19
C THR E 287 6.03 -7.73 -35.52
N GLU E 288 6.71 -8.13 -36.63
CA GLU E 288 6.35 -7.56 -37.93
C GLU E 288 5.28 -8.48 -38.55
N VAL E 289 4.12 -7.87 -38.84
CA VAL E 289 2.90 -8.53 -39.30
C VAL E 289 2.53 -8.06 -40.72
N ILE E 290 1.65 -8.85 -41.38
CA ILE E 290 1.07 -8.51 -42.67
C ILE E 290 0.07 -7.37 -42.43
N PRO E 291 0.29 -6.16 -42.98
CA PRO E 291 -0.68 -5.07 -42.72
C PRO E 291 -2.07 -5.42 -43.26
N ILE E 292 -3.10 -4.98 -42.54
CA ILE E 292 -4.51 -5.14 -42.89
C ILE E 292 -4.96 -3.81 -43.45
N LYS E 293 -5.19 -3.76 -44.76
CA LYS E 293 -5.60 -2.52 -45.40
C LYS E 293 -7.10 -2.33 -45.19
N TYR E 294 -7.51 -1.08 -44.93
CA TYR E 294 -8.92 -0.73 -44.74
C TYR E 294 -9.35 0.44 -45.62
N ARG E 295 -10.62 0.40 -46.05
CA ARG E 295 -11.29 1.48 -46.74
C ARG E 295 -12.26 2.12 -45.76
N VAL E 296 -12.00 3.39 -45.41
CA VAL E 296 -12.85 4.15 -44.51
C VAL E 296 -13.67 5.11 -45.35
N ALA E 297 -15.01 5.05 -45.25
CA ALA E 297 -15.90 5.89 -46.05
C ALA E 297 -17.22 6.16 -45.34
N GLY E 298 -17.65 7.42 -45.43
CA GLY E 298 -18.90 7.87 -44.85
C GLY E 298 -18.84 9.28 -44.29
N SER E 299 -19.52 9.48 -43.16
CA SER E 299 -19.56 10.77 -42.45
C SER E 299 -19.60 10.60 -40.92
N THR E 301 -20.64 13.29 -37.39
CA THR E 301 -21.24 14.57 -37.06
C THR E 301 -21.02 14.91 -35.58
N LEU E 302 -20.57 16.15 -35.33
CA LEU E 302 -20.35 16.68 -33.99
C LEU E 302 -21.48 17.60 -33.59
N LEU E 303 -22.03 17.40 -32.41
CA LEU E 303 -23.07 18.26 -31.84
C LEU E 303 -22.47 19.10 -30.70
N ARG E 304 -22.88 20.37 -30.64
CA ARG E 304 -22.51 21.35 -29.64
C ARG E 304 -23.76 22.07 -29.21
N ASN E 305 -24.14 21.95 -27.93
CA ASN E 305 -25.37 22.56 -27.41
C ASN E 305 -25.00 23.91 -26.78
N ILE E 306 -25.60 24.99 -27.28
CA ILE E 306 -25.32 26.37 -26.89
C ILE E 306 -26.59 27.04 -26.32
N ASN E 307 -26.46 27.65 -25.14
CA ASN E 307 -27.50 28.40 -24.44
C ASN E 307 -27.36 29.86 -24.81
N THR E 308 -28.07 30.30 -25.89
CA THR E 308 -28.01 31.65 -26.49
C THR E 308 -28.36 32.79 -25.48
N GLN E 309 -28.99 32.46 -24.31
CA GLN E 309 -29.32 33.45 -23.27
C GLN E 309 -28.03 33.97 -22.59
N ILE E 310 -26.97 33.12 -22.58
CA ILE E 310 -25.64 33.43 -22.04
C ILE E 310 -24.81 34.03 -23.21
N PRO E 311 -24.46 35.34 -23.18
CA PRO E 311 -23.72 35.92 -24.32
C PRO E 311 -22.27 35.42 -24.48
N ASP E 312 -21.56 35.00 -23.38
CA ASP E 312 -20.16 34.54 -23.44
C ASP E 312 -20.03 33.24 -24.28
N GLU E 313 -19.08 33.21 -25.26
CA GLU E 313 -18.89 32.09 -26.20
C GLU E 313 -18.44 30.78 -25.49
N ASP E 314 -17.95 30.85 -24.26
CA ASP E 314 -17.50 29.66 -23.54
C ASP E 314 -18.47 29.23 -22.45
N GLN E 315 -19.09 30.19 -21.77
CA GLN E 315 -20.01 29.94 -20.67
C GLN E 315 -21.35 29.37 -21.19
N GLN E 316 -21.74 29.71 -22.43
CA GLN E 316 -22.98 29.28 -23.06
C GLN E 316 -22.98 27.78 -23.44
N ILE E 317 -21.79 27.16 -23.59
CA ILE E 317 -21.71 25.77 -23.99
C ILE E 317 -22.16 24.86 -22.83
N GLU E 318 -23.10 23.96 -23.15
CA GLU E 318 -23.65 22.96 -22.25
C GLU E 318 -22.99 21.62 -22.56
N TRP E 319 -21.94 21.30 -21.79
CA TRP E 319 -21.16 20.07 -21.96
C TRP E 319 -21.82 18.85 -21.28
N SER F 21 -19.44 -21.85 -5.57
CA SER F 21 -19.22 -20.42 -5.81
C SER F 21 -18.36 -20.17 -7.07
N GLY F 22 -18.47 -18.97 -7.64
CA GLY F 22 -17.72 -18.54 -8.83
C GLY F 22 -16.26 -18.24 -8.54
N SER F 23 -15.62 -17.41 -9.40
CA SER F 23 -14.22 -17.03 -9.23
C SER F 23 -14.01 -16.03 -8.07
N ASP F 24 -15.09 -15.30 -7.66
CA ASP F 24 -15.06 -14.25 -6.63
C ASP F 24 -15.57 -14.71 -5.24
N GLY F 25 -16.18 -15.88 -5.16
CA GLY F 25 -16.72 -16.40 -3.91
C GLY F 25 -18.21 -16.13 -3.78
N VAL F 26 -18.81 -15.57 -4.83
CA VAL F 26 -20.24 -15.32 -4.90
C VAL F 26 -20.96 -16.56 -5.44
N THR F 27 -21.95 -17.07 -4.67
CA THR F 27 -22.76 -18.25 -5.00
C THR F 27 -24.12 -17.82 -5.56
N THR F 28 -24.45 -18.26 -6.78
CA THR F 28 -25.72 -17.93 -7.43
C THR F 28 -26.80 -18.91 -6.95
N ILE F 29 -27.92 -18.35 -6.49
CA ILE F 29 -29.07 -19.13 -6.05
C ILE F 29 -30.25 -18.71 -6.96
N TYR F 30 -31.04 -19.70 -7.40
CA TYR F 30 -32.18 -19.44 -8.27
C TYR F 30 -33.47 -19.62 -7.50
N VAL F 31 -34.25 -18.54 -7.37
CA VAL F 31 -35.51 -18.55 -6.62
C VAL F 31 -36.67 -18.26 -7.60
N ARG F 32 -37.74 -19.07 -7.55
CA ARG F 32 -38.90 -18.96 -8.45
C ARG F 32 -39.83 -17.82 -8.06
N TYR F 33 -40.26 -17.01 -9.05
CA TYR F 33 -41.22 -15.93 -8.81
C TYR F 33 -42.63 -16.49 -8.97
N LYS F 34 -43.41 -16.57 -7.86
CA LYS F 34 -44.75 -17.16 -7.80
C LYS F 34 -45.87 -16.12 -7.46
N ASP F 35 -46.83 -16.53 -6.61
CA ASP F 35 -47.97 -15.73 -6.16
C ASP F 35 -47.48 -14.55 -5.30
N ASN F 36 -47.51 -13.34 -5.91
CA ASN F 36 -47.10 -12.03 -5.36
C ASN F 36 -45.61 -12.06 -5.01
N GLY F 37 -44.85 -12.92 -5.70
CA GLY F 37 -43.40 -13.07 -5.55
C GLY F 37 -42.86 -13.46 -4.19
N LYS F 38 -43.64 -14.21 -3.40
CA LYS F 38 -43.22 -14.70 -2.09
C LYS F 38 -42.67 -16.11 -2.28
N VAL F 39 -41.37 -16.28 -2.04
CA VAL F 39 -40.69 -17.56 -2.19
C VAL F 39 -39.67 -17.72 -1.02
N THR F 40 -39.47 -18.97 -0.59
CA THR F 40 -38.55 -19.33 0.47
C THR F 40 -37.39 -20.14 -0.08
N TYR F 41 -36.15 -19.71 0.24
CA TYR F 41 -34.93 -20.43 -0.14
C TYR F 41 -34.39 -21.11 1.09
N GLN F 42 -34.06 -22.40 0.99
CA GLN F 42 -33.55 -23.15 2.13
C GLN F 42 -32.05 -23.37 2.00
N LEU F 43 -31.29 -22.59 2.78
CA LEU F 43 -29.84 -22.64 2.81
C LEU F 43 -29.37 -23.54 3.96
N PRO F 44 -28.72 -24.68 3.61
CA PRO F 44 -28.20 -25.59 4.66
C PRO F 44 -27.05 -24.99 5.46
N ILE F 45 -26.95 -25.39 6.74
CA ILE F 45 -25.89 -24.97 7.65
C ILE F 45 -25.20 -26.20 8.21
N ILE F 61 -26.97 -15.97 12.90
CA ILE F 61 -26.72 -15.49 11.55
C ILE F 61 -27.02 -13.98 11.47
N ALA F 62 -26.22 -13.25 10.69
CA ALA F 62 -26.34 -11.80 10.48
C ALA F 62 -25.92 -11.41 9.08
N VAL F 63 -26.44 -10.27 8.60
CA VAL F 63 -26.09 -9.74 7.28
C VAL F 63 -24.71 -9.04 7.40
N ASP F 64 -23.72 -9.50 6.60
CA ASP F 64 -22.34 -9.04 6.62
C ASP F 64 -22.08 -8.06 5.45
N LYS F 65 -22.51 -6.80 5.65
CA LYS F 65 -22.40 -5.71 4.67
C LYS F 65 -20.94 -5.51 4.24
N ASP F 66 -19.98 -5.58 5.19
CA ASP F 66 -18.54 -5.35 5.00
C ASP F 66 -17.86 -6.37 4.06
N THR F 67 -18.17 -7.69 4.14
CA THR F 67 -17.52 -8.69 3.27
C THR F 67 -17.88 -8.42 1.79
N LEU F 68 -19.14 -8.02 1.52
CA LEU F 68 -19.62 -7.67 0.19
C LEU F 68 -18.90 -6.41 -0.34
N LYS F 69 -18.71 -5.36 0.50
CA LYS F 69 -17.99 -4.13 0.13
C LYS F 69 -16.54 -4.44 -0.22
N THR F 70 -15.88 -5.31 0.56
CA THR F 70 -14.49 -5.73 0.34
C THR F 70 -14.39 -6.46 -1.00
N LEU F 71 -15.35 -7.37 -1.32
CA LEU F 71 -15.37 -8.10 -2.61
C LEU F 71 -15.51 -7.14 -3.80
N ASN F 72 -16.51 -6.24 -3.78
CA ASN F 72 -16.73 -5.23 -4.80
C ASN F 72 -15.45 -4.38 -5.03
N ILE F 73 -14.81 -3.87 -3.97
CA ILE F 73 -13.59 -3.08 -4.06
C ILE F 73 -12.40 -3.91 -4.60
N GLU F 74 -12.27 -5.19 -4.19
CA GLU F 74 -11.17 -6.08 -4.60
C GLU F 74 -11.33 -6.51 -6.06
N ARG F 75 -12.56 -6.89 -6.50
CA ARG F 75 -12.75 -7.39 -7.85
C ARG F 75 -13.01 -6.24 -8.86
N PHE F 76 -14.03 -5.38 -8.64
CA PHE F 76 -14.38 -4.33 -9.59
C PHE F 76 -13.65 -2.97 -9.35
N SER F 77 -13.10 -2.71 -8.13
CA SER F 77 -12.43 -1.46 -7.70
C SER F 77 -13.45 -0.33 -7.49
N LEU F 78 -13.03 0.76 -6.85
CA LEU F 78 -13.92 1.90 -6.58
C LEU F 78 -14.29 2.67 -7.85
N TYR F 79 -13.59 2.41 -8.95
CA TYR F 79 -13.68 3.14 -10.20
C TYR F 79 -14.65 2.47 -11.20
N ARG F 80 -15.21 1.29 -10.85
CA ARG F 80 -16.22 0.63 -11.69
C ARG F 80 -17.48 0.28 -10.85
N PRO F 81 -18.20 1.30 -10.28
CA PRO F 81 -19.37 0.99 -9.43
C PRO F 81 -20.56 0.40 -10.18
N GLU F 82 -20.61 0.53 -11.51
CA GLU F 82 -21.69 -0.01 -12.33
C GLU F 82 -21.65 -1.56 -12.34
N LEU F 83 -20.47 -2.13 -12.01
CA LEU F 83 -20.25 -3.57 -11.98
C LEU F 83 -20.46 -4.19 -10.60
N TRP F 84 -20.62 -3.34 -9.58
CA TRP F 84 -20.76 -3.72 -8.18
C TRP F 84 -22.05 -4.46 -7.86
N TYR F 85 -21.93 -5.39 -6.90
CA TYR F 85 -23.05 -6.10 -6.32
C TYR F 85 -23.74 -5.15 -5.35
N THR F 86 -25.07 -5.23 -5.22
CA THR F 86 -25.82 -4.31 -4.36
C THR F 86 -26.45 -5.16 -3.24
N GLU F 87 -26.22 -4.73 -1.97
CA GLU F 87 -26.69 -5.41 -0.77
C GLU F 87 -28.23 -5.38 -0.68
N GLU F 89 -32.10 -5.35 -0.33
CA GLU F 89 -32.95 -4.45 0.46
C GLU F 89 -33.60 -5.21 1.62
N GLU F 90 -33.58 -4.64 2.87
CA GLU F 90 -34.13 -5.27 4.09
C GLU F 90 -35.63 -5.65 3.97
N ASP F 91 -36.39 -4.89 3.17
CA ASP F 91 -37.83 -5.10 2.94
C ASP F 91 -38.11 -6.31 2.02
N LYS F 92 -37.09 -6.82 1.29
CA LYS F 92 -37.24 -7.93 0.34
C LYS F 92 -36.85 -9.32 0.94
N TYR F 93 -36.33 -9.39 2.18
CA TYR F 93 -35.96 -10.67 2.78
C TYR F 93 -36.15 -10.68 4.30
N GLU F 94 -36.27 -11.90 4.86
CA GLU F 94 -36.33 -12.23 6.30
C GLU F 94 -35.75 -13.63 6.51
N PHE F 95 -34.93 -13.80 7.56
CA PHE F 95 -34.35 -15.08 7.94
C PHE F 95 -34.16 -15.12 9.46
N PRO F 96 -34.37 -16.28 10.14
CA PRO F 96 -34.23 -16.31 11.60
C PRO F 96 -32.78 -16.05 12.04
N LEU F 110 -31.51 -22.92 7.09
CA LEU F 110 -31.89 -21.52 7.25
C LEU F 110 -32.95 -21.17 6.21
N ASN F 111 -34.18 -20.89 6.69
CA ASN F 111 -35.28 -20.53 5.80
C ASN F 111 -35.22 -19.04 5.52
N ILE F 112 -34.79 -18.69 4.29
CA ILE F 112 -34.71 -17.30 3.83
C ILE F 112 -36.00 -17.02 3.06
N ASP F 113 -36.88 -16.22 3.66
CA ASP F 113 -38.16 -15.87 3.06
C ASP F 113 -38.01 -14.58 2.26
N PHE F 114 -38.16 -14.66 0.92
CA PHE F 114 -38.04 -13.51 0.03
C PHE F 114 -39.39 -12.99 -0.43
N ASN F 115 -39.54 -11.67 -0.45
CA ASN F 115 -40.67 -10.94 -0.99
C ASN F 115 -40.14 -10.17 -2.18
N LEU F 116 -40.20 -10.81 -3.35
CA LEU F 116 -39.63 -10.29 -4.60
C LEU F 116 -40.57 -9.33 -5.33
N GLN F 117 -41.80 -9.08 -4.83
CA GLN F 117 -42.73 -8.20 -5.54
C GLN F 117 -42.08 -6.82 -5.79
N ASP F 118 -42.07 -6.41 -7.09
CA ASP F 118 -41.58 -5.15 -7.65
C ASP F 118 -40.05 -5.01 -7.47
N ILE F 119 -39.29 -6.14 -7.46
CA ILE F 119 -37.83 -6.11 -7.31
C ILE F 119 -37.21 -5.64 -8.64
N ASP F 120 -36.21 -4.75 -8.55
CA ASP F 120 -35.54 -4.20 -9.73
C ASP F 120 -34.28 -5.00 -10.02
N LEU F 122 -32.08 -4.52 -12.26
CA LEU F 122 -31.01 -3.66 -12.78
C LEU F 122 -29.78 -3.89 -11.94
N GLU F 123 -30.04 -4.19 -10.63
CA GLU F 123 -29.08 -4.47 -9.56
C GLU F 123 -28.76 -5.96 -9.43
N LYS F 124 -27.50 -6.27 -9.16
CA LYS F 124 -27.04 -7.64 -8.89
C LYS F 124 -27.14 -7.83 -7.41
N TRP F 125 -28.27 -8.38 -6.96
CA TRP F 125 -28.53 -8.53 -5.53
C TRP F 125 -27.69 -9.66 -4.92
N VAL F 126 -27.04 -9.33 -3.80
CA VAL F 126 -26.24 -10.27 -3.03
C VAL F 126 -26.63 -10.12 -1.58
N LEU F 127 -27.04 -11.25 -0.98
CA LEU F 127 -27.36 -11.36 0.42
C LEU F 127 -26.11 -11.90 1.10
N PRO F 128 -25.28 -11.01 1.73
CA PRO F 128 -24.06 -11.48 2.42
C PRO F 128 -24.38 -11.95 3.83
N LEU F 129 -24.17 -13.25 4.08
CA LEU F 129 -24.48 -13.85 5.38
C LEU F 129 -23.22 -14.28 6.10
N THR F 130 -23.24 -14.23 7.44
CA THR F 130 -22.11 -14.66 8.28
C THR F 130 -22.65 -15.29 9.55
N ILE F 131 -21.88 -16.24 10.11
CA ILE F 131 -22.18 -16.87 11.40
C ILE F 131 -21.45 -16.05 12.44
N VAL F 132 -22.18 -15.30 13.28
CA VAL F 132 -21.57 -14.43 14.29
C VAL F 132 -21.32 -15.21 15.58
N LYS F 149 -18.82 -17.59 6.09
CA LYS F 149 -19.52 -16.60 5.25
C LYS F 149 -20.27 -17.25 4.07
N ALA F 150 -21.38 -16.59 3.63
CA ALA F 150 -22.23 -17.00 2.50
C ALA F 150 -22.59 -15.79 1.63
N LEU F 151 -22.08 -15.77 0.39
CA LEU F 151 -22.32 -14.65 -0.54
C LEU F 151 -23.35 -15.08 -1.56
N LEU F 152 -24.64 -14.83 -1.25
CA LEU F 152 -25.74 -15.32 -2.08
C LEU F 152 -26.24 -14.29 -3.11
N LYS F 153 -25.90 -14.50 -4.39
CA LYS F 153 -26.40 -13.73 -5.55
C LYS F 153 -27.81 -14.26 -5.88
N VAL F 154 -28.84 -13.56 -5.37
CA VAL F 154 -30.24 -13.95 -5.50
C VAL F 154 -30.71 -13.62 -6.94
N VAL F 155 -30.98 -14.67 -7.69
CA VAL F 155 -31.43 -14.55 -9.07
C VAL F 155 -32.86 -15.09 -9.19
N PRO F 156 -33.87 -14.20 -9.19
CA PRO F 156 -35.24 -14.69 -9.40
C PRO F 156 -35.41 -15.19 -10.83
N PHE F 157 -36.30 -16.17 -11.02
CA PHE F 157 -36.59 -16.72 -12.34
C PHE F 157 -38.06 -17.07 -12.47
N ASN F 158 -38.56 -17.06 -13.72
CA ASN F 158 -39.90 -17.49 -14.10
C ASN F 158 -39.71 -18.44 -15.29
N ASN F 159 -40.79 -18.84 -15.96
CA ASN F 159 -40.71 -19.77 -17.08
C ASN F 159 -40.17 -19.10 -18.36
N TYR F 160 -39.92 -17.75 -18.32
CA TYR F 160 -39.47 -16.96 -19.48
C TYR F 160 -38.17 -16.15 -19.22
N SER F 161 -37.54 -16.34 -18.07
CA SER F 161 -36.32 -15.60 -17.73
C SER F 161 -35.09 -16.48 -17.88
N GLY F 162 -33.93 -15.84 -18.07
CA GLY F 162 -32.64 -16.50 -18.21
C GLY F 162 -31.84 -15.90 -19.34
N SER F 163 -30.88 -16.66 -19.87
CA SER F 163 -30.02 -16.24 -20.98
C SER F 163 -30.60 -16.80 -22.32
N TYR F 164 -31.20 -15.89 -23.14
CA TYR F 164 -31.77 -16.18 -24.49
C TYR F 164 -30.69 -16.17 -25.52
N THR F 165 -30.65 -17.15 -26.46
CA THR F 165 -29.71 -17.18 -27.59
C THR F 165 -30.15 -16.08 -28.54
N ALA F 166 -29.29 -15.13 -28.88
CA ALA F 166 -29.70 -13.98 -29.68
C ALA F 166 -29.01 -13.90 -31.03
N SER F 167 -28.53 -15.06 -31.56
CA SER F 167 -27.80 -15.15 -32.84
C SER F 167 -28.70 -14.79 -34.05
N SER F 168 -30.05 -14.93 -33.91
CA SER F 168 -30.99 -14.63 -34.98
C SER F 168 -31.64 -13.23 -34.80
N LYS F 170 -31.01 -9.60 -35.57
CA LYS F 170 -30.30 -8.62 -36.42
C LYS F 170 -30.61 -7.18 -35.94
N VAL F 171 -29.58 -6.37 -35.67
CA VAL F 171 -29.75 -4.99 -35.19
C VAL F 171 -29.14 -4.07 -36.29
N TYR F 172 -29.99 -3.34 -37.01
CA TYR F 172 -29.61 -2.47 -38.12
C TYR F 172 -29.51 -1.01 -37.70
N THR F 173 -28.43 -0.34 -38.09
CA THR F 173 -28.23 1.08 -37.78
C THR F 173 -28.90 1.93 -38.85
N TYR F 174 -29.67 2.96 -38.43
CA TYR F 174 -30.30 3.90 -39.36
C TYR F 174 -29.24 4.83 -39.93
N ILE F 175 -29.04 4.73 -41.25
CA ILE F 175 -28.11 5.58 -41.98
C ILE F 175 -28.93 6.27 -43.05
N ASN F 176 -28.99 7.63 -42.97
CA ASN F 176 -29.74 8.51 -43.89
C ASN F 176 -31.25 8.14 -43.89
N GLY F 177 -31.81 8.04 -42.69
CA GLY F 177 -33.22 7.77 -42.49
C GLY F 177 -33.74 6.36 -42.73
N LYS F 178 -32.92 5.49 -43.31
CA LYS F 178 -33.32 4.11 -43.58
C LYS F 178 -32.36 3.12 -42.89
N PRO F 179 -32.86 1.97 -42.38
CA PRO F 179 -31.94 1.00 -41.76
C PRO F 179 -30.93 0.48 -42.77
N ASP F 180 -29.65 0.38 -42.34
CA ASP F 180 -28.56 -0.09 -43.18
C ASP F 180 -28.73 -1.57 -43.49
N THR F 181 -28.05 -2.05 -44.56
CA THR F 181 -28.04 -3.44 -45.04
C THR F 181 -27.25 -4.31 -44.05
N ASN F 182 -26.12 -3.75 -43.53
CA ASN F 182 -25.25 -4.39 -42.54
C ASN F 182 -25.95 -4.46 -41.20
N ALA F 183 -25.96 -5.65 -40.62
CA ALA F 183 -26.54 -5.92 -39.31
C ALA F 183 -25.45 -6.39 -38.34
N ARG F 184 -25.65 -6.00 -37.07
CA ARG F 184 -24.84 -6.38 -35.92
C ARG F 184 -25.61 -7.38 -35.09
N THR F 185 -24.92 -8.43 -34.62
CA THR F 185 -25.52 -9.46 -33.76
C THR F 185 -24.60 -9.77 -32.60
N THR F 186 -25.17 -10.41 -31.56
CA THR F 186 -24.45 -10.91 -30.39
C THR F 186 -24.92 -12.35 -30.19
N ASP F 187 -24.24 -13.11 -29.32
CA ASP F 187 -24.57 -14.52 -29.11
C ASP F 187 -25.73 -14.71 -28.11
N LYS F 188 -25.91 -13.78 -27.11
CA LYS F 188 -26.94 -13.92 -26.09
C LYS F 188 -27.35 -12.57 -25.48
N ARG F 189 -28.62 -12.54 -24.97
CA ARG F 189 -29.28 -11.47 -24.18
C ARG F 189 -29.93 -12.11 -22.94
N THR F 190 -29.92 -11.39 -21.83
CA THR F 190 -30.52 -11.82 -20.57
C THR F 190 -31.86 -11.13 -20.42
N GLY F 191 -32.87 -11.95 -20.16
CA GLY F 191 -34.24 -11.55 -19.87
C GLY F 191 -34.35 -11.64 -18.37
N TYR F 192 -34.61 -10.50 -17.72
CA TYR F 192 -34.69 -10.38 -16.26
C TYR F 192 -36.13 -10.41 -15.77
N VAL F 193 -36.40 -11.00 -14.59
CA VAL F 193 -37.75 -11.13 -14.03
C VAL F 193 -38.29 -9.75 -13.63
N VAL F 194 -39.58 -9.54 -13.92
CA VAL F 194 -40.37 -8.40 -13.50
C VAL F 194 -41.43 -8.96 -12.52
N ASP F 195 -42.22 -9.98 -12.98
CA ASP F 195 -43.21 -10.68 -12.17
C ASP F 195 -43.26 -12.16 -12.66
N ASN F 196 -44.37 -12.88 -12.43
CA ASN F 196 -44.48 -14.31 -12.74
C ASN F 196 -44.55 -14.60 -14.26
N ASN F 197 -45.10 -13.68 -15.08
CA ASN F 197 -45.21 -13.92 -16.53
C ASN F 197 -44.68 -12.70 -17.35
N SER F 198 -43.88 -11.82 -16.72
CA SER F 198 -43.28 -10.66 -17.39
C SER F 198 -41.81 -10.58 -17.09
N ILE F 199 -41.06 -10.17 -18.08
CA ILE F 199 -39.61 -10.03 -18.01
C ILE F 199 -39.22 -8.70 -18.60
N PHE F 200 -37.90 -8.42 -18.65
CA PHE F 200 -37.40 -7.22 -19.29
C PHE F 200 -36.04 -7.54 -19.93
N PHE F 201 -35.77 -6.86 -21.03
CA PHE F 201 -34.51 -6.89 -21.76
C PHE F 201 -33.96 -5.51 -21.90
N TYR F 202 -32.68 -5.39 -22.24
CA TYR F 202 -32.15 -4.09 -22.59
C TYR F 202 -32.17 -4.02 -24.12
N ALA F 203 -32.76 -2.95 -24.64
CA ALA F 203 -32.98 -2.72 -26.06
C ALA F 203 -31.71 -2.96 -26.88
N GLY F 204 -31.89 -3.58 -28.06
CA GLY F 204 -30.84 -3.88 -29.02
C GLY F 204 -29.64 -4.57 -28.42
N LEU F 205 -28.46 -3.93 -28.58
CA LEU F 205 -27.17 -4.42 -28.11
C LEU F 205 -26.58 -3.53 -27.00
N ILE F 206 -27.46 -2.77 -26.30
CA ILE F 206 -27.09 -1.93 -25.16
C ILE F 206 -26.36 -2.80 -24.15
N ASN F 207 -25.18 -2.32 -23.69
CA ASN F 207 -24.34 -3.04 -22.74
C ASN F 207 -25.09 -3.24 -21.41
N GLU F 208 -25.29 -4.50 -21.03
CA GLU F 208 -26.00 -4.90 -19.81
C GLU F 208 -25.22 -4.53 -18.52
N ASP F 209 -23.92 -4.09 -18.65
CA ASP F 209 -23.02 -3.66 -17.57
C ASP F 209 -22.67 -2.16 -17.65
N ASP F 211 -23.39 2.09 -17.20
CA ASP F 211 -23.81 2.97 -16.09
C ASP F 211 -25.29 2.70 -15.81
N LYS F 212 -25.61 2.29 -14.58
CA LYS F 212 -26.95 1.88 -14.12
C LYS F 212 -28.01 2.97 -14.35
N ASP F 213 -27.69 4.26 -14.11
CA ASP F 213 -28.64 5.37 -14.27
C ASP F 213 -29.06 5.54 -15.72
N ARG F 215 -28.43 2.80 -18.22
CA ARG F 215 -28.90 1.52 -18.78
C ARG F 215 -30.36 1.23 -18.39
N LYS F 216 -30.89 1.83 -17.30
CA LYS F 216 -32.26 1.56 -16.85
C LYS F 216 -33.28 2.08 -17.87
N LYS F 217 -32.88 3.12 -18.63
CA LYS F 217 -33.69 3.82 -19.63
C LYS F 217 -33.96 2.98 -20.87
N TYR F 218 -33.19 1.88 -21.08
CA TYR F 218 -33.33 0.99 -22.23
C TYR F 218 -34.04 -0.35 -21.87
N LYS F 219 -34.78 -0.41 -20.75
CA LYS F 219 -35.53 -1.60 -20.36
C LYS F 219 -36.78 -1.73 -21.20
N ILE F 220 -37.03 -2.95 -21.73
CA ILE F 220 -38.24 -3.28 -22.47
C ILE F 220 -38.98 -4.34 -21.68
N ASN F 221 -40.16 -3.99 -21.17
CA ASN F 221 -41.01 -4.93 -20.43
C ASN F 221 -41.74 -5.81 -21.42
N VAL F 222 -41.54 -7.14 -21.30
CA VAL F 222 -42.12 -8.15 -22.19
C VAL F 222 -43.09 -9.00 -21.39
N HIS F 223 -44.37 -8.94 -21.73
CA HIS F 223 -45.40 -9.71 -21.03
C HIS F 223 -45.94 -10.81 -21.97
N PHE F 224 -45.96 -12.07 -21.50
CA PHE F 224 -46.40 -13.22 -22.28
C PHE F 224 -47.94 -13.40 -22.15
N LYS F 225 -48.66 -13.06 -23.22
CA LYS F 225 -50.11 -13.13 -23.23
C LYS F 225 -50.57 -14.55 -23.49
N GLU F 226 -51.82 -14.87 -23.08
CA GLU F 226 -52.45 -16.18 -23.20
C GLU F 226 -52.61 -16.62 -24.68
N ASP F 227 -52.92 -15.68 -25.60
CA ASP F 227 -53.15 -15.96 -27.02
C ASP F 227 -51.83 -16.26 -27.79
N GLY F 228 -50.70 -16.30 -27.09
CA GLY F 228 -49.40 -16.58 -27.69
C GLY F 228 -48.71 -15.35 -28.26
N THR F 229 -49.24 -14.16 -27.95
CA THR F 229 -48.68 -12.88 -28.39
C THR F 229 -47.93 -12.26 -27.21
N LEU F 230 -47.20 -11.16 -27.47
CA LEU F 230 -46.42 -10.46 -26.45
C LEU F 230 -46.74 -8.98 -26.37
N ASP F 231 -46.74 -8.45 -25.14
CA ASP F 231 -46.79 -7.03 -24.87
C ASP F 231 -45.38 -6.55 -24.72
N LYS F 233 -43.40 -3.05 -24.23
CA LYS F 233 -43.46 -1.63 -23.95
C LYS F 233 -42.26 -1.26 -23.12
N GLN F 234 -41.73 -0.07 -23.37
CA GLN F 234 -40.59 0.44 -22.64
C GLN F 234 -41.01 0.70 -21.19
N ASP F 235 -40.06 0.53 -20.26
CA ASP F 235 -40.27 0.78 -18.83
C ASP F 235 -40.33 2.29 -18.56
N ASP F 236 -39.47 3.08 -19.25
CA ASP F 236 -39.38 4.54 -19.13
C ASP F 236 -40.73 5.19 -19.57
N PRO F 237 -41.47 5.79 -18.61
CA PRO F 237 -42.76 6.41 -18.97
C PRO F 237 -42.63 7.49 -20.05
N SER F 238 -41.54 8.30 -19.99
CA SER F 238 -41.27 9.40 -20.93
C SER F 238 -40.74 8.88 -22.28
N ASN F 239 -40.37 7.58 -22.35
CA ASN F 239 -39.91 6.87 -23.56
C ASN F 239 -38.84 7.71 -24.28
N GLU F 240 -37.75 8.01 -23.55
CA GLU F 240 -36.66 8.84 -24.07
C GLU F 240 -35.92 8.09 -25.18
N GLU F 242 -37.30 6.50 -27.46
CA GLU F 242 -38.23 6.54 -28.60
C GLU F 242 -38.51 5.11 -29.12
N PHE F 243 -38.82 4.19 -28.17
CA PHE F 243 -39.14 2.79 -28.48
C PHE F 243 -40.45 2.75 -29.27
N GLU F 244 -40.46 1.98 -30.36
CA GLU F 244 -41.64 1.84 -31.18
C GLU F 244 -41.70 0.42 -31.68
N LEU F 245 -42.68 -0.34 -31.16
CA LEU F 245 -42.93 -1.73 -31.53
C LEU F 245 -43.50 -1.78 -32.93
N ILE F 246 -42.99 -2.72 -33.75
CA ILE F 246 -43.41 -2.91 -35.13
C ILE F 246 -44.09 -4.29 -35.27
N GLY F 247 -45.36 -4.25 -35.66
CA GLY F 247 -46.21 -5.43 -35.82
C GLY F 247 -46.64 -5.99 -34.48
N THR F 248 -46.97 -7.29 -34.42
CA THR F 248 -47.34 -7.88 -33.15
C THR F 248 -46.37 -9.01 -32.83
N PRO F 249 -45.63 -8.88 -31.69
CA PRO F 249 -44.68 -9.93 -31.31
C PRO F 249 -45.37 -11.22 -30.88
N THR F 250 -44.79 -12.33 -31.30
CA THR F 250 -45.22 -13.70 -31.04
C THR F 250 -44.21 -14.43 -30.16
N TYR F 251 -44.64 -15.52 -29.53
CA TYR F 251 -43.76 -16.42 -28.81
C TYR F 251 -44.28 -17.83 -28.98
N SER F 252 -43.39 -18.82 -29.13
CA SER F 252 -43.75 -20.23 -29.26
C SER F 252 -42.97 -21.05 -28.26
N SER F 253 -43.65 -21.99 -27.60
CA SER F 253 -43.08 -22.85 -26.58
C SER F 253 -43.11 -24.30 -27.04
N THR F 254 -41.96 -24.99 -26.92
CA THR F 254 -41.73 -26.36 -27.39
C THR F 254 -40.89 -27.14 -26.35
N SER F 255 -41.10 -28.48 -26.30
CA SER F 255 -40.43 -29.42 -25.42
C SER F 255 -40.05 -30.70 -26.16
N VAL F 256 -38.72 -30.96 -26.22
CA VAL F 256 -38.15 -32.17 -26.84
C VAL F 256 -37.45 -32.98 -25.74
N ASP F 258 -34.38 -35.26 -24.67
CA ASP F 258 -33.02 -35.49 -25.15
C ASP F 258 -32.85 -36.97 -25.55
N ALA F 259 -32.04 -37.20 -26.59
CA ALA F 259 -31.75 -38.53 -27.13
C ALA F 259 -30.82 -39.33 -26.20
N THR F 260 -29.68 -38.69 -25.78
CA THR F 260 -28.60 -39.21 -24.89
C THR F 260 -29.22 -39.53 -23.52
N ARG F 261 -29.74 -38.51 -22.78
CA ARG F 261 -30.41 -38.72 -21.49
CA ARG F 261 -30.41 -38.70 -21.50
C ARG F 261 -31.94 -38.78 -21.71
N PRO F 262 -32.55 -40.01 -21.62
CA PRO F 262 -34.01 -40.14 -21.88
C PRO F 262 -34.96 -39.44 -20.89
N TYR F 263 -34.50 -39.01 -19.69
CA TYR F 263 -35.38 -38.35 -18.73
C TYR F 263 -35.21 -36.81 -18.77
N LEU F 264 -34.33 -36.28 -19.64
CA LEU F 264 -34.14 -34.83 -19.75
C LEU F 264 -35.05 -34.25 -20.89
N GLU F 265 -35.83 -33.22 -20.53
CA GLU F 265 -36.71 -32.45 -21.41
C GLU F 265 -35.98 -31.16 -21.78
N ARG F 266 -36.10 -30.74 -23.03
CA ARG F 266 -35.47 -29.48 -23.44
C ARG F 266 -36.59 -28.53 -23.81
N ARG F 267 -36.89 -27.59 -22.89
CA ARG F 267 -37.98 -26.64 -23.04
C ARG F 267 -37.45 -25.35 -23.66
N TYR F 268 -37.95 -25.07 -24.86
CA TYR F 268 -37.61 -23.91 -25.67
C TYR F 268 -38.76 -22.93 -25.75
N VAL F 269 -38.44 -21.64 -25.50
CA VAL F 269 -39.36 -20.51 -25.60
C VAL F 269 -38.71 -19.54 -26.59
N GLN F 270 -39.27 -19.48 -27.81
CA GLN F 270 -38.80 -18.61 -28.88
C GLN F 270 -39.66 -17.37 -28.92
N ILE F 271 -39.04 -16.19 -28.85
CA ILE F 271 -39.77 -14.93 -28.95
C ILE F 271 -39.41 -14.27 -30.30
N PHE F 273 -39.98 -10.75 -32.55
CA PHE F 273 -40.28 -9.32 -32.39
C PHE F 273 -39.54 -8.44 -33.39
N GLU F 274 -39.98 -7.19 -33.51
CA GLU F 274 -39.39 -6.15 -34.35
C GLU F 274 -39.73 -4.78 -33.74
N TYR F 275 -38.70 -3.94 -33.52
CA TYR F 275 -38.88 -2.61 -32.93
C TYR F 275 -37.77 -1.64 -33.31
N ASP F 276 -38.02 -0.35 -33.07
CA ASP F 276 -37.09 0.76 -33.23
C ASP F 276 -36.83 1.39 -31.91
N PHE F 277 -35.59 1.84 -31.69
CA PHE F 277 -35.20 2.58 -30.49
C PHE F 277 -33.98 3.42 -30.81
N GLN F 278 -33.60 4.31 -29.88
CA GLN F 278 -32.45 5.18 -30.03
C GLN F 278 -31.54 5.10 -28.87
N ASP F 279 -30.22 5.06 -29.15
CA ASP F 279 -29.15 5.13 -28.15
C ASP F 279 -28.80 6.60 -28.05
N PHE F 280 -29.11 7.21 -26.92
CA PHE F 280 -28.89 8.65 -26.68
C PHE F 280 -27.93 8.86 -25.50
N THR F 281 -27.22 7.81 -25.08
CA THR F 281 -26.32 7.81 -23.92
C THR F 281 -24.91 7.27 -24.22
N TYR F 282 -24.58 6.99 -25.49
CA TYR F 282 -23.30 6.40 -25.89
C TYR F 282 -22.08 7.36 -25.69
N GLY F 283 -22.34 8.65 -25.49
CA GLY F 283 -21.28 9.65 -25.33
C GLY F 283 -20.71 9.73 -23.94
N GLY F 284 -21.31 9.00 -23.03
CA GLY F 284 -20.97 8.99 -21.62
C GLY F 284 -22.08 9.72 -20.92
N SER F 285 -21.89 10.11 -19.66
CA SER F 285 -22.98 10.82 -18.98
C SER F 285 -22.89 12.33 -19.29
N GLY F 286 -23.94 13.07 -18.90
CA GLY F 286 -24.05 14.52 -19.06
C GLY F 286 -24.24 15.02 -20.47
N THR F 287 -23.30 14.65 -21.34
CA THR F 287 -23.14 15.00 -22.76
C THR F 287 -24.40 14.69 -23.58
N GLU F 288 -24.98 15.73 -24.24
CA GLU F 288 -26.11 15.51 -25.12
C GLU F 288 -25.55 15.22 -26.52
N VAL F 289 -25.90 14.04 -27.05
CA VAL F 289 -25.41 13.51 -28.32
C VAL F 289 -26.55 13.31 -29.33
N ILE F 290 -26.18 13.15 -30.60
CA ILE F 290 -27.11 12.82 -31.69
C ILE F 290 -27.55 11.37 -31.48
N PRO F 291 -28.84 11.08 -31.21
CA PRO F 291 -29.22 9.68 -30.98
C PRO F 291 -28.98 8.82 -32.23
N ILE F 292 -28.58 7.56 -32.02
CA ILE F 292 -28.34 6.56 -33.07
C ILE F 292 -29.57 5.66 -33.09
N LYS F 293 -30.38 5.79 -34.14
CA LYS F 293 -31.61 5.00 -34.23
C LYS F 293 -31.26 3.61 -34.74
N TYR F 294 -31.90 2.58 -34.16
CA TYR F 294 -31.69 1.20 -34.56
C TYR F 294 -32.98 0.48 -34.85
N ARG F 295 -32.94 -0.45 -35.83
CA ARG F 295 -34.01 -1.39 -36.14
C ARG F 295 -33.60 -2.75 -35.63
N VAL F 296 -34.33 -3.26 -34.64
CA VAL F 296 -34.06 -4.58 -34.04
C VAL F 296 -35.11 -5.53 -34.60
N ALA F 297 -34.67 -6.64 -35.23
CA ALA F 297 -35.61 -7.59 -35.86
C ALA F 297 -35.06 -8.99 -35.89
N GLY F 298 -35.91 -9.97 -35.57
CA GLY F 298 -35.58 -11.39 -35.59
C GLY F 298 -36.24 -12.16 -34.45
N SER F 299 -35.49 -13.12 -33.86
CA SER F 299 -35.94 -13.94 -32.74
C SER F 299 -34.80 -14.25 -31.74
N THR F 301 -34.20 -17.36 -28.43
CA THR F 301 -34.75 -18.60 -27.89
C THR F 301 -34.11 -18.94 -26.56
N LEU F 302 -34.96 -19.27 -25.59
CA LEU F 302 -34.52 -19.64 -24.25
C LEU F 302 -34.63 -21.15 -24.04
N LEU F 303 -33.54 -21.76 -23.55
CA LEU F 303 -33.49 -23.17 -23.24
C LEU F 303 -33.51 -23.35 -21.73
N ARG F 304 -34.27 -24.35 -21.28
CA ARG F 304 -34.43 -24.76 -19.89
C ARG F 304 -34.34 -26.27 -19.86
N ASN F 305 -33.32 -26.80 -19.18
CA ASN F 305 -33.07 -28.24 -19.08
C ASN F 305 -33.69 -28.75 -17.80
N ILE F 306 -34.63 -29.67 -17.93
CA ILE F 306 -35.45 -30.20 -16.84
C ILE F 306 -35.26 -31.71 -16.72
N ASN F 307 -34.87 -32.17 -15.51
CA ASN F 307 -34.73 -33.60 -15.23
C ASN F 307 -36.04 -34.07 -14.65
N THR F 308 -36.86 -34.70 -15.50
CA THR F 308 -38.22 -35.17 -15.20
C THR F 308 -38.25 -36.23 -14.06
N GLN F 309 -37.10 -36.85 -13.70
CA GLN F 309 -37.01 -37.84 -12.59
C GLN F 309 -37.27 -37.16 -11.23
N ILE F 310 -36.92 -35.85 -11.12
CA ILE F 310 -37.15 -35.00 -9.95
C ILE F 310 -38.59 -34.42 -10.07
N PRO F 311 -39.57 -34.81 -9.23
CA PRO F 311 -40.93 -34.28 -9.40
C PRO F 311 -41.06 -32.78 -9.03
N ASP F 312 -40.18 -32.25 -8.12
CA ASP F 312 -40.17 -30.86 -7.61
C ASP F 312 -39.87 -29.86 -8.75
N GLU F 313 -40.89 -29.07 -9.14
CA GLU F 313 -40.91 -28.07 -10.21
C GLU F 313 -39.67 -27.12 -10.20
N ASP F 314 -39.11 -26.83 -9.00
CA ASP F 314 -37.95 -25.95 -8.83
C ASP F 314 -36.59 -26.67 -8.77
N GLN F 315 -36.56 -27.92 -8.23
CA GLN F 315 -35.27 -28.63 -8.05
C GLN F 315 -34.88 -29.44 -9.29
N GLN F 316 -35.84 -29.78 -10.18
CA GLN F 316 -35.58 -30.54 -11.40
C GLN F 316 -34.74 -29.75 -12.43
N ILE F 317 -34.76 -28.41 -12.38
CA ILE F 317 -34.03 -27.54 -13.32
C ILE F 317 -32.53 -27.72 -13.13
N GLU F 318 -31.82 -27.99 -14.24
CA GLU F 318 -30.37 -28.13 -14.33
C GLU F 318 -29.79 -26.84 -14.87
N TRP F 319 -29.34 -25.99 -13.93
CA TRP F 319 -28.75 -24.68 -14.21
C TRP F 319 -27.25 -24.77 -14.59
#